data_3IAC
#
_entry.id   3IAC
#
_cell.length_a   225.535
_cell.length_b   225.535
_cell.length_c   82.745
_cell.angle_alpha   90.00
_cell.angle_beta   90.00
_cell.angle_gamma   90.00
#
_symmetry.space_group_name_H-M   'P 42 21 2'
#
loop_
_entity.id
_entity.type
_entity.pdbx_description
1 polymer 'Glucuronate isomerase'
2 non-polymer 'CHLORIDE ION'
3 water water
#
_entity_poly.entity_id   1
_entity_poly.type   'polypeptide(L)'
_entity_poly.pdbx_seq_one_letter_code
;SNA(MSE)ATF(MSE)TEDFLLKNDIARTLYHKYAAP(MSE)PIYDFHCHLSPQEIADDRRFDNLGQIWLEGDHYKWRAL
RSAGVDESLITGKETSDYEKY(MSE)AWANTVPKTLGNPLYHWTHLELRRPFGITGTLFGPDTAESIWTQCNEKLATPAF
SARGI(MSE)QQ(MSE)NVR(MSE)VGTTDDPIDSLEYHRQIAADDSIDIEVAPSWRPDKVFKIELDGFVDYLRKLEAAA
DVSITRFDDLRQALTRRLDHFAACGCRASDHGIETLRFAPVPDDAQLDAILGKRLAGETLSELEIAQFTTAVLVWLGRQY
AARGWV(MSE)QLHIGAIRNNNTR(MSE)FRLLGPDTGFDSIGDNNISWALSRLLDS(MSE)DVTNELPKTILYCLNPRD
NEVLAT(MSE)IGNFQGPGIAGKVQFGSGWWFNDQKDG(MSE)LRQLEQLSQ(MSE)GLLSQFVG(MSE)LTDSRSFLSY
TRHEYFRRILCNLLGQWAQDGEIPDDEA(MSE)LSR(MSE)VQDICFNNAQRYFTIK
;
_entity_poly.pdbx_strand_id   A,B,C
#
# COMPACT_ATOMS: atom_id res chain seq x y z
N ALA A 5 -1.43 -32.99 -11.06
CA ALA A 5 -1.66 -32.16 -9.83
C ALA A 5 -3.16 -32.16 -9.56
N THR A 6 -3.55 -32.27 -8.29
CA THR A 6 -4.98 -32.33 -7.97
C THR A 6 -5.50 -31.09 -7.25
N PHE A 7 -6.54 -30.52 -7.84
CA PHE A 7 -7.21 -29.33 -7.35
C PHE A 7 -8.06 -29.59 -6.08
N THR A 9 -7.73 -30.76 -2.60
CA THR A 9 -7.81 -32.01 -1.87
C THR A 9 -8.17 -31.62 -0.44
N GLU A 10 -8.19 -32.57 0.47
CA GLU A 10 -8.44 -32.23 1.87
C GLU A 10 -7.24 -31.45 2.48
N ASP A 11 -6.09 -31.42 1.79
CA ASP A 11 -4.92 -30.67 2.26
C ASP A 11 -4.78 -29.34 1.49
N PHE A 12 -5.90 -28.87 0.94
CA PHE A 12 -5.96 -27.60 0.20
C PHE A 12 -5.33 -26.47 1.02
N LEU A 13 -4.37 -25.79 0.40
CA LEU A 13 -3.65 -24.66 0.99
C LEU A 13 -2.70 -25.04 2.15
N LEU A 14 -2.59 -26.33 2.48
CA LEU A 14 -1.72 -26.79 3.57
C LEU A 14 -0.45 -27.33 2.92
N LYS A 15 0.61 -26.53 2.92
CA LYS A 15 1.86 -26.90 2.20
C LYS A 15 2.99 -27.53 3.00
N ASN A 16 2.76 -27.91 4.24
CA ASN A 16 3.79 -28.53 5.06
C ASN A 16 3.11 -29.42 6.09
N ASP A 17 3.84 -30.36 6.67
CA ASP A 17 3.29 -31.32 7.64
C ASP A 17 2.76 -30.73 8.93
N ILE A 18 3.40 -29.68 9.41
CA ILE A 18 2.96 -29.02 10.62
C ILE A 18 1.57 -28.40 10.37
N ALA A 19 1.43 -27.76 9.21
CA ALA A 19 0.15 -27.13 8.81
C ALA A 19 -0.96 -28.16 8.77
N ARG A 20 -0.65 -29.37 8.26
CA ARG A 20 -1.64 -30.45 8.18
C ARG A 20 -2.13 -30.90 9.55
N THR A 21 -1.20 -31.02 10.49
CA THR A 21 -1.56 -31.41 11.84
C THR A 21 -2.35 -30.32 12.53
N LEU A 22 -1.87 -29.08 12.45
CA LEU A 22 -2.59 -27.98 13.08
C LEU A 22 -4.01 -27.88 12.53
N TYR A 23 -4.15 -27.91 11.20
CA TYR A 23 -5.47 -27.79 10.60
C TYR A 23 -6.39 -28.97 10.92
N HIS A 24 -6.00 -30.18 10.51
CA HIS A 24 -6.86 -31.36 10.71
C HIS A 24 -7.10 -31.78 12.17
N LYS A 25 -6.10 -31.64 13.01
CA LYS A 25 -6.24 -32.07 14.39
C LYS A 25 -6.81 -31.03 15.33
N TYR A 26 -6.45 -29.75 15.12
CA TYR A 26 -6.89 -28.69 16.02
C TYR A 26 -7.84 -27.64 15.48
N ALA A 27 -7.63 -27.14 14.26
CA ALA A 27 -8.50 -26.09 13.73
C ALA A 27 -9.85 -26.57 13.22
N ALA A 28 -9.85 -27.57 12.33
CA ALA A 28 -11.08 -28.06 11.71
C ALA A 28 -12.21 -28.42 12.70
N PRO A 29 -11.90 -29.16 13.79
CA PRO A 29 -12.95 -29.51 14.74
C PRO A 29 -13.50 -28.34 15.60
N PRO A 31 -15.57 -25.18 16.91
CA PRO A 31 -16.84 -24.57 16.51
C PRO A 31 -16.60 -23.14 15.98
N ILE A 32 -17.63 -22.53 15.41
CA ILE A 32 -17.56 -21.18 14.85
C ILE A 32 -18.34 -20.15 15.65
N TYR A 33 -17.70 -19.00 15.94
CA TYR A 33 -18.31 -17.87 16.64
C TYR A 33 -18.35 -16.82 15.54
N ASP A 34 -19.40 -16.77 14.74
CA ASP A 34 -19.48 -15.80 13.64
C ASP A 34 -20.04 -14.50 14.17
N PHE A 35 -19.19 -13.78 14.88
CA PHE A 35 -19.60 -12.57 15.60
C PHE A 35 -20.07 -11.37 14.77
N HIS A 36 -19.95 -11.43 13.46
CA HIS A 36 -20.43 -10.36 12.61
C HIS A 36 -20.84 -10.90 11.27
N CYS A 37 -22.14 -10.79 10.97
CA CYS A 37 -22.67 -11.26 9.69
C CYS A 37 -23.88 -10.45 9.30
N HIS A 38 -24.44 -10.77 8.15
CA HIS A 38 -25.60 -10.07 7.61
C HIS A 38 -26.71 -11.03 7.28
N LEU A 39 -26.82 -12.10 8.05
CA LEU A 39 -27.87 -13.08 7.83
C LEU A 39 -29.20 -12.49 8.27
N SER A 40 -30.27 -12.89 7.58
CA SER A 40 -31.63 -12.47 7.89
C SER A 40 -32.10 -13.17 9.16
N PRO A 41 -32.39 -12.40 10.21
CA PRO A 41 -32.90 -13.04 11.42
C PRO A 41 -34.21 -13.79 11.14
N GLN A 42 -35.04 -13.23 10.28
CA GLN A 42 -36.30 -13.88 9.93
C GLN A 42 -36.04 -15.25 9.30
N GLU A 43 -35.02 -15.36 8.44
CA GLU A 43 -34.73 -16.65 7.82
C GLU A 43 -34.24 -17.68 8.85
N ILE A 44 -33.53 -17.19 9.87
CA ILE A 44 -33.07 -18.08 10.92
C ILE A 44 -34.27 -18.49 11.76
N ALA A 45 -35.11 -17.52 12.14
CA ALA A 45 -36.29 -17.82 12.99
C ALA A 45 -37.28 -18.75 12.30
N ASP A 46 -37.59 -18.49 11.05
CA ASP A 46 -38.53 -19.34 10.32
C ASP A 46 -37.85 -20.62 9.81
N ASP A 47 -36.53 -20.72 9.95
CA ASP A 47 -35.76 -21.87 9.49
C ASP A 47 -36.04 -22.08 8.00
N ARG A 48 -35.68 -21.08 7.20
CA ARG A 48 -35.95 -21.10 5.76
C ARG A 48 -35.42 -22.30 5.02
N ARG A 49 -36.31 -22.88 4.23
CA ARG A 49 -36.04 -24.02 3.37
C ARG A 49 -35.91 -23.37 1.97
N PHE A 50 -34.74 -23.46 1.34
CA PHE A 50 -34.57 -22.89 0.01
C PHE A 50 -35.13 -23.82 -1.06
N ASP A 51 -35.69 -23.24 -2.10
CA ASP A 51 -36.30 -24.03 -3.17
C ASP A 51 -35.26 -24.68 -4.07
N ASN A 52 -34.17 -23.97 -4.33
CA ASN A 52 -33.16 -24.50 -5.22
C ASN A 52 -31.82 -23.86 -4.97
N LEU A 53 -30.79 -24.41 -5.61
CA LEU A 53 -29.42 -23.96 -5.45
C LEU A 53 -29.20 -22.54 -5.94
N GLY A 54 -29.87 -22.17 -7.03
CA GLY A 54 -29.71 -20.80 -7.57
C GLY A 54 -30.14 -19.76 -6.54
N GLN A 55 -31.28 -20.01 -5.94
CA GLN A 55 -31.85 -19.13 -4.94
C GLN A 55 -30.90 -18.92 -3.75
N ILE A 56 -30.41 -20.02 -3.15
CA ILE A 56 -29.55 -19.90 -1.98
C ILE A 56 -28.14 -19.39 -2.26
N TRP A 57 -27.74 -19.47 -3.53
N TRP A 57 -27.69 -19.50 -3.49
CA TRP A 57 -26.39 -19.12 -3.96
CA TRP A 57 -26.36 -19.17 -3.90
C TRP A 57 -26.35 -17.73 -4.60
C TRP A 57 -26.18 -17.83 -4.53
N LEU A 58 -27.34 -17.42 -5.44
N LEU A 58 -27.11 -17.48 -5.40
CA LEU A 58 -27.39 -16.16 -6.20
CA LEU A 58 -26.89 -16.50 -6.41
C LEU A 58 -28.18 -14.96 -5.61
C LEU A 58 -26.67 -15.09 -5.95
N GLU A 59 -28.86 -15.09 -4.47
N GLU A 59 -27.57 -14.49 -5.19
CA GLU A 59 -29.52 -13.89 -3.88
CA GLU A 59 -27.19 -13.28 -4.44
C GLU A 59 -28.47 -12.86 -3.30
C GLU A 59 -25.76 -13.22 -3.81
N GLY A 60 -27.18 -13.24 -3.23
N GLY A 60 -25.41 -14.26 -3.09
CA GLY A 60 -26.02 -12.37 -2.71
CA GLY A 60 -24.21 -14.36 -2.32
C GLY A 60 -24.81 -13.30 -2.54
C GLY A 60 -24.00 -13.07 -1.58
N ASP A 61 -23.63 -12.89 -2.02
N ASP A 61 -22.85 -12.51 -1.77
CA ASP A 61 -23.24 -11.55 -1.50
CA ASP A 61 -22.61 -11.20 -1.26
C ASP A 61 -22.86 -10.46 -2.54
C ASP A 61 -22.28 -10.25 -2.39
N HIS A 62 -23.19 -10.67 -3.82
N HIS A 62 -22.94 -10.51 -3.53
CA HIS A 62 -22.91 -9.69 -4.88
CA HIS A 62 -22.83 -9.72 -4.75
C HIS A 62 -21.53 -9.88 -5.54
C HIS A 62 -21.52 -9.87 -5.49
N TYR A 63 -20.75 -10.84 -5.07
CA TYR A 63 -19.46 -11.09 -5.70
C TYR A 63 -19.75 -11.79 -7.02
N LYS A 64 -20.75 -12.68 -7.02
CA LYS A 64 -21.08 -13.37 -8.26
C LYS A 64 -21.58 -12.35 -9.29
N TRP A 65 -22.43 -11.43 -8.85
CA TRP A 65 -22.99 -10.41 -9.71
C TRP A 65 -21.90 -9.60 -10.40
N ARG A 66 -20.91 -9.17 -9.63
CA ARG A 66 -19.77 -8.44 -10.17
C ARG A 66 -19.01 -9.29 -11.19
N ALA A 67 -18.79 -10.56 -10.88
CA ALA A 67 -18.09 -11.45 -11.83
C ALA A 67 -18.91 -11.60 -13.12
N LEU A 68 -20.22 -11.81 -12.98
CA LEU A 68 -21.11 -11.95 -14.14
C LEU A 68 -21.07 -10.69 -15.01
N ARG A 69 -21.15 -9.52 -14.40
CA ARG A 69 -21.09 -8.27 -15.16
C ARG A 69 -19.77 -8.10 -15.90
N SER A 70 -18.68 -8.41 -15.21
CA SER A 70 -17.34 -8.35 -15.81
C SER A 70 -17.23 -9.27 -17.00
N ALA A 71 -17.92 -10.41 -16.95
CA ALA A 71 -17.88 -11.37 -18.08
C ALA A 71 -18.80 -10.97 -19.23
N GLY A 72 -19.52 -9.87 -19.11
CA GLY A 72 -20.40 -9.40 -20.15
C GLY A 72 -21.81 -9.99 -20.16
N VAL A 73 -22.21 -10.62 -19.06
CA VAL A 73 -23.56 -11.20 -18.97
C VAL A 73 -24.57 -10.08 -18.83
N ASP A 74 -25.71 -10.23 -19.50
CA ASP A 74 -26.75 -9.21 -19.42
C ASP A 74 -27.26 -9.13 -18.00
N GLU A 75 -27.56 -7.94 -17.51
CA GLU A 75 -28.09 -7.74 -16.15
C GLU A 75 -29.38 -8.51 -15.92
N SER A 76 -30.17 -8.74 -16.98
CA SER A 76 -31.41 -9.49 -16.84
C SER A 76 -31.15 -10.91 -16.28
N LEU A 77 -29.98 -11.47 -16.56
CA LEU A 77 -29.63 -12.83 -16.06
C LEU A 77 -28.88 -12.78 -14.72
N ILE A 78 -28.80 -11.58 -14.13
CA ILE A 78 -28.11 -11.38 -12.87
C ILE A 78 -29.11 -10.99 -11.76
N THR A 79 -29.80 -9.86 -11.92
CA THR A 79 -30.77 -9.36 -10.94
C THR A 79 -32.23 -9.24 -11.49
N GLY A 80 -32.44 -9.58 -12.75
CA GLY A 80 -33.77 -9.44 -13.36
C GLY A 80 -34.88 -10.27 -12.76
N LYS A 81 -36.01 -9.62 -12.51
CA LYS A 81 -37.21 -10.29 -11.96
C LYS A 81 -37.79 -11.24 -13.02
N GLU A 82 -37.41 -10.95 -14.25
CA GLU A 82 -37.84 -11.61 -15.46
C GLU A 82 -37.22 -12.97 -15.81
N THR A 83 -36.03 -13.27 -15.31
CA THR A 83 -35.38 -14.55 -15.63
C THR A 83 -35.55 -15.53 -14.47
N SER A 84 -35.60 -16.81 -14.79
CA SER A 84 -35.81 -17.82 -13.75
C SER A 84 -34.53 -18.15 -12.99
N ASP A 85 -34.71 -18.80 -11.83
CA ASP A 85 -33.58 -19.24 -11.01
C ASP A 85 -32.69 -20.16 -11.81
N TYR A 86 -33.27 -21.05 -12.61
CA TYR A 86 -32.41 -21.95 -13.39
C TYR A 86 -31.64 -21.18 -14.46
N GLU A 87 -32.27 -20.23 -15.15
N GLU A 87 -32.30 -20.22 -15.11
CA GLU A 87 -31.54 -19.47 -16.17
CA GLU A 87 -31.67 -19.39 -16.14
C GLU A 87 -30.41 -18.66 -15.53
C GLU A 87 -30.45 -18.68 -15.53
N LYS A 88 -30.65 -18.04 -14.37
CA LYS A 88 -29.58 -17.31 -13.67
C LYS A 88 -28.45 -18.26 -13.26
N TYR A 89 -28.82 -19.45 -12.75
CA TYR A 89 -27.85 -20.45 -12.35
C TYR A 89 -26.98 -20.90 -13.54
N ALA A 91 -26.28 -19.15 -16.18
CA ALA A 91 -25.42 -18.04 -16.57
C ALA A 91 -24.17 -18.10 -15.66
N TRP A 92 -24.39 -18.38 -14.39
CA TRP A 92 -23.31 -18.49 -13.43
C TRP A 92 -22.41 -19.72 -13.77
N ALA A 93 -23.04 -20.83 -14.15
CA ALA A 93 -22.31 -22.04 -14.55
C ALA A 93 -21.38 -21.77 -15.73
N ASN A 94 -21.84 -20.96 -16.68
CA ASN A 94 -21.07 -20.61 -17.86
C ASN A 94 -19.94 -19.63 -17.55
N THR A 95 -20.05 -18.95 -16.40
CA THR A 95 -19.09 -17.95 -16.02
C THR A 95 -18.00 -18.46 -15.08
N VAL A 96 -18.31 -19.45 -14.25
CA VAL A 96 -17.32 -19.96 -13.28
C VAL A 96 -15.99 -20.38 -13.91
N PRO A 97 -16.01 -20.98 -15.10
CA PRO A 97 -14.73 -21.35 -15.72
C PRO A 97 -13.83 -20.16 -16.11
N LYS A 98 -14.40 -18.95 -16.09
CA LYS A 98 -13.66 -17.73 -16.40
C LYS A 98 -13.11 -17.06 -15.13
N THR A 99 -13.34 -17.67 -13.96
CA THR A 99 -12.92 -17.07 -12.69
C THR A 99 -11.68 -17.64 -12.03
N LEU A 100 -10.86 -18.40 -12.75
CA LEU A 100 -9.62 -18.92 -12.16
C LEU A 100 -8.79 -17.76 -11.64
N GLY A 101 -8.28 -17.87 -10.42
CA GLY A 101 -7.47 -16.81 -9.81
C GLY A 101 -8.32 -15.99 -8.86
N ASN A 102 -9.63 -15.93 -9.12
CA ASN A 102 -10.56 -15.19 -8.27
C ASN A 102 -10.98 -16.12 -7.12
N PRO A 103 -11.16 -15.57 -5.89
CA PRO A 103 -11.59 -16.43 -4.79
C PRO A 103 -12.96 -17.10 -5.09
N LEU A 104 -13.73 -16.55 -6.04
CA LEU A 104 -15.01 -17.17 -6.42
C LEU A 104 -14.81 -18.63 -6.84
N TYR A 105 -13.68 -18.93 -7.45
CA TYR A 105 -13.42 -20.30 -7.89
C TYR A 105 -13.23 -21.19 -6.66
N HIS A 106 -12.59 -20.65 -5.62
CA HIS A 106 -12.39 -21.42 -4.43
C HIS A 106 -13.70 -21.56 -3.68
N TRP A 107 -14.38 -20.45 -3.40
CA TRP A 107 -15.67 -20.52 -2.66
C TRP A 107 -16.64 -21.53 -3.28
N THR A 108 -16.82 -21.47 -4.59
CA THR A 108 -17.73 -22.35 -5.29
C THR A 108 -17.46 -23.82 -4.97
N HIS A 109 -16.20 -24.22 -5.02
CA HIS A 109 -15.85 -25.61 -4.78
C HIS A 109 -15.80 -26.00 -3.31
N LEU A 110 -15.41 -25.05 -2.45
CA LEU A 110 -15.46 -25.29 -1.01
C LEU A 110 -16.94 -25.52 -0.57
N GLU A 111 -17.84 -24.72 -1.12
CA GLU A 111 -19.28 -24.77 -0.77
C GLU A 111 -19.96 -26.04 -1.29
N LEU A 112 -19.61 -26.48 -2.50
CA LEU A 112 -20.17 -27.73 -3.01
C LEU A 112 -19.67 -28.89 -2.15
N ARG A 113 -18.43 -28.76 -1.61
CA ARG A 113 -17.85 -29.79 -0.76
C ARG A 113 -18.55 -29.83 0.61
N ARG A 114 -18.68 -28.66 1.22
N ARG A 114 -18.70 -28.68 1.24
CA ARG A 114 -19.31 -28.48 2.55
CA ARG A 114 -19.38 -28.58 2.51
C ARG A 114 -20.28 -27.32 2.43
C ARG A 114 -20.28 -27.37 2.43
N PRO A 115 -21.58 -27.55 2.70
CA PRO A 115 -22.23 -28.77 3.17
C PRO A 115 -22.69 -29.82 2.18
N PHE A 116 -22.64 -29.56 0.89
CA PHE A 116 -23.24 -30.50 -0.05
C PHE A 116 -22.55 -31.84 -0.30
N GLY A 117 -21.30 -32.00 0.09
CA GLY A 117 -20.65 -33.28 -0.10
C GLY A 117 -20.28 -33.62 -1.52
N ILE A 118 -20.19 -32.61 -2.39
CA ILE A 118 -19.80 -32.82 -3.78
C ILE A 118 -18.29 -32.55 -3.91
N THR A 119 -17.54 -33.57 -4.36
CA THR A 119 -16.08 -33.48 -4.53
C THR A 119 -15.63 -34.07 -5.85
N GLY A 120 -14.38 -33.78 -6.23
CA GLY A 120 -13.74 -34.29 -7.47
C GLY A 120 -14.47 -33.91 -8.74
N THR A 121 -15.17 -32.78 -8.71
CA THR A 121 -15.93 -32.32 -9.87
C THR A 121 -15.73 -30.85 -10.00
N LEU A 122 -15.40 -30.39 -11.19
CA LEU A 122 -15.28 -28.95 -11.42
C LEU A 122 -16.68 -28.45 -11.86
N PHE A 123 -17.10 -27.33 -11.29
CA PHE A 123 -18.35 -26.69 -11.59
C PHE A 123 -18.24 -25.88 -12.90
N GLY A 124 -19.19 -26.11 -13.79
CA GLY A 124 -19.23 -25.46 -15.08
C GLY A 124 -20.39 -26.03 -15.89
N PRO A 125 -20.50 -25.64 -17.17
CA PRO A 125 -21.61 -26.10 -18.04
C PRO A 125 -21.81 -27.62 -18.06
N ASP A 126 -20.75 -28.39 -18.18
CA ASP A 126 -20.88 -29.85 -18.23
C ASP A 126 -21.37 -30.52 -16.97
N THR A 127 -21.17 -29.90 -15.82
CA THR A 127 -21.57 -30.54 -14.55
C THR A 127 -22.71 -29.84 -13.80
N ALA A 128 -23.08 -28.65 -14.23
CA ALA A 128 -24.09 -27.83 -13.53
C ALA A 128 -25.49 -28.46 -13.34
N GLU A 129 -25.94 -29.17 -14.37
CA GLU A 129 -27.27 -29.80 -14.36
C GLU A 129 -27.37 -30.83 -13.21
N SER A 130 -26.41 -31.74 -13.18
CA SER A 130 -26.39 -32.77 -12.17
C SER A 130 -26.24 -32.16 -10.78
N ILE A 131 -25.32 -31.20 -10.65
CA ILE A 131 -25.12 -30.51 -9.37
C ILE A 131 -26.42 -29.83 -8.90
N TRP A 132 -27.13 -29.19 -9.82
CA TRP A 132 -28.40 -28.55 -9.51
C TRP A 132 -29.38 -29.53 -8.89
N THR A 133 -29.62 -30.64 -9.57
CA THR A 133 -30.55 -31.65 -9.09
C THR A 133 -30.13 -32.27 -7.73
N GLN A 134 -28.86 -32.57 -7.58
CA GLN A 134 -28.38 -33.18 -6.34
C GLN A 134 -28.52 -32.23 -5.15
N CYS A 135 -28.11 -30.97 -5.34
CA CYS A 135 -28.22 -29.98 -4.27
C CYS A 135 -29.68 -29.67 -3.96
N ASN A 136 -30.55 -29.63 -4.99
CA ASN A 136 -32.00 -29.37 -4.73
C ASN A 136 -32.65 -30.42 -3.85
N GLU A 137 -32.28 -31.68 -4.05
CA GLU A 137 -32.80 -32.76 -3.22
C GLU A 137 -32.33 -32.58 -1.76
N LYS A 138 -31.08 -32.20 -1.55
CA LYS A 138 -30.60 -31.97 -0.20
C LYS A 138 -31.29 -30.75 0.42
N LEU A 139 -31.47 -29.68 -0.36
CA LEU A 139 -32.08 -28.42 0.11
C LEU A 139 -33.50 -28.58 0.63
N ALA A 140 -34.17 -29.65 0.19
CA ALA A 140 -35.54 -29.95 0.60
C ALA A 140 -35.59 -30.66 1.97
N THR A 141 -34.43 -30.99 2.55
CA THR A 141 -34.38 -31.70 3.83
C THR A 141 -33.98 -30.77 5.00
N PRO A 142 -34.41 -31.10 6.25
CA PRO A 142 -34.11 -30.23 7.38
C PRO A 142 -32.63 -29.92 7.61
N ALA A 143 -31.74 -30.89 7.35
CA ALA A 143 -30.30 -30.64 7.59
C ALA A 143 -29.73 -29.56 6.68
N PHE A 144 -30.46 -29.23 5.61
CA PHE A 144 -30.04 -28.19 4.67
C PHE A 144 -30.90 -26.93 4.67
N SER A 145 -31.70 -26.75 5.71
CA SER A 145 -32.48 -25.52 5.88
C SER A 145 -31.46 -24.51 6.43
N ALA A 146 -31.90 -23.27 6.64
CA ALA A 146 -31.02 -22.23 7.20
C ALA A 146 -30.35 -22.71 8.50
N ARG A 147 -31.14 -23.23 9.43
CA ARG A 147 -30.58 -23.73 10.71
C ARG A 147 -29.79 -25.00 10.55
N GLY A 148 -30.18 -25.85 9.59
CA GLY A 148 -29.51 -27.11 9.35
C GLY A 148 -28.08 -26.90 8.90
N ILE A 149 -27.87 -25.97 7.98
CA ILE A 149 -26.56 -25.69 7.46
C ILE A 149 -25.69 -25.14 8.61
N GLN A 151 -25.97 -25.75 11.70
CA GLN A 151 -25.63 -26.87 12.59
C GLN A 151 -24.55 -27.74 11.96
N GLN A 152 -24.67 -28.03 10.65
CA GLN A 152 -23.64 -28.86 9.97
C GLN A 152 -22.27 -28.21 9.98
N ASN A 154 -21.09 -26.36 12.30
CA ASN A 154 -20.62 -26.26 13.69
C ASN A 154 -20.63 -24.81 14.24
N VAL A 155 -21.66 -24.08 13.86
CA VAL A 155 -21.82 -22.71 14.29
C VAL A 155 -22.50 -22.70 15.66
N ARG A 156 -21.90 -22.03 16.62
CA ARG A 156 -22.46 -21.95 17.96
C ARG A 156 -23.09 -20.62 18.23
N VAL A 158 -23.94 -16.48 16.37
CA VAL A 158 -23.83 -15.54 15.26
C VAL A 158 -24.28 -14.18 15.76
N GLY A 159 -23.69 -13.14 15.18
CA GLY A 159 -23.99 -11.75 15.47
C GLY A 159 -24.48 -11.10 14.18
N THR A 160 -25.77 -10.85 14.10
CA THR A 160 -26.37 -10.22 12.95
C THR A 160 -26.12 -8.72 13.02
N THR A 161 -26.36 -8.01 11.92
CA THR A 161 -26.18 -6.55 11.85
C THR A 161 -27.57 -5.92 11.72
N ASP A 162 -27.98 -5.19 12.74
CA ASP A 162 -29.32 -4.65 12.84
C ASP A 162 -29.38 -3.15 13.11
N ASP A 163 -30.47 -2.51 12.67
CA ASP A 163 -30.66 -1.10 12.85
C ASP A 163 -31.40 -0.79 14.15
N PRO A 164 -31.05 0.32 14.81
CA PRO A 164 -31.74 0.77 16.04
C PRO A 164 -33.27 0.77 15.99
N ILE A 165 -33.85 0.99 14.82
CA ILE A 165 -35.33 1.00 14.71
C ILE A 165 -35.93 -0.40 14.57
N ASP A 166 -35.09 -1.41 14.40
CA ASP A 166 -35.59 -2.78 14.25
C ASP A 166 -36.26 -3.32 15.54
N SER A 167 -37.35 -4.06 15.36
CA SER A 167 -38.07 -4.62 16.48
C SER A 167 -37.32 -5.73 17.18
N LEU A 168 -36.48 -6.45 16.44
CA LEU A 168 -35.72 -7.62 16.97
C LEU A 168 -36.66 -8.78 17.37
N GLU A 169 -37.90 -8.75 16.86
CA GLU A 169 -38.89 -9.80 17.16
C GLU A 169 -38.37 -11.21 16.80
N TYR A 170 -37.62 -11.34 15.70
CA TYR A 170 -37.11 -12.66 15.30
C TYR A 170 -36.02 -13.13 16.24
N HIS A 171 -35.24 -12.19 16.77
CA HIS A 171 -34.22 -12.55 17.76
C HIS A 171 -34.90 -13.09 19.02
N ARG A 172 -35.99 -12.44 19.45
CA ARG A 172 -36.75 -12.91 20.61
C ARG A 172 -37.31 -14.30 20.36
N GLN A 173 -37.92 -14.48 19.20
CA GLN A 173 -38.50 -15.77 18.82
C GLN A 173 -37.44 -16.90 18.88
N ILE A 174 -36.24 -16.63 18.35
CA ILE A 174 -35.16 -17.60 18.36
C ILE A 174 -34.71 -17.91 19.79
N ALA A 175 -34.60 -16.86 20.61
CA ALA A 175 -34.17 -17.01 22.01
C ALA A 175 -35.13 -17.89 22.80
N ALA A 176 -36.42 -17.70 22.58
CA ALA A 176 -37.48 -18.45 23.28
C ALA A 176 -37.74 -19.84 22.72
N ASP A 177 -37.13 -20.17 21.58
CA ASP A 177 -37.32 -21.46 20.93
C ASP A 177 -36.20 -22.42 21.34
N ASP A 178 -36.54 -23.42 22.15
CA ASP A 178 -35.56 -24.40 22.63
C ASP A 178 -35.08 -25.41 21.58
N SER A 179 -35.75 -25.44 20.42
CA SER A 179 -35.34 -26.34 19.35
C SER A 179 -34.08 -25.84 18.65
N ILE A 180 -33.65 -24.62 18.96
CA ILE A 180 -32.41 -24.07 18.36
C ILE A 180 -31.51 -23.62 19.50
N ASP A 181 -30.33 -24.21 19.61
CA ASP A 181 -29.40 -23.84 20.68
C ASP A 181 -28.28 -22.89 20.24
N ILE A 182 -28.30 -22.53 18.96
CA ILE A 182 -27.34 -21.59 18.43
C ILE A 182 -27.76 -20.23 18.94
N GLU A 183 -26.83 -19.45 19.47
CA GLU A 183 -27.19 -18.12 19.96
C GLU A 183 -27.20 -17.15 18.78
N VAL A 184 -28.28 -16.41 18.62
CA VAL A 184 -28.35 -15.43 17.54
C VAL A 184 -28.56 -14.07 18.20
N ALA A 185 -27.45 -13.33 18.32
CA ALA A 185 -27.48 -12.03 18.95
C ALA A 185 -27.52 -10.91 17.92
N PRO A 186 -28.28 -9.85 18.21
CA PRO A 186 -28.29 -8.72 17.30
C PRO A 186 -27.08 -7.80 17.57
N SER A 187 -26.69 -7.00 16.58
CA SER A 187 -25.61 -6.04 16.71
C SER A 187 -26.16 -4.69 16.28
N TRP A 188 -25.84 -3.68 17.06
CA TRP A 188 -26.29 -2.33 16.87
C TRP A 188 -25.50 -1.60 15.80
N ARG A 189 -26.15 -1.26 14.68
N ARG A 189 -26.17 -1.26 14.69
CA ARG A 189 -25.48 -0.53 13.59
CA ARG A 189 -25.54 -0.53 13.60
C ARG A 189 -26.25 0.76 13.31
C ARG A 189 -26.31 0.77 13.36
N PRO A 190 -25.84 1.87 13.97
CA PRO A 190 -26.51 3.18 13.85
C PRO A 190 -26.02 4.14 12.77
N ASP A 191 -25.54 3.62 11.65
CA ASP A 191 -25.05 4.44 10.54
C ASP A 191 -25.92 5.62 10.19
N LYS A 192 -27.22 5.38 10.06
CA LYS A 192 -28.14 6.40 9.66
C LYS A 192 -28.31 7.52 10.69
N VAL A 193 -28.05 7.18 11.94
CA VAL A 193 -28.15 8.14 13.01
C VAL A 193 -27.03 9.17 12.92
N PHE A 194 -25.80 8.72 12.65
CA PHE A 194 -24.68 9.66 12.60
C PHE A 194 -24.37 10.31 11.25
N LYS A 195 -24.87 9.76 10.15
CA LYS A 195 -24.62 10.30 8.81
C LYS A 195 -25.66 11.35 8.47
N ILE A 196 -25.58 12.45 9.22
CA ILE A 196 -26.50 13.55 9.13
C ILE A 196 -26.54 14.19 7.75
N GLU A 197 -25.46 14.07 6.98
CA GLU A 197 -25.41 14.69 5.66
C GLU A 197 -26.20 13.97 4.58
N LEU A 198 -26.62 12.73 4.82
CA LEU A 198 -27.38 11.98 3.79
C LEU A 198 -28.83 12.48 3.68
N ASP A 199 -29.37 12.39 2.46
CA ASP A 199 -30.72 12.83 2.15
C ASP A 199 -31.82 12.22 3.07
N GLY A 200 -31.70 10.94 3.38
CA GLY A 200 -32.72 10.29 4.20
C GLY A 200 -32.62 10.46 5.70
N PHE A 201 -31.75 11.36 6.17
CA PHE A 201 -31.58 11.56 7.60
C PHE A 201 -32.85 11.91 8.37
N VAL A 202 -33.63 12.85 7.84
CA VAL A 202 -34.85 13.32 8.51
C VAL A 202 -35.92 12.20 8.54
N ASP A 203 -36.13 11.54 7.42
N ASP A 203 -36.12 11.55 7.41
CA ASP A 203 -37.10 10.45 7.37
CA ASP A 203 -37.06 10.43 7.32
C ASP A 203 -36.67 9.36 8.37
C ASP A 203 -36.67 9.36 8.33
N TYR A 204 -35.37 9.12 8.44
CA TYR A 204 -34.85 8.11 9.35
C TYR A 204 -35.09 8.53 10.81
N LEU A 205 -34.84 9.80 11.12
CA LEU A 205 -35.00 10.30 12.46
C LEU A 205 -36.48 10.13 12.90
N ARG A 206 -37.42 10.33 11.99
CA ARG A 206 -38.83 10.10 12.30
C ARG A 206 -39.13 8.64 12.65
N LYS A 207 -38.45 7.71 11.97
CA LYS A 207 -38.62 6.27 12.25
C LYS A 207 -38.03 5.96 13.60
N LEU A 208 -36.92 6.61 13.93
CA LEU A 208 -36.31 6.45 15.23
C LEU A 208 -37.25 7.01 16.30
N GLU A 209 -37.89 8.12 16.02
CA GLU A 209 -38.87 8.68 16.94
C GLU A 209 -39.99 7.66 17.20
N ALA A 210 -40.45 7.02 16.14
CA ALA A 210 -41.53 6.04 16.24
C ALA A 210 -41.10 4.81 17.08
N ALA A 211 -39.90 4.32 16.82
CA ALA A 211 -39.37 3.14 17.51
C ALA A 211 -39.12 3.37 19.00
N ALA A 212 -38.60 4.55 19.33
CA ALA A 212 -38.29 4.89 20.73
C ALA A 212 -39.48 5.52 21.46
N ASP A 213 -40.43 6.00 20.69
CA ASP A 213 -41.60 6.71 21.19
C ASP A 213 -41.13 7.99 21.89
N VAL A 214 -40.19 8.67 21.25
CA VAL A 214 -39.61 9.89 21.76
C VAL A 214 -39.53 10.96 20.68
N SER A 215 -39.94 12.17 21.02
N SER A 215 -39.94 12.18 21.02
CA SER A 215 -39.89 13.30 20.11
CA SER A 215 -39.90 13.30 20.09
C SER A 215 -38.45 13.79 20.06
C SER A 215 -38.46 13.82 20.06
N ILE A 216 -37.90 13.99 18.86
CA ILE A 216 -36.50 14.44 18.73
C ILE A 216 -36.32 15.82 18.08
N THR A 217 -35.97 16.81 18.91
CA THR A 217 -35.73 18.20 18.44
C THR A 217 -34.33 18.65 18.83
N ARG A 218 -33.92 18.36 20.06
CA ARG A 218 -32.62 18.72 20.58
C ARG A 218 -31.72 17.51 20.59
N PHE A 219 -30.42 17.77 20.67
CA PHE A 219 -29.47 16.69 20.69
C PHE A 219 -29.72 15.77 21.91
N ASP A 220 -30.09 16.34 23.05
CA ASP A 220 -30.36 15.51 24.23
C ASP A 220 -31.55 14.56 23.99
N ASP A 221 -32.51 14.97 23.14
CA ASP A 221 -33.65 14.10 22.82
C ASP A 221 -33.10 12.89 22.04
N LEU A 222 -32.11 13.14 21.21
CA LEU A 222 -31.49 12.07 20.44
C LEU A 222 -30.84 11.08 21.42
N ARG A 223 -30.16 11.58 22.44
CA ARG A 223 -29.54 10.68 23.43
C ARG A 223 -30.60 9.82 24.13
N GLN A 224 -31.73 10.43 24.47
CA GLN A 224 -32.82 9.73 25.14
C GLN A 224 -33.40 8.63 24.22
N ALA A 225 -33.67 8.96 22.96
CA ALA A 225 -34.20 8.00 21.99
C ALA A 225 -33.21 6.85 21.82
N LEU A 226 -31.94 7.19 21.64
CA LEU A 226 -30.89 6.16 21.47
C LEU A 226 -30.73 5.31 22.74
N THR A 227 -30.81 5.92 23.91
CA THR A 227 -30.70 5.17 25.16
C THR A 227 -31.79 4.11 25.25
N ARG A 228 -33.02 4.48 24.90
CA ARG A 228 -34.11 3.53 24.91
C ARG A 228 -33.88 2.37 23.94
N ARG A 229 -33.38 2.68 22.74
CA ARG A 229 -33.12 1.63 21.74
C ARG A 229 -31.94 0.78 22.15
N LEU A 230 -30.94 1.39 22.79
CA LEU A 230 -29.79 0.61 23.27
C LEU A 230 -30.27 -0.39 24.31
N ASP A 231 -31.15 0.07 25.21
CA ASP A 231 -31.69 -0.82 26.24
C ASP A 231 -32.49 -1.97 25.61
N HIS A 232 -33.25 -1.67 24.55
CA HIS A 232 -34.03 -2.68 23.85
C HIS A 232 -33.07 -3.72 23.29
N PHE A 233 -32.01 -3.25 22.62
CA PHE A 233 -30.98 -4.13 22.09
C PHE A 233 -30.32 -4.97 23.19
N ALA A 234 -29.98 -4.34 24.32
CA ALA A 234 -29.36 -5.05 25.45
C ALA A 234 -30.28 -6.15 25.95
N ALA A 235 -31.57 -5.82 26.09
CA ALA A 235 -32.56 -6.78 26.56
C ALA A 235 -32.77 -7.92 25.56
N CYS A 236 -32.38 -7.72 24.30
CA CYS A 236 -32.49 -8.78 23.29
C CYS A 236 -31.16 -9.51 23.09
N GLY A 237 -30.20 -9.28 23.99
CA GLY A 237 -28.92 -9.97 23.96
C GLY A 237 -27.78 -9.34 23.20
N CYS A 238 -27.93 -8.07 22.81
CA CYS A 238 -26.85 -7.42 22.06
C CYS A 238 -25.58 -7.26 22.89
N ARG A 239 -24.45 -7.54 22.28
CA ARG A 239 -23.14 -7.36 22.95
C ARG A 239 -22.18 -6.64 22.04
N ALA A 240 -22.67 -6.13 20.92
CA ALA A 240 -21.78 -5.50 19.97
C ALA A 240 -22.43 -4.43 19.12
N SER A 241 -21.59 -3.58 18.54
CA SER A 241 -22.02 -2.54 17.65
C SER A 241 -21.08 -2.51 16.43
N ASP A 242 -21.55 -1.89 15.35
CA ASP A 242 -20.80 -1.79 14.13
C ASP A 242 -21.16 -0.45 13.48
N HIS A 243 -20.20 0.10 12.77
CA HIS A 243 -20.33 1.39 12.14
C HIS A 243 -19.63 1.42 10.78
N GLY A 244 -20.40 1.58 9.71
CA GLY A 244 -19.85 1.67 8.36
C GLY A 244 -19.52 3.13 8.11
N ILE A 245 -18.23 3.46 8.03
CA ILE A 245 -17.82 4.82 7.86
C ILE A 245 -17.10 5.04 6.53
N GLU A 246 -17.78 5.72 5.62
CA GLU A 246 -17.22 6.03 4.30
C GLU A 246 -16.38 7.31 4.34
N THR A 247 -16.81 8.28 5.14
CA THR A 247 -16.07 9.55 5.26
C THR A 247 -15.77 9.71 6.75
N LEU A 248 -14.57 9.33 7.15
CA LEU A 248 -14.18 9.42 8.54
C LEU A 248 -13.83 10.86 8.85
N ARG A 249 -14.62 11.50 9.70
CA ARG A 249 -14.41 12.89 10.06
C ARG A 249 -14.06 13.06 11.52
N PHE A 250 -13.58 14.25 11.85
CA PHE A 250 -13.38 14.61 13.23
C PHE A 250 -13.39 16.10 13.44
N ALA A 251 -14.08 16.52 14.48
CA ALA A 251 -14.05 17.92 14.92
C ALA A 251 -14.35 17.82 16.41
N PRO A 252 -13.66 18.62 17.23
CA PRO A 252 -13.95 18.56 18.67
C PRO A 252 -15.46 18.71 18.96
N VAL A 253 -15.97 17.91 19.90
CA VAL A 253 -17.38 17.94 20.24
C VAL A 253 -17.73 19.30 20.86
N PRO A 254 -18.63 20.06 20.23
CA PRO A 254 -19.04 21.34 20.79
C PRO A 254 -20.08 21.16 21.86
N ASP A 255 -20.51 22.23 22.49
CA ASP A 255 -21.53 22.11 23.53
C ASP A 255 -22.92 21.83 22.92
N ASP A 256 -23.86 21.45 23.76
CA ASP A 256 -25.22 21.11 23.29
C ASP A 256 -25.91 22.21 22.50
N ALA A 257 -25.73 23.46 22.88
CA ALA A 257 -26.37 24.55 22.16
C ALA A 257 -25.99 24.50 20.67
N GLN A 258 -24.72 24.25 20.39
CA GLN A 258 -24.24 24.14 19.01
C GLN A 258 -24.80 22.89 18.34
N LEU A 259 -24.80 21.77 19.04
CA LEU A 259 -25.34 20.54 18.48
C LEU A 259 -26.83 20.71 18.15
N ASP A 260 -27.57 21.39 19.04
CA ASP A 260 -29.00 21.67 18.81
C ASP A 260 -29.18 22.52 17.55
N ALA A 261 -28.29 23.50 17.35
CA ALA A 261 -28.39 24.39 16.18
C ALA A 261 -28.13 23.60 14.90
N ILE A 262 -27.14 22.71 14.95
CA ILE A 262 -26.83 21.88 13.79
C ILE A 262 -28.05 20.99 13.42
N LEU A 263 -28.63 20.34 14.41
CA LEU A 263 -29.80 19.49 14.22
C LEU A 263 -30.99 20.33 13.73
N GLY A 264 -31.16 21.51 14.33
CA GLY A 264 -32.23 22.43 13.92
C GLY A 264 -32.10 22.79 12.44
N LYS A 265 -30.89 23.17 12.03
CA LYS A 265 -30.62 23.50 10.64
C LYS A 265 -30.91 22.31 9.73
N ARG A 266 -30.49 21.12 10.14
CA ARG A 266 -30.72 19.97 9.32
C ARG A 266 -32.20 19.68 9.15
N LEU A 267 -32.97 19.75 10.25
CA LEU A 267 -34.41 19.50 10.22
C LEU A 267 -35.15 20.54 9.36
N ALA A 268 -34.58 21.74 9.23
CA ALA A 268 -35.16 22.82 8.41
C ALA A 268 -34.73 22.73 6.93
N GLY A 269 -34.00 21.68 6.58
CA GLY A 269 -33.53 21.51 5.21
C GLY A 269 -32.36 22.41 4.81
N GLU A 270 -31.77 23.13 5.77
CA GLU A 270 -30.65 24.01 5.46
C GLU A 270 -29.39 23.21 5.25
N THR A 271 -28.51 23.69 4.37
CA THR A 271 -27.26 23.00 4.09
C THR A 271 -26.28 23.18 5.23
N LEU A 272 -25.67 22.07 5.64
CA LEU A 272 -24.69 22.10 6.72
C LEU A 272 -23.29 22.26 6.15
N SER A 273 -22.43 22.96 6.89
CA SER A 273 -21.04 23.10 6.50
C SER A 273 -20.33 21.82 6.87
N GLU A 274 -19.13 21.63 6.33
CA GLU A 274 -18.35 20.45 6.65
C GLU A 274 -18.00 20.43 8.14
N LEU A 275 -17.77 21.59 8.73
CA LEU A 275 -17.46 21.62 10.15
C LEU A 275 -18.67 21.12 10.98
N GLU A 276 -19.87 21.57 10.61
CA GLU A 276 -21.09 21.18 11.32
C GLU A 276 -21.36 19.68 11.21
N ILE A 277 -21.13 19.12 10.03
CA ILE A 277 -21.32 17.69 9.83
C ILE A 277 -20.35 16.93 10.75
N ALA A 278 -19.10 17.37 10.75
CA ALA A 278 -18.05 16.75 11.56
C ALA A 278 -18.35 16.83 13.04
N GLN A 279 -18.85 17.98 13.49
CA GLN A 279 -19.21 18.17 14.88
C GLN A 279 -20.34 17.23 15.32
N PHE A 280 -21.41 17.16 14.53
CA PHE A 280 -22.55 16.30 14.86
C PHE A 280 -22.14 14.84 14.83
N THR A 281 -21.54 14.41 13.71
CA THR A 281 -21.11 13.03 13.57
C THR A 281 -20.19 12.61 14.69
N THR A 282 -19.22 13.47 15.04
CA THR A 282 -18.27 13.17 16.11
C THR A 282 -18.99 13.12 17.46
N ALA A 283 -19.90 14.04 17.70
CA ALA A 283 -20.67 14.06 18.93
C ALA A 283 -21.45 12.76 19.11
N VAL A 284 -22.08 12.27 18.04
CA VAL A 284 -22.86 11.03 18.12
C VAL A 284 -21.94 9.82 18.34
N LEU A 285 -20.84 9.73 17.57
CA LEU A 285 -19.95 8.60 17.72
C LEU A 285 -19.28 8.53 19.10
N VAL A 286 -18.88 9.68 19.63
CA VAL A 286 -18.23 9.71 20.94
C VAL A 286 -19.21 9.32 22.01
N TRP A 287 -20.43 9.88 21.97
CA TRP A 287 -21.45 9.53 22.96
C TRP A 287 -21.74 8.02 22.86
N LEU A 288 -21.93 7.51 21.64
CA LEU A 288 -22.20 6.07 21.48
C LEU A 288 -21.06 5.21 22.04
N GLY A 289 -19.82 5.58 21.73
CA GLY A 289 -18.65 4.85 22.21
C GLY A 289 -18.68 4.71 23.73
N ARG A 290 -19.00 5.81 24.41
N ARG A 290 -19.01 5.82 24.39
CA ARG A 290 -19.10 5.84 25.85
CA ARG A 290 -19.10 5.87 25.84
C ARG A 290 -20.17 4.89 26.32
C ARG A 290 -20.18 4.94 26.35
N GLN A 291 -21.29 4.85 25.61
CA GLN A 291 -22.37 3.95 25.97
C GLN A 291 -21.88 2.51 25.80
N TYR A 292 -21.13 2.25 24.74
CA TYR A 292 -20.64 0.88 24.52
C TYR A 292 -19.67 0.49 25.63
N ALA A 293 -18.87 1.45 26.09
CA ALA A 293 -17.90 1.20 27.13
C ALA A 293 -18.62 0.91 28.43
N ALA A 294 -19.66 1.68 28.73
CA ALA A 294 -20.39 1.46 29.99
C ALA A 294 -21.12 0.11 30.01
N ARG A 295 -21.54 -0.38 28.84
CA ARG A 295 -22.27 -1.64 28.76
C ARG A 295 -21.40 -2.86 28.50
N GLY A 296 -20.10 -2.65 28.23
CA GLY A 296 -19.18 -3.76 27.95
C GLY A 296 -19.34 -4.39 26.57
N TRP A 297 -19.80 -3.60 25.60
CA TRP A 297 -20.02 -4.07 24.22
C TRP A 297 -18.79 -3.87 23.40
N VAL A 298 -18.66 -4.64 22.32
CA VAL A 298 -17.55 -4.46 21.40
C VAL A 298 -17.98 -3.41 20.37
N GLN A 300 -17.30 -2.00 16.67
CA GLN A 300 -16.61 -2.26 15.39
C GLN A 300 -16.70 -1.02 14.47
N LEU A 301 -15.57 -0.66 13.86
CA LEU A 301 -15.54 0.44 12.91
C LEU A 301 -15.03 -0.13 11.56
N HIS A 302 -15.91 -0.08 10.56
CA HIS A 302 -15.64 -0.53 9.20
C HIS A 302 -15.46 0.70 8.33
N ILE A 303 -14.20 1.04 8.07
CA ILE A 303 -13.85 2.26 7.39
C ILE A 303 -13.34 2.14 5.95
N GLY A 304 -13.81 3.04 5.06
CA GLY A 304 -13.22 3.14 3.72
C GLY A 304 -13.92 2.83 2.43
N ALA A 305 -15.17 2.43 2.50
CA ALA A 305 -15.92 2.13 1.28
C ALA A 305 -16.25 3.40 0.54
N ILE A 306 -16.36 3.28 -0.79
CA ILE A 306 -16.85 4.34 -1.66
C ILE A 306 -18.08 3.65 -2.29
N ARG A 307 -19.26 4.16 -1.98
CA ARG A 307 -20.50 3.54 -2.39
C ARG A 307 -21.34 4.17 -3.49
N ASN A 308 -22.12 3.32 -4.15
CA ASN A 308 -23.05 3.72 -5.20
C ASN A 308 -22.36 4.54 -6.27
N ASN A 309 -21.30 3.97 -6.82
CA ASN A 309 -20.48 4.65 -7.82
C ASN A 309 -21.11 4.75 -9.19
N ASN A 310 -22.06 3.86 -9.49
CA ASN A 310 -22.70 3.82 -10.78
C ASN A 310 -24.13 4.32 -10.65
N THR A 311 -24.35 5.55 -11.12
CA THR A 311 -25.66 6.21 -10.99
C THR A 311 -26.72 5.54 -11.83
N ARG A 312 -26.38 5.21 -13.06
CA ARG A 312 -27.33 4.56 -13.94
C ARG A 312 -27.86 3.28 -13.26
N PHE A 314 -27.62 2.54 -9.99
CA PHE A 314 -28.20 2.85 -8.69
C PHE A 314 -29.68 3.19 -8.83
N ARG A 315 -30.02 3.87 -9.91
CA ARG A 315 -31.40 4.25 -10.15
C ARG A 315 -32.30 3.05 -10.45
N LEU A 316 -31.72 1.98 -11.01
CA LEU A 316 -32.46 0.78 -11.37
C LEU A 316 -32.46 -0.27 -10.24
N LEU A 317 -31.35 -0.39 -9.51
CA LEU A 317 -31.22 -1.42 -8.47
C LEU A 317 -31.08 -0.95 -7.02
N GLY A 318 -30.77 0.32 -6.81
CA GLY A 318 -30.60 0.79 -5.44
C GLY A 318 -29.26 0.41 -4.85
N PRO A 319 -29.11 0.59 -3.54
CA PRO A 319 -27.85 0.32 -2.88
C PRO A 319 -27.54 -1.15 -2.61
N ASP A 320 -26.27 -1.43 -2.25
N ASP A 320 -26.26 -1.39 -2.29
CA ASP A 320 -25.81 -2.81 -1.94
CA ASP A 320 -25.73 -2.70 -1.95
C ASP A 320 -26.04 -3.82 -3.04
C ASP A 320 -26.00 -3.77 -3.00
N THR A 321 -25.81 -3.42 -4.27
CA THR A 321 -26.03 -4.31 -5.37
C THR A 321 -24.76 -4.62 -6.17
N GLY A 322 -23.60 -4.34 -5.59
CA GLY A 322 -22.31 -4.63 -6.24
C GLY A 322 -21.65 -3.49 -7.00
N PHE A 323 -22.01 -2.25 -6.66
CA PHE A 323 -21.43 -1.07 -7.30
C PHE A 323 -20.64 -0.22 -6.31
N ASP A 324 -20.22 -0.87 -5.22
CA ASP A 324 -19.41 -0.25 -4.18
C ASP A 324 -17.97 -0.77 -4.35
N SER A 325 -16.98 0.05 -3.98
CA SER A 325 -15.56 -0.34 -4.10
C SER A 325 -14.67 0.30 -2.98
N ILE A 326 -13.36 0.28 -3.18
CA ILE A 326 -12.43 0.75 -2.19
C ILE A 326 -12.14 2.23 -2.30
N GLY A 327 -12.36 2.96 -1.19
CA GLY A 327 -12.10 4.40 -1.12
C GLY A 327 -10.65 4.64 -0.68
N ASP A 328 -10.25 5.91 -0.61
CA ASP A 328 -8.89 6.23 -0.26
C ASP A 328 -8.66 7.58 0.41
N ASN A 329 -9.53 7.98 1.33
CA ASN A 329 -9.32 9.22 2.07
C ASN A 329 -8.21 8.93 3.09
N ASN A 330 -7.55 9.98 3.57
CA ASN A 330 -6.54 9.85 4.61
C ASN A 330 -7.37 9.68 5.88
N ILE A 331 -7.02 8.74 6.76
CA ILE A 331 -7.81 8.47 7.96
C ILE A 331 -7.11 8.48 9.33
N SER A 332 -5.77 8.46 9.38
CA SER A 332 -5.09 8.32 10.69
C SER A 332 -5.38 9.43 11.70
N TRP A 333 -5.38 10.68 11.26
CA TRP A 333 -5.63 11.77 12.17
C TRP A 333 -7.06 11.70 12.75
N ALA A 334 -8.05 11.60 11.89
CA ALA A 334 -9.44 11.54 12.36
C ALA A 334 -9.68 10.31 13.27
N LEU A 335 -9.10 9.18 12.88
CA LEU A 335 -9.26 7.94 13.63
C LEU A 335 -8.65 8.09 15.01
N SER A 336 -7.44 8.64 15.05
CA SER A 336 -6.74 8.85 16.31
C SER A 336 -7.56 9.77 17.25
N ARG A 337 -7.97 10.94 16.75
N ARG A 337 -7.98 10.93 16.75
CA ARG A 337 -8.75 11.91 17.56
CA ARG A 337 -8.74 11.89 17.55
C ARG A 337 -10.08 11.32 18.02
C ARG A 337 -10.09 11.34 18.01
N LEU A 338 -10.72 10.53 17.17
CA LEU A 338 -12.01 9.93 17.50
C LEU A 338 -11.87 8.95 18.66
N LEU A 339 -10.87 8.08 18.58
CA LEU A 339 -10.64 7.08 19.62
C LEU A 339 -10.18 7.75 20.93
N ASP A 340 -9.25 8.69 20.81
CA ASP A 340 -8.73 9.40 21.96
C ASP A 340 -9.85 10.21 22.65
N SER A 341 -10.82 10.71 21.88
CA SER A 341 -11.93 11.46 22.50
C SER A 341 -12.73 10.58 23.47
N ASP A 343 -11.27 7.61 24.81
CA ASP A 343 -10.29 7.11 25.76
C ASP A 343 -9.84 8.13 26.82
N VAL A 344 -9.92 9.43 26.52
CA VAL A 344 -9.43 10.45 27.44
C VAL A 344 -10.11 10.39 28.81
N THR A 345 -11.40 10.04 28.86
CA THR A 345 -12.13 9.88 30.13
C THR A 345 -12.14 8.40 30.56
N ASN A 346 -11.32 7.58 29.89
CA ASN A 346 -11.21 6.14 30.11
C ASN A 346 -12.53 5.47 29.75
N GLU A 347 -13.13 5.94 28.66
CA GLU A 347 -14.41 5.43 28.19
C GLU A 347 -14.36 4.85 26.78
N LEU A 348 -13.21 4.29 26.40
CA LEU A 348 -13.08 3.65 25.10
C LEU A 348 -13.48 2.18 25.31
N PRO A 349 -14.40 1.68 24.49
CA PRO A 349 -14.78 0.27 24.66
C PRO A 349 -13.85 -0.64 23.94
N LYS A 350 -14.06 -1.94 24.14
CA LYS A 350 -13.37 -2.95 23.35
C LYS A 350 -13.70 -2.49 21.93
N THR A 351 -12.68 -2.43 21.07
CA THR A 351 -12.86 -1.94 19.72
C THR A 351 -12.18 -2.80 18.68
N ILE A 352 -12.85 -3.02 17.54
CA ILE A 352 -12.25 -3.74 16.42
C ILE A 352 -12.27 -2.76 15.24
N LEU A 353 -11.14 -2.56 14.61
CA LEU A 353 -11.02 -1.64 13.48
C LEU A 353 -10.81 -2.43 12.20
N TYR A 354 -11.52 -2.05 11.13
CA TYR A 354 -11.38 -2.68 9.82
C TYR A 354 -11.15 -1.59 8.79
N CYS A 355 -10.29 -1.87 7.80
CA CYS A 355 -10.03 -0.93 6.71
C CYS A 355 -10.35 -1.60 5.41
N LEU A 356 -11.04 -0.89 4.51
CA LEU A 356 -11.37 -1.48 3.23
C LEU A 356 -10.17 -1.36 2.28
N ASN A 357 -9.34 -0.33 2.46
CA ASN A 357 -8.15 -0.13 1.63
C ASN A 357 -6.92 -0.72 2.36
N PRO A 358 -6.31 -1.79 1.80
CA PRO A 358 -5.17 -2.44 2.41
C PRO A 358 -3.96 -1.54 2.56
N ARG A 359 -3.91 -0.41 1.86
CA ARG A 359 -2.82 0.53 2.03
C ARG A 359 -2.80 1.01 3.49
N ASP A 360 -3.94 0.88 4.18
CA ASP A 360 -4.08 1.31 5.57
C ASP A 360 -3.81 0.21 6.59
N ASN A 361 -3.41 -0.98 6.15
CA ASN A 361 -3.16 -2.07 7.08
C ASN A 361 -2.22 -1.72 8.24
N GLU A 362 -1.07 -1.12 7.91
CA GLU A 362 -0.08 -0.79 8.91
C GLU A 362 -0.55 0.37 9.79
N VAL A 363 -1.31 1.30 9.21
CA VAL A 363 -1.89 2.41 9.98
C VAL A 363 -2.77 1.82 11.09
N LEU A 364 -3.66 0.91 10.73
CA LEU A 364 -4.53 0.25 11.74
C LEU A 364 -3.79 -0.65 12.73
N ALA A 365 -2.91 -1.52 12.22
CA ALA A 365 -2.16 -2.44 13.11
C ALA A 365 -1.38 -1.66 14.17
N THR A 366 -0.90 -0.48 13.80
CA THR A 366 -0.18 0.35 14.77
C THR A 366 -1.11 1.24 15.59
N ILE A 368 -3.99 0.53 16.87
CA ILE A 368 -4.56 -0.24 18.01
C ILE A 368 -3.64 -0.24 19.24
N GLY A 369 -2.33 -0.24 18.99
CA GLY A 369 -1.34 -0.24 20.06
C GLY A 369 -1.35 1.00 20.94
N ASN A 370 -1.93 2.09 20.45
CA ASN A 370 -2.03 3.34 21.21
C ASN A 370 -3.10 3.33 22.29
N PHE A 371 -4.05 2.41 22.18
CA PHE A 371 -5.18 2.44 23.11
C PHE A 371 -5.54 1.15 23.84
N GLN A 372 -4.57 0.29 24.09
CA GLN A 372 -4.84 -0.98 24.80
C GLN A 372 -5.19 -0.71 26.25
N GLY A 373 -5.73 -1.71 26.94
CA GLY A 373 -6.14 -1.54 28.33
C GLY A 373 -5.91 -2.77 29.16
N PRO A 374 -5.90 -2.59 30.48
CA PRO A 374 -5.66 -3.67 31.42
C PRO A 374 -6.83 -4.61 31.64
N GLY A 375 -6.52 -5.86 31.99
CA GLY A 375 -7.53 -6.87 32.29
C GLY A 375 -8.22 -7.56 31.13
N ILE A 376 -7.83 -7.23 29.90
CA ILE A 376 -8.39 -7.87 28.71
C ILE A 376 -7.28 -8.14 27.70
N ALA A 377 -7.35 -9.29 27.06
CA ALA A 377 -6.35 -9.67 26.07
C ALA A 377 -6.68 -9.00 24.73
N GLY A 378 -5.99 -7.91 24.41
CA GLY A 378 -6.20 -7.21 23.13
C GLY A 378 -7.50 -6.46 23.05
N LYS A 379 -7.63 -5.47 23.92
CA LYS A 379 -8.81 -4.63 23.97
C LYS A 379 -9.15 -4.08 22.59
N VAL A 380 -8.15 -3.56 21.90
CA VAL A 380 -8.36 -3.02 20.58
C VAL A 380 -7.74 -3.99 19.60
N GLN A 381 -8.54 -4.41 18.64
CA GLN A 381 -8.15 -5.39 17.64
C GLN A 381 -8.11 -4.81 16.22
N PHE A 382 -7.31 -5.43 15.36
CA PHE A 382 -7.23 -5.12 13.94
C PHE A 382 -7.97 -6.30 13.31
N GLY A 383 -9.12 -6.02 12.71
CA GLY A 383 -9.97 -7.04 12.13
C GLY A 383 -9.47 -7.75 10.89
N SER A 384 -9.96 -8.97 10.72
CA SER A 384 -9.63 -9.83 9.58
C SER A 384 -9.91 -9.12 8.25
N GLY A 385 -9.14 -9.45 7.23
CA GLY A 385 -9.33 -8.85 5.90
C GLY A 385 -10.82 -8.71 5.59
N TRP A 386 -11.26 -7.48 5.35
CA TRP A 386 -12.64 -7.17 5.14
C TRP A 386 -13.11 -7.07 3.68
N TRP A 387 -14.22 -7.75 3.42
CA TRP A 387 -14.91 -7.67 2.16
C TRP A 387 -13.95 -8.05 1.00
N PHE A 388 -13.56 -7.08 0.18
CA PHE A 388 -12.66 -7.34 -0.94
C PHE A 388 -11.34 -7.99 -0.51
N ASN A 389 -10.94 -7.69 0.71
CA ASN A 389 -9.70 -8.20 1.27
C ASN A 389 -9.86 -9.56 1.92
N ASP A 390 -11.11 -10.05 1.98
CA ASP A 390 -11.37 -11.38 2.52
C ASP A 390 -11.09 -12.45 1.45
N GLN A 391 -9.81 -12.64 1.17
CA GLN A 391 -9.32 -13.62 0.22
C GLN A 391 -7.86 -13.91 0.62
N LYS A 392 -7.23 -14.90 0.01
CA LYS A 392 -5.90 -15.35 0.45
C LYS A 392 -4.82 -14.26 0.59
N ASP A 393 -4.62 -13.46 -0.45
CA ASP A 393 -3.65 -12.40 -0.46
C ASP A 393 -3.98 -11.38 0.63
N GLY A 394 -5.24 -10.95 0.65
CA GLY A 394 -5.71 -9.96 1.61
C GLY A 394 -5.57 -10.42 3.04
N LEU A 396 -3.51 -12.85 4.11
CA LEU A 396 -2.11 -13.05 4.44
C LEU A 396 -1.46 -11.72 4.78
N ARG A 397 -1.86 -10.65 4.09
CA ARG A 397 -1.34 -9.33 4.37
C ARG A 397 -1.85 -8.78 5.69
N GLN A 398 -3.14 -8.95 5.97
CA GLN A 398 -3.69 -8.49 7.24
C GLN A 398 -3.06 -9.23 8.40
N LEU A 399 -2.89 -10.54 8.25
CA LEU A 399 -2.30 -11.37 9.30
C LEU A 399 -0.85 -11.01 9.55
N GLU A 400 -0.15 -10.66 8.48
CA GLU A 400 1.26 -10.32 8.59
C GLU A 400 1.44 -9.03 9.40
N GLN A 401 0.62 -8.01 9.12
CA GLN A 401 0.75 -6.71 9.83
C GLN A 401 0.28 -6.83 11.27
N LEU A 402 -0.77 -7.59 11.52
CA LEU A 402 -1.22 -7.82 12.89
C LEU A 402 -0.10 -8.56 13.65
N SER A 403 0.51 -9.56 13.02
CA SER A 403 1.59 -10.34 13.68
C SER A 403 2.77 -9.48 14.04
N GLN A 404 3.19 -8.65 13.10
CA GLN A 404 4.37 -7.80 13.26
C GLN A 404 4.17 -6.60 14.18
N GLY A 406 1.26 -6.20 16.31
CA GLY A 406 0.47 -6.55 17.47
C GLY A 406 0.71 -7.96 17.93
N LEU A 407 -0.30 -8.57 18.54
CA LEU A 407 -0.20 -9.92 19.03
C LEU A 407 -1.20 -10.84 18.36
N LEU A 408 -0.73 -11.65 17.42
CA LEU A 408 -1.58 -12.61 16.73
C LEU A 408 -2.30 -13.55 17.70
N SER A 409 -1.62 -13.93 18.77
CA SER A 409 -2.19 -14.86 19.78
C SER A 409 -3.52 -14.41 20.39
N GLN A 410 -3.76 -13.10 20.39
CA GLN A 410 -4.99 -12.55 20.96
C GLN A 410 -6.03 -12.19 19.94
N PHE A 411 -5.77 -12.55 18.69
CA PHE A 411 -6.66 -12.20 17.60
C PHE A 411 -8.02 -12.89 17.74
N VAL A 412 -9.08 -12.09 17.70
CA VAL A 412 -10.45 -12.62 17.79
C VAL A 412 -10.78 -13.51 16.59
N GLY A 413 -10.11 -13.28 15.47
CA GLY A 413 -10.28 -14.11 14.31
C GLY A 413 -11.24 -13.69 13.19
N LEU A 415 -14.72 -13.79 10.69
CA LEU A 415 -16.17 -13.57 10.72
C LEU A 415 -16.56 -13.59 9.24
N THR A 416 -17.74 -14.10 8.91
CA THR A 416 -18.15 -14.20 7.48
C THR A 416 -18.53 -12.86 6.84
N ASP A 417 -19.10 -11.94 7.63
CA ASP A 417 -19.59 -10.65 7.16
C ASP A 417 -20.56 -10.88 5.98
N SER A 418 -21.22 -12.04 5.96
CA SER A 418 -22.07 -12.44 4.84
C SER A 418 -23.57 -12.54 5.10
N ARG A 419 -24.34 -12.45 4.04
CA ARG A 419 -25.78 -12.63 4.14
C ARG A 419 -26.18 -14.04 3.67
N SER A 420 -25.20 -14.84 3.27
CA SER A 420 -25.45 -16.21 2.78
C SER A 420 -25.19 -17.31 3.81
N PHE A 421 -26.09 -18.29 3.86
CA PHE A 421 -25.93 -19.43 4.75
C PHE A 421 -24.82 -20.37 4.28
N LEU A 422 -24.32 -20.17 3.06
CA LEU A 422 -23.23 -20.98 2.54
C LEU A 422 -21.83 -20.32 2.74
N SER A 423 -21.77 -19.30 3.61
CA SER A 423 -20.53 -18.55 3.82
C SER A 423 -19.57 -19.12 4.86
N TYR A 424 -20.02 -20.12 5.62
CA TYR A 424 -19.18 -20.69 6.67
C TYR A 424 -17.88 -21.32 6.15
N THR A 425 -17.83 -21.65 4.86
CA THR A 425 -16.61 -22.16 4.29
C THR A 425 -15.54 -21.04 4.26
N ARG A 426 -15.95 -19.78 4.46
CA ARG A 426 -14.97 -18.69 4.56
C ARG A 426 -14.13 -18.88 5.84
N HIS A 427 -14.71 -19.51 6.86
CA HIS A 427 -13.95 -19.87 8.05
C HIS A 427 -13.00 -20.99 7.71
N GLU A 428 -13.46 -21.98 6.96
CA GLU A 428 -12.56 -23.07 6.55
C GLU A 428 -11.33 -22.47 5.84
N TYR A 429 -11.59 -21.56 4.90
CA TYR A 429 -10.58 -20.91 4.09
C TYR A 429 -9.58 -20.18 5.00
N PHE A 430 -10.10 -19.38 5.92
CA PHE A 430 -9.27 -18.66 6.89
C PHE A 430 -8.40 -19.61 7.72
N ARG A 431 -9.01 -20.66 8.23
CA ARG A 431 -8.31 -21.64 9.05
C ARG A 431 -7.16 -22.36 8.33
N ARG A 432 -7.39 -22.74 7.07
CA ARG A 432 -6.36 -23.38 6.29
C ARG A 432 -5.19 -22.40 6.09
N ILE A 433 -5.51 -21.16 5.77
CA ILE A 433 -4.49 -20.13 5.55
C ILE A 433 -3.68 -19.88 6.81
N LEU A 434 -4.38 -19.69 7.93
CA LEU A 434 -3.73 -19.47 9.22
C LEU A 434 -2.83 -20.66 9.58
N CYS A 435 -3.37 -21.86 9.49
CA CYS A 435 -2.60 -23.06 9.83
C CYS A 435 -1.34 -23.21 8.97
N ASN A 436 -1.45 -22.88 7.68
CA ASN A 436 -0.31 -22.96 6.79
C ASN A 436 0.75 -21.91 7.14
N LEU A 437 0.29 -20.73 7.58
CA LEU A 437 1.19 -19.64 7.96
C LEU A 437 1.98 -20.07 9.19
N LEU A 438 1.27 -20.52 10.23
CA LEU A 438 1.93 -20.96 11.45
C LEU A 438 2.83 -22.13 11.16
N GLY A 439 2.31 -23.08 10.38
CA GLY A 439 3.11 -24.26 10.00
C GLY A 439 4.38 -23.91 9.26
N GLN A 440 4.28 -22.99 8.31
CA GLN A 440 5.47 -22.61 7.55
C GLN A 440 6.48 -21.92 8.49
N TRP A 441 6.00 -21.05 9.38
CA TRP A 441 6.93 -20.40 10.31
C TRP A 441 7.64 -21.44 11.17
N ALA A 442 6.88 -22.42 11.66
CA ALA A 442 7.42 -23.47 12.51
C ALA A 442 8.48 -24.28 11.77
N GLN A 443 8.13 -24.71 10.56
CA GLN A 443 9.02 -25.51 9.76
C GLN A 443 10.31 -24.80 9.39
N ASP A 444 10.22 -23.49 9.14
CA ASP A 444 11.37 -22.67 8.80
C ASP A 444 12.17 -22.21 10.04
N GLY A 445 11.78 -22.67 11.23
CA GLY A 445 12.48 -22.32 12.48
C GLY A 445 12.31 -20.89 12.94
N GLU A 446 11.19 -20.27 12.61
CA GLU A 446 10.92 -18.87 13.01
C GLU A 446 10.08 -18.79 14.28
N ILE A 447 9.36 -19.87 14.59
CA ILE A 447 8.63 -19.99 15.85
C ILE A 447 8.89 -21.41 16.33
N PRO A 448 8.77 -21.65 17.64
CA PRO A 448 9.02 -23.01 18.11
C PRO A 448 8.01 -24.00 17.55
N ASP A 449 8.51 -25.18 17.19
CA ASP A 449 7.65 -26.25 16.69
C ASP A 449 7.22 -27.03 17.94
N ASP A 450 6.33 -26.42 18.72
CA ASP A 450 5.83 -26.99 19.97
C ASP A 450 4.34 -27.14 19.79
N GLU A 451 3.90 -28.38 19.63
CA GLU A 451 2.51 -28.67 19.37
C GLU A 451 1.55 -28.14 20.46
N ALA A 452 1.99 -28.16 21.71
CA ALA A 452 1.15 -27.67 22.81
C ALA A 452 0.90 -26.16 22.64
N LEU A 454 1.40 -24.24 19.82
CA LEU A 454 0.76 -23.91 18.53
C LEU A 454 -0.72 -24.29 18.47
N SER A 455 -1.07 -25.46 19.00
CA SER A 455 -2.47 -25.90 18.97
C SER A 455 -3.34 -24.97 19.82
N ARG A 456 -2.84 -24.56 20.96
CA ARG A 456 -3.56 -23.65 21.84
C ARG A 456 -3.80 -22.30 21.12
N VAL A 458 -3.90 -21.89 17.78
CA VAL A 458 -4.85 -22.15 16.72
C VAL A 458 -6.28 -22.17 17.28
N GLN A 459 -6.49 -22.87 18.37
CA GLN A 459 -7.82 -22.94 18.98
C GLN A 459 -8.29 -21.59 19.48
N ASP A 460 -7.37 -20.80 20.02
CA ASP A 460 -7.69 -19.48 20.52
C ASP A 460 -8.16 -18.56 19.37
N ILE A 461 -7.42 -18.57 18.27
CA ILE A 461 -7.74 -17.72 17.11
C ILE A 461 -9.02 -18.22 16.40
N CYS A 462 -9.21 -19.53 16.37
CA CYS A 462 -10.38 -20.10 15.74
C CYS A 462 -11.65 -19.88 16.51
N PHE A 463 -11.58 -19.70 17.83
CA PHE A 463 -12.82 -19.59 18.59
C PHE A 463 -12.72 -19.01 20.00
N ASN A 464 -11.78 -19.49 20.81
CA ASN A 464 -11.72 -19.07 22.24
C ASN A 464 -11.57 -17.59 22.46
N ASN A 465 -10.69 -16.94 21.70
CA ASN A 465 -10.48 -15.50 21.84
C ASN A 465 -11.78 -14.72 21.62
N ALA A 466 -12.47 -15.03 20.53
CA ALA A 466 -13.75 -14.34 20.23
C ALA A 466 -14.78 -14.57 21.32
N GLN A 467 -14.89 -15.81 21.77
CA GLN A 467 -15.87 -16.12 22.83
C GLN A 467 -15.60 -15.32 24.11
N ARG A 468 -14.33 -15.19 24.48
CA ARG A 468 -13.98 -14.38 25.65
C ARG A 468 -14.16 -12.87 25.41
N TYR A 469 -13.68 -12.41 24.25
CA TYR A 469 -13.72 -10.97 23.92
C TYR A 469 -15.13 -10.39 23.90
N PHE A 470 -16.06 -11.15 23.31
CA PHE A 470 -17.48 -10.73 23.22
C PHE A 470 -18.31 -10.98 24.50
N THR A 471 -17.69 -11.56 25.52
CA THR A 471 -18.36 -11.76 26.80
C THR A 471 -18.41 -10.42 27.52
N ILE A 472 -19.56 -10.03 28.06
CA ILE A 472 -19.65 -8.78 28.83
C ILE A 472 -19.00 -9.03 30.18
N LYS A 473 -17.90 -8.32 30.44
CA LYS A 473 -17.15 -8.43 31.70
C LYS A 473 -18.02 -7.99 32.88
N ALA B 5 11.37 -27.71 12.61
CA ALA B 5 11.70 -28.51 13.82
C ALA B 5 12.58 -27.76 14.85
N THR B 6 13.64 -27.05 14.42
CA THR B 6 14.51 -26.33 15.39
C THR B 6 14.43 -24.81 15.28
N PHE B 7 14.04 -24.19 16.40
CA PHE B 7 13.89 -22.76 16.48
C PHE B 7 15.19 -21.99 16.68
N THR B 9 18.35 -21.61 14.97
CA THR B 9 19.65 -22.24 15.00
C THR B 9 20.57 -21.12 14.53
N GLU B 10 21.84 -21.45 14.29
CA GLU B 10 22.78 -20.45 13.80
C GLU B 10 22.48 -20.14 12.32
N ASP B 11 21.60 -20.92 11.69
CA ASP B 11 21.18 -20.68 10.29
C ASP B 11 19.77 -20.05 10.24
N PHE B 12 19.38 -19.45 11.37
CA PHE B 12 18.11 -18.72 11.50
C PHE B 12 17.88 -17.77 10.31
N LEU B 13 16.73 -17.94 9.64
CA LEU B 13 16.32 -17.14 8.48
C LEU B 13 17.13 -17.39 7.20
N LEU B 14 18.05 -18.35 7.22
CA LEU B 14 18.88 -18.67 6.06
C LEU B 14 18.30 -19.95 5.49
N LYS B 15 17.59 -19.83 4.35
CA LYS B 15 16.88 -20.98 3.78
C LYS B 15 17.46 -21.62 2.53
N ASN B 16 18.68 -21.26 2.18
CA ASN B 16 19.33 -21.85 1.02
C ASN B 16 20.83 -21.78 1.26
N ASP B 17 21.59 -22.66 0.59
CA ASP B 17 23.05 -22.72 0.76
C ASP B 17 23.79 -21.42 0.49
N ILE B 18 23.40 -20.72 -0.55
CA ILE B 18 24.07 -19.47 -0.89
C ILE B 18 23.90 -18.47 0.25
N ALA B 19 22.70 -18.46 0.84
CA ALA B 19 22.39 -17.53 1.95
C ALA B 19 23.29 -17.82 3.15
N ARG B 20 23.43 -19.09 3.49
CA ARG B 20 24.28 -19.48 4.61
C ARG B 20 25.73 -19.05 4.40
N THR B 21 26.24 -19.24 3.17
CA THR B 21 27.61 -18.83 2.88
C THR B 21 27.75 -17.30 2.97
N LEU B 22 26.83 -16.58 2.34
CA LEU B 22 26.89 -15.11 2.36
C LEU B 22 26.86 -14.58 3.77
N TYR B 23 25.94 -15.10 4.57
CA TYR B 23 25.83 -14.62 5.93
C TYR B 23 27.02 -14.97 6.82
N HIS B 24 27.38 -16.25 6.89
CA HIS B 24 28.47 -16.66 7.77
C HIS B 24 29.87 -16.25 7.34
N LYS B 25 30.08 -16.10 6.03
CA LYS B 25 31.40 -15.73 5.52
C LYS B 25 31.62 -14.24 5.26
N TYR B 26 30.57 -13.51 4.85
CA TYR B 26 30.76 -12.09 4.50
C TYR B 26 29.99 -11.07 5.30
N ALA B 27 28.82 -11.42 5.81
CA ALA B 27 28.01 -10.46 6.58
C ALA B 27 28.30 -10.46 8.08
N ALA B 28 28.21 -11.62 8.71
CA ALA B 28 28.37 -11.76 10.17
C ALA B 28 29.62 -11.12 10.79
N PRO B 29 30.79 -11.30 10.17
CA PRO B 29 32.01 -10.74 10.71
C PRO B 29 32.25 -9.23 10.51
N PRO B 31 32.01 -5.29 11.01
CA PRO B 31 31.67 -4.48 12.16
C PRO B 31 30.39 -3.69 11.87
N ILE B 32 29.90 -2.98 12.89
CA ILE B 32 28.67 -2.19 12.81
C ILE B 32 28.93 -0.68 12.81
N TYR B 33 28.42 0.01 11.78
CA TYR B 33 28.49 1.46 11.69
C TYR B 33 27.03 1.89 11.95
N ASP B 34 26.70 2.08 13.21
CA ASP B 34 25.33 2.41 13.60
C ASP B 34 25.19 3.91 13.48
N PHE B 35 25.00 4.38 12.24
CA PHE B 35 24.94 5.84 11.97
C PHE B 35 23.74 6.63 12.56
N HIS B 36 22.80 5.93 13.16
CA HIS B 36 21.69 6.62 13.74
C HIS B 36 21.08 5.81 14.85
N CYS B 37 21.17 6.35 16.07
CA CYS B 37 20.62 5.70 17.25
C CYS B 37 20.19 6.73 18.28
N HIS B 38 19.58 6.23 19.37
CA HIS B 38 19.12 7.08 20.46
C HIS B 38 19.73 6.69 21.80
N LEU B 39 20.96 6.19 21.77
CA LEU B 39 21.66 5.84 22.98
C LEU B 39 21.98 7.11 23.78
N SER B 40 22.03 6.96 25.10
CA SER B 40 22.37 8.03 26.00
C SER B 40 23.90 8.27 25.99
N PRO B 41 24.33 9.47 25.58
CA PRO B 41 25.78 9.76 25.57
C PRO B 41 26.42 9.66 26.94
N GLN B 42 25.73 10.11 28.00
CA GLN B 42 26.28 10.06 29.33
C GLN B 42 26.48 8.58 29.72
N GLU B 43 25.54 7.70 29.36
CA GLU B 43 25.70 6.27 29.69
C GLU B 43 26.93 5.66 29.00
N ILE B 44 27.25 6.13 27.80
CA ILE B 44 28.43 5.66 27.09
C ILE B 44 29.69 6.24 27.78
N ALA B 45 29.67 7.55 28.04
CA ALA B 45 30.80 8.24 28.70
C ALA B 45 31.14 7.68 30.11
N ASP B 46 30.09 7.44 30.90
CA ASP B 46 30.25 6.91 32.26
C ASP B 46 30.37 5.39 32.29
N ASP B 47 30.24 4.76 31.13
CA ASP B 47 30.33 3.30 30.99
C ASP B 47 29.41 2.64 32.00
N ARG B 48 28.12 2.95 31.88
CA ARG B 48 27.12 2.43 32.81
C ARG B 48 27.17 0.93 33.06
N ARG B 49 27.05 0.58 34.34
CA ARG B 49 26.98 -0.78 34.80
C ARG B 49 25.50 -0.97 35.18
N PHE B 50 24.85 -1.97 34.62
CA PHE B 50 23.44 -2.24 34.91
C PHE B 50 23.30 -3.21 36.08
N ASP B 51 22.39 -2.88 36.99
CA ASP B 51 22.14 -3.70 38.19
C ASP B 51 21.47 -5.02 37.87
N ASN B 52 20.55 -5.02 36.91
CA ASN B 52 19.83 -6.23 36.57
C ASN B 52 19.31 -6.21 35.13
N LEU B 53 18.89 -7.39 34.69
CA LEU B 53 18.40 -7.61 33.33
C LEU B 53 17.17 -6.78 32.97
N GLY B 54 16.30 -6.55 33.94
CA GLY B 54 15.10 -5.75 33.71
C GLY B 54 15.49 -4.32 33.40
N GLN B 55 16.45 -3.82 34.16
CA GLN B 55 16.92 -2.46 34.01
C GLN B 55 17.52 -2.16 32.63
N ILE B 56 18.27 -3.09 32.05
CA ILE B 56 18.90 -2.85 30.75
C ILE B 56 17.99 -3.18 29.56
N TRP B 57 17.00 -4.02 29.81
CA TRP B 57 16.18 -4.56 28.75
C TRP B 57 14.77 -4.07 28.65
N LEU B 58 14.09 -4.02 29.78
CA LEU B 58 12.67 -3.68 29.78
C LEU B 58 12.23 -2.46 29.00
N GLU B 59 12.69 -1.25 29.36
CA GLU B 59 12.27 -0.07 28.58
C GLU B 59 12.54 -0.23 27.05
N GLY B 60 13.71 -0.76 26.70
CA GLY B 60 14.10 -0.94 25.29
C GLY B 60 13.64 0.25 24.45
N ASP B 61 12.87 -0.04 23.40
CA ASP B 61 12.34 1.03 22.52
C ASP B 61 10.80 1.10 22.61
N HIS B 62 10.29 0.72 23.80
CA HIS B 62 8.85 0.77 24.10
C HIS B 62 7.99 -0.25 23.33
N TYR B 63 8.65 -1.22 22.70
CA TYR B 63 7.94 -2.28 22.01
C TYR B 63 7.42 -3.24 23.04
N LYS B 64 8.23 -3.53 24.05
CA LYS B 64 7.80 -4.44 25.09
C LYS B 64 6.60 -3.82 25.78
N TRP B 65 6.70 -2.52 26.08
CA TRP B 65 5.61 -1.83 26.76
C TRP B 65 4.31 -1.94 26.00
N ARG B 66 4.37 -1.74 24.69
CA ARG B 66 3.20 -1.85 23.85
C ARG B 66 2.64 -3.29 23.88
N ALA B 67 3.54 -4.27 23.89
CA ALA B 67 3.15 -5.69 23.95
C ALA B 67 2.48 -6.01 25.30
N LEU B 68 3.08 -5.51 26.38
CA LEU B 68 2.52 -5.69 27.73
C LEU B 68 1.10 -5.12 27.82
N ARG B 69 0.92 -3.90 27.32
CA ARG B 69 -0.38 -3.24 27.35
C ARG B 69 -1.38 -4.02 26.51
N SER B 70 -0.96 -4.48 25.34
CA SER B 70 -1.84 -5.26 24.46
C SER B 70 -2.26 -6.56 25.14
N ALA B 71 -1.35 -7.14 25.93
CA ALA B 71 -1.64 -8.37 26.66
C ALA B 71 -2.51 -8.12 27.90
N GLY B 72 -2.80 -6.85 28.19
CA GLY B 72 -3.66 -6.50 29.32
C GLY B 72 -2.97 -6.37 30.67
N VAL B 73 -1.64 -6.27 30.65
CA VAL B 73 -0.89 -6.10 31.88
C VAL B 73 -1.09 -4.69 32.41
N ASP B 74 -1.29 -4.58 33.72
CA ASP B 74 -1.50 -3.28 34.34
C ASP B 74 -0.26 -2.42 34.14
N GLU B 75 -0.46 -1.11 34.00
CA GLU B 75 0.62 -0.18 33.76
C GLU B 75 1.62 -0.12 34.93
N SER B 76 1.18 -0.51 36.15
CA SER B 76 2.07 -0.51 37.30
C SER B 76 3.24 -1.49 37.10
N LEU B 77 3.02 -2.54 36.31
CA LEU B 77 4.03 -3.55 36.01
C LEU B 77 4.81 -3.24 34.74
N ILE B 78 4.63 -2.05 34.20
CA ILE B 78 5.29 -1.66 32.94
C ILE B 78 6.18 -0.44 33.15
N THR B 79 5.57 0.65 33.62
CA THR B 79 6.28 1.90 33.89
C THR B 79 6.11 2.34 35.37
N GLY B 80 5.33 1.61 36.14
CA GLY B 80 5.07 1.95 37.54
C GLY B 80 6.27 1.98 38.47
N LYS B 81 6.35 3.04 39.28
CA LYS B 81 7.42 3.22 40.26
C LYS B 81 7.15 2.38 41.51
N GLU B 82 5.91 1.89 41.62
CA GLU B 82 5.51 1.08 42.78
C GLU B 82 5.73 -0.43 42.60
N THR B 83 6.48 -0.86 41.58
CA THR B 83 6.80 -2.28 41.41
C THR B 83 8.29 -2.43 41.16
N SER B 84 8.87 -3.53 41.60
CA SER B 84 10.31 -3.76 41.44
C SER B 84 10.67 -4.17 40.00
N ASP B 85 11.96 -4.07 39.68
CA ASP B 85 12.45 -4.47 38.37
C ASP B 85 12.12 -5.93 38.13
N TYR B 86 12.26 -6.75 39.17
CA TYR B 86 12.01 -8.18 39.03
C TYR B 86 10.56 -8.46 38.70
N GLU B 87 9.64 -7.73 39.32
CA GLU B 87 8.21 -7.87 39.05
C GLU B 87 7.89 -7.48 37.59
N LYS B 88 8.49 -6.39 37.11
CA LYS B 88 8.25 -5.97 35.72
C LYS B 88 8.81 -7.04 34.79
N TYR B 89 9.94 -7.63 35.21
CA TYR B 89 10.59 -8.70 34.46
C TYR B 89 9.71 -9.96 34.38
N ALA B 91 6.49 -10.07 34.66
CA ALA B 91 5.33 -9.72 33.84
C ALA B 91 5.70 -9.90 32.36
N TRP B 92 6.92 -9.53 32.00
CA TRP B 92 7.38 -9.66 30.63
C TRP B 92 7.61 -11.13 30.30
N ALA B 93 8.13 -11.88 31.27
CA ALA B 93 8.36 -13.30 31.10
C ALA B 93 7.01 -14.01 30.84
N ASN B 94 5.95 -13.58 31.52
CA ASN B 94 4.60 -14.17 31.32
C ASN B 94 4.00 -13.76 29.96
N THR B 95 4.52 -12.66 29.39
CA THR B 95 4.01 -12.12 28.12
C THR B 95 4.71 -12.64 26.85
N VAL B 96 6.00 -12.92 26.93
CA VAL B 96 6.73 -13.37 25.76
C VAL B 96 6.11 -14.58 25.04
N PRO B 97 5.64 -15.60 25.79
CA PRO B 97 5.02 -16.74 25.08
C PRO B 97 3.81 -16.33 24.24
N LYS B 98 3.27 -15.14 24.50
CA LYS B 98 2.11 -14.61 23.77
C LYS B 98 2.50 -13.77 22.55
N THR B 99 3.80 -13.64 22.29
CA THR B 99 4.30 -12.80 21.20
C THR B 99 4.72 -13.53 19.92
N LEU B 100 4.41 -14.82 19.79
CA LEU B 100 4.77 -15.55 18.56
C LEU B 100 4.27 -14.79 17.33
N GLY B 101 5.17 -14.60 16.36
CA GLY B 101 4.85 -13.87 15.12
C GLY B 101 5.28 -12.41 15.16
N ASN B 102 5.42 -11.87 16.37
CA ASN B 102 5.86 -10.49 16.56
C ASN B 102 7.39 -10.53 16.63
N PRO B 103 8.06 -9.52 16.07
CA PRO B 103 9.53 -9.53 16.11
C PRO B 103 10.08 -9.58 17.53
N LEU B 104 9.29 -9.14 18.50
CA LEU B 104 9.71 -9.24 19.90
C LEU B 104 10.17 -10.66 20.26
N TYR B 105 9.52 -11.68 19.74
CA TYR B 105 9.92 -13.06 20.07
C TYR B 105 11.32 -13.37 19.49
N HIS B 106 11.61 -12.79 18.33
CA HIS B 106 12.92 -12.97 17.73
C HIS B 106 13.97 -12.15 18.46
N TRP B 107 13.70 -10.87 18.67
CA TRP B 107 14.66 -10.01 19.35
C TRP B 107 15.02 -10.56 20.73
N THR B 108 14.03 -10.99 21.48
CA THR B 108 14.27 -11.54 22.80
C THR B 108 15.32 -12.68 22.77
N HIS B 109 15.12 -13.64 21.89
CA HIS B 109 16.02 -14.79 21.80
C HIS B 109 17.37 -14.47 21.13
N LEU B 110 17.37 -13.47 20.25
CA LEU B 110 18.60 -13.03 19.62
C LEU B 110 19.48 -12.36 20.68
N GLU B 111 18.84 -11.53 21.50
CA GLU B 111 19.48 -10.77 22.57
C GLU B 111 19.99 -11.67 23.69
N LEU B 112 19.24 -12.74 23.99
CA LEU B 112 19.71 -13.69 25.01
C LEU B 112 20.91 -14.49 24.47
N ARG B 113 20.97 -14.67 23.15
CA ARG B 113 22.09 -15.39 22.52
C ARG B 113 23.33 -14.50 22.47
N ARG B 114 23.15 -13.27 21.99
CA ARG B 114 24.24 -12.32 21.89
C ARG B 114 23.75 -11.02 22.53
N PRO B 115 24.48 -10.52 23.54
CA PRO B 115 25.74 -10.99 24.09
C PRO B 115 25.71 -11.96 25.30
N PHE B 116 24.55 -12.42 25.72
CA PHE B 116 24.48 -13.27 26.93
C PHE B 116 24.84 -14.75 26.81
N GLY B 117 25.00 -15.25 25.59
CA GLY B 117 25.37 -16.64 25.38
C GLY B 117 24.34 -17.68 25.83
N ILE B 118 23.07 -17.29 25.91
CA ILE B 118 22.02 -18.23 26.29
C ILE B 118 21.36 -18.74 25.02
N THR B 119 21.42 -20.06 24.80
CA THR B 119 20.84 -20.67 23.61
C THR B 119 20.03 -21.93 23.98
N GLY B 120 19.29 -22.46 23.01
CA GLY B 120 18.50 -23.68 23.20
C GLY B 120 17.49 -23.66 24.34
N THR B 121 16.96 -22.49 24.65
CA THR B 121 16.01 -22.33 25.73
C THR B 121 15.02 -21.22 25.41
N LEU B 122 13.73 -21.50 25.57
CA LEU B 122 12.69 -20.50 25.30
C LEU B 122 12.45 -19.65 26.55
N PHE B 123 12.41 -18.33 26.35
CA PHE B 123 12.19 -17.40 27.45
C PHE B 123 10.68 -17.42 27.79
N GLY B 124 10.39 -17.66 29.06
CA GLY B 124 9.02 -17.74 29.56
C GLY B 124 9.05 -17.94 31.06
N PRO B 125 7.87 -18.11 31.67
CA PRO B 125 7.73 -18.28 33.13
C PRO B 125 8.59 -19.37 33.76
N ASP B 126 8.78 -20.48 33.06
CA ASP B 126 9.56 -21.61 33.60
C ASP B 126 11.08 -21.43 33.50
N THR B 127 11.55 -20.49 32.68
CA THR B 127 13.00 -20.26 32.48
C THR B 127 13.49 -18.88 32.96
N ALA B 128 12.58 -17.95 33.16
CA ALA B 128 12.88 -16.57 33.57
C ALA B 128 13.79 -16.38 34.78
N GLU B 129 13.57 -17.16 35.84
CA GLU B 129 14.34 -17.02 37.08
C GLU B 129 15.82 -17.36 36.88
N SER B 130 16.05 -18.46 36.19
CA SER B 130 17.38 -18.91 35.87
C SER B 130 18.04 -17.88 34.95
N ILE B 131 17.34 -17.45 33.89
CA ILE B 131 17.89 -16.46 32.96
C ILE B 131 18.25 -15.14 33.69
N TRP B 132 17.40 -14.73 34.62
CA TRP B 132 17.62 -13.53 35.43
C TRP B 132 18.94 -13.61 36.20
N THR B 133 19.15 -14.72 36.90
CA THR B 133 20.35 -14.91 37.68
C THR B 133 21.60 -14.94 36.83
N GLN B 134 21.58 -15.72 35.75
CA GLN B 134 22.75 -15.83 34.88
C GLN B 134 23.11 -14.49 34.25
N CYS B 135 22.11 -13.77 33.75
CA CYS B 135 22.39 -12.47 33.13
C CYS B 135 22.86 -11.43 34.16
N ASN B 136 22.30 -11.46 35.37
CA ASN B 136 22.72 -10.52 36.41
C ASN B 136 24.20 -10.70 36.80
N GLU B 137 24.68 -11.95 36.80
CA GLU B 137 26.09 -12.21 37.12
C GLU B 137 26.96 -11.62 36.00
N LYS B 138 26.55 -11.84 34.74
N LYS B 138 26.54 -11.84 34.75
CA LYS B 138 27.28 -11.31 33.60
CA LYS B 138 27.25 -11.31 33.58
C LYS B 138 27.26 -9.78 33.60
C LYS B 138 27.26 -9.78 33.60
N LEU B 139 26.10 -9.19 33.92
CA LEU B 139 25.97 -7.73 33.99
C LEU B 139 26.85 -7.08 35.08
N ALA B 140 27.23 -7.87 36.08
CA ALA B 140 28.09 -7.38 37.13
C ALA B 140 29.57 -7.32 36.69
N THR B 141 29.90 -7.87 35.51
CA THR B 141 31.30 -7.87 35.01
C THR B 141 31.51 -6.74 33.99
N PRO B 142 32.76 -6.22 33.88
CA PRO B 142 33.12 -5.13 32.96
C PRO B 142 32.78 -5.35 31.48
N ALA B 143 32.93 -6.58 31.00
CA ALA B 143 32.61 -6.91 29.61
C ALA B 143 31.15 -6.64 29.28
N PHE B 144 30.28 -6.62 30.31
CA PHE B 144 28.84 -6.39 30.09
C PHE B 144 28.34 -5.02 30.53
N SER B 145 29.25 -4.06 30.57
CA SER B 145 28.86 -2.69 30.87
C SER B 145 28.41 -2.11 29.51
N ALA B 146 27.92 -0.87 29.52
CA ALA B 146 27.49 -0.20 28.29
C ALA B 146 28.59 -0.30 27.22
N ARG B 147 29.80 0.16 27.55
CA ARG B 147 30.90 0.10 26.57
C ARG B 147 31.26 -1.33 26.26
N GLY B 148 31.31 -2.17 27.29
CA GLY B 148 31.63 -3.57 27.11
C GLY B 148 30.73 -4.28 26.09
N ILE B 149 29.42 -4.02 26.15
CA ILE B 149 28.49 -4.66 25.22
C ILE B 149 28.75 -4.15 23.80
N GLN B 151 31.53 -3.16 22.50
CA GLN B 151 32.76 -3.80 22.03
C GLN B 151 32.50 -5.25 21.65
N GLN B 152 31.79 -6.00 22.52
CA GLN B 152 31.46 -7.40 22.21
C GLN B 152 30.64 -7.52 20.92
N ASN B 154 30.93 -5.69 18.38
CA ASN B 154 31.76 -5.26 17.27
C ASN B 154 31.34 -3.91 16.66
N VAL B 155 30.87 -3.01 17.53
CA VAL B 155 30.45 -1.68 17.10
C VAL B 155 31.65 -0.80 16.85
N ARG B 156 31.68 -0.18 15.68
CA ARG B 156 32.80 0.68 15.31
C ARG B 156 32.48 2.17 15.52
N VAL B 158 28.87 4.99 16.37
CA VAL B 158 27.46 5.22 16.62
C VAL B 158 27.24 6.70 16.44
N GLY B 159 26.04 7.03 15.97
CA GLY B 159 25.65 8.41 15.77
C GLY B 159 24.44 8.61 16.66
N THR B 160 24.58 9.43 17.69
CA THR B 160 23.49 9.70 18.61
C THR B 160 22.60 10.78 18.02
N THR B 161 21.44 11.00 18.63
CA THR B 161 20.49 12.01 18.14
C THR B 161 20.39 13.10 19.19
N ASP B 162 20.81 14.30 18.83
CA ASP B 162 20.92 15.37 19.79
C ASP B 162 20.27 16.66 19.35
N ASP B 163 19.99 17.53 20.32
CA ASP B 163 19.35 18.80 20.05
C ASP B 163 20.36 19.94 19.95
N PRO B 164 20.09 20.91 19.04
CA PRO B 164 20.96 22.05 18.89
C PRO B 164 21.39 22.73 20.20
N ILE B 165 20.51 22.76 21.19
CA ILE B 165 20.86 23.42 22.47
C ILE B 165 21.70 22.55 23.44
N ASP B 166 21.99 21.30 23.07
CA ASP B 166 22.76 20.44 23.96
C ASP B 166 24.22 20.85 24.02
N SER B 167 24.86 20.58 25.14
CA SER B 167 26.26 20.93 25.34
C SER B 167 27.21 19.98 24.61
N LEU B 168 26.82 18.71 24.48
CA LEU B 168 27.62 17.67 23.85
C LEU B 168 28.90 17.38 24.68
N GLU B 169 28.83 17.69 25.97
CA GLU B 169 29.93 17.48 26.92
C GLU B 169 30.33 16.02 27.02
N TYR B 170 29.35 15.11 26.99
CA TYR B 170 29.66 13.68 27.06
C TYR B 170 30.33 13.20 25.76
N HIS B 171 29.99 13.81 24.64
CA HIS B 171 30.64 13.49 23.38
C HIS B 171 32.11 13.88 23.47
N ARG B 172 32.37 15.09 23.99
CA ARG B 172 33.76 15.54 24.10
C ARG B 172 34.54 14.65 25.05
N GLN B 173 33.89 14.25 26.14
CA GLN B 173 34.52 13.39 27.13
C GLN B 173 34.91 12.06 26.50
N ILE B 174 34.02 11.52 25.67
CA ILE B 174 34.28 10.24 25.00
C ILE B 174 35.41 10.40 24.00
N ALA B 175 35.38 11.50 23.24
CA ALA B 175 36.41 11.76 22.24
C ALA B 175 37.78 11.85 22.91
N ALA B 176 37.84 12.50 24.07
CA ALA B 176 39.07 12.69 24.83
C ALA B 176 39.54 11.46 25.63
N ASP B 177 38.71 10.42 25.70
CA ASP B 177 39.02 9.23 26.47
C ASP B 177 39.60 8.12 25.57
N ASP B 178 40.90 7.89 25.69
CA ASP B 178 41.59 6.86 24.88
C ASP B 178 41.28 5.42 25.24
N SER B 179 40.53 5.18 26.33
CA SER B 179 40.17 3.83 26.71
C SER B 179 38.98 3.31 25.85
N ILE B 180 38.43 4.17 24.98
CA ILE B 180 37.34 3.77 24.12
C ILE B 180 37.67 4.20 22.69
N ASP B 181 37.78 3.23 21.78
CA ASP B 181 38.13 3.50 20.38
C ASP B 181 36.91 3.60 19.46
N ILE B 182 35.71 3.41 20.03
CA ILE B 182 34.49 3.54 19.28
C ILE B 182 34.17 5.03 19.11
N GLU B 183 33.89 5.44 17.90
CA GLU B 183 33.56 6.83 17.61
C GLU B 183 32.11 7.06 17.97
N VAL B 184 31.85 8.09 18.76
CA VAL B 184 30.49 8.43 19.17
C VAL B 184 30.22 9.84 18.69
N ALA B 185 29.56 9.96 17.54
CA ALA B 185 29.32 11.24 16.91
C ALA B 185 27.92 11.77 17.21
N PRO B 186 27.81 13.07 17.49
CA PRO B 186 26.47 13.61 17.70
C PRO B 186 25.80 13.89 16.37
N SER B 187 24.47 13.86 16.34
CA SER B 187 23.70 14.18 15.15
C SER B 187 22.73 15.33 15.47
N TRP B 188 22.67 16.28 14.55
CA TRP B 188 21.87 17.47 14.66
C TRP B 188 20.38 17.21 14.31
N ARG B 189 19.51 17.28 15.32
N ARG B 189 19.52 17.29 15.33
CA ARG B 189 18.07 17.09 15.11
CA ARG B 189 18.07 17.11 15.15
C ARG B 189 17.32 18.34 15.57
C ARG B 189 17.35 18.38 15.59
N PRO B 190 17.09 19.30 14.64
CA PRO B 190 16.44 20.58 14.92
C PRO B 190 14.89 20.62 14.85
N ASP B 191 14.23 19.49 15.05
CA ASP B 191 12.75 19.41 15.02
C ASP B 191 12.06 20.60 15.68
N LYS B 192 12.42 20.89 16.92
CA LYS B 192 11.77 21.97 17.66
C LYS B 192 11.92 23.37 17.04
N VAL B 193 12.98 23.56 16.27
CA VAL B 193 13.25 24.83 15.61
C VAL B 193 12.31 25.09 14.44
N PHE B 194 12.01 24.06 13.62
CA PHE B 194 11.14 24.29 12.44
C PHE B 194 9.63 24.06 12.65
N LYS B 195 9.25 23.37 13.74
CA LYS B 195 7.84 23.12 14.04
C LYS B 195 7.30 24.31 14.85
N ILE B 196 7.14 25.43 14.14
CA ILE B 196 6.70 26.68 14.74
C ILE B 196 5.27 26.64 15.23
N GLU B 197 4.48 25.71 14.70
CA GLU B 197 3.07 25.62 15.09
C GLU B 197 2.85 24.94 16.45
N LEU B 198 3.87 24.28 16.99
CA LEU B 198 3.71 23.59 18.28
C LEU B 198 3.72 24.56 19.47
N ASP B 199 2.94 24.22 20.50
CA ASP B 199 2.83 25.05 21.70
C ASP B 199 4.15 25.46 22.37
N GLY B 200 5.12 24.53 22.42
CA GLY B 200 6.42 24.79 23.07
C GLY B 200 7.47 25.53 22.24
N PHE B 201 7.10 25.99 21.04
CA PHE B 201 8.05 26.66 20.18
C PHE B 201 8.74 27.89 20.80
N VAL B 202 7.96 28.75 21.44
CA VAL B 202 8.51 29.95 22.06
C VAL B 202 9.45 29.58 23.22
N ASP B 203 9.01 28.66 24.10
CA ASP B 203 9.87 28.21 25.20
C ASP B 203 11.19 27.68 24.64
N TYR B 204 11.10 26.86 23.60
CA TYR B 204 12.29 26.32 22.99
C TYR B 204 13.19 27.44 22.43
N LEU B 205 12.57 28.38 21.73
CA LEU B 205 13.30 29.49 21.13
C LEU B 205 14.10 30.24 22.21
N ARG B 206 13.50 30.45 23.37
CA ARG B 206 14.20 31.12 24.46
C ARG B 206 15.42 30.33 24.92
N LYS B 207 15.32 29.00 24.88
CA LYS B 207 16.45 28.15 25.23
C LYS B 207 17.55 28.26 24.15
N LEU B 208 17.14 28.37 22.88
CA LEU B 208 18.08 28.52 21.77
C LEU B 208 18.82 29.86 21.90
N GLU B 209 18.10 30.91 22.29
CA GLU B 209 18.68 32.22 22.47
C GLU B 209 19.80 32.19 23.47
N ALA B 210 19.57 31.53 24.60
CA ALA B 210 20.57 31.41 25.65
C ALA B 210 21.74 30.54 25.20
N ALA B 211 21.43 29.49 24.43
CA ALA B 211 22.44 28.57 23.94
C ALA B 211 23.37 29.24 22.93
N ALA B 212 22.81 30.08 22.07
CA ALA B 212 23.59 30.74 21.02
C ALA B 212 24.01 32.17 21.35
N ASP B 213 23.51 32.72 22.46
CA ASP B 213 23.81 34.08 22.83
C ASP B 213 23.32 35.04 21.71
N VAL B 214 22.10 34.81 21.24
CA VAL B 214 21.50 35.65 20.21
C VAL B 214 20.06 35.96 20.56
N SER B 215 19.69 37.22 20.45
CA SER B 215 18.33 37.65 20.69
C SER B 215 17.59 37.40 19.38
N ILE B 216 16.63 36.47 19.41
CA ILE B 216 15.91 36.09 18.21
C ILE B 216 14.56 36.77 18.07
N THR B 217 14.51 37.78 17.20
CA THR B 217 13.27 38.52 16.92
C THR B 217 12.99 38.62 15.40
N ARG B 218 14.05 38.47 14.59
CA ARG B 218 13.94 38.46 13.13
C ARG B 218 14.45 37.12 12.62
N PHE B 219 14.05 36.75 11.41
CA PHE B 219 14.46 35.47 10.87
C PHE B 219 15.97 35.41 10.77
N ASP B 220 16.59 36.50 10.34
CA ASP B 220 18.02 36.49 10.18
C ASP B 220 18.72 36.17 11.52
N ASP B 221 18.14 36.58 12.64
CA ASP B 221 18.70 36.26 13.96
C ASP B 221 18.68 34.75 14.16
N LEU B 222 17.62 34.11 13.67
CA LEU B 222 17.50 32.66 13.79
C LEU B 222 18.64 32.00 13.02
N ARG B 223 18.94 32.51 11.82
CA ARG B 223 20.05 32.00 11.03
C ARG B 223 21.37 32.14 11.81
N GLN B 224 21.55 33.29 12.47
CA GLN B 224 22.77 33.54 13.24
C GLN B 224 22.88 32.52 14.36
N ALA B 225 21.81 32.35 15.14
CA ALA B 225 21.81 31.40 16.25
C ALA B 225 22.07 29.99 15.77
N LEU B 226 21.39 29.58 14.70
CA LEU B 226 21.56 28.23 14.19
C LEU B 226 22.99 27.98 13.68
N THR B 227 23.61 28.99 13.08
CA THR B 227 24.99 28.89 12.59
C THR B 227 25.92 28.64 13.76
N ARG B 228 25.72 29.36 14.85
CA ARG B 228 26.56 29.18 16.03
C ARG B 228 26.44 27.75 16.57
N ARG B 229 25.21 27.25 16.66
CA ARG B 229 24.98 25.87 17.15
C ARG B 229 25.48 24.83 16.16
N LEU B 230 25.31 25.09 14.86
CA LEU B 230 25.84 24.16 13.82
C LEU B 230 27.36 24.07 13.98
N ASP B 231 27.99 25.21 14.26
CA ASP B 231 29.43 25.26 14.46
C ASP B 231 29.83 24.45 15.69
N HIS B 232 29.02 24.49 16.74
CA HIS B 232 29.33 23.73 17.92
C HIS B 232 29.26 22.22 17.64
N PHE B 233 28.22 21.81 16.91
CA PHE B 233 28.08 20.41 16.51
C PHE B 233 29.24 19.95 15.66
N ALA B 234 29.61 20.77 14.68
CA ALA B 234 30.76 20.50 13.81
C ALA B 234 32.01 20.23 14.64
N ALA B 235 32.30 21.15 15.57
CA ALA B 235 33.49 21.04 16.46
C ALA B 235 33.47 19.78 17.31
N CYS B 236 32.28 19.23 17.58
CA CYS B 236 32.17 18.01 18.39
C CYS B 236 32.05 16.74 17.54
N GLY B 237 32.37 16.84 16.24
CA GLY B 237 32.38 15.67 15.35
C GLY B 237 31.09 15.31 14.63
N CYS B 238 30.14 16.22 14.56
CA CYS B 238 28.90 15.95 13.87
C CYS B 238 29.09 15.79 12.35
N ARG B 239 28.47 14.77 11.78
CA ARG B 239 28.54 14.54 10.33
C ARG B 239 27.15 14.29 9.72
N ALA B 240 26.10 14.41 10.53
CA ALA B 240 24.75 14.15 10.06
C ALA B 240 23.70 14.90 10.83
N SER B 241 22.55 15.07 10.18
CA SER B 241 21.41 15.72 10.76
C SER B 241 20.22 14.80 10.58
N ASP B 242 19.19 15.03 11.37
CA ASP B 242 17.98 14.24 11.33
C ASP B 242 16.79 15.16 11.53
N HIS B 243 15.67 14.82 10.93
CA HIS B 243 14.48 15.64 11.02
C HIS B 243 13.28 14.77 11.07
N GLY B 244 12.56 14.84 12.20
CA GLY B 244 11.33 14.06 12.40
C GLY B 244 10.21 14.93 11.89
N ILE B 245 9.63 14.57 10.75
CA ILE B 245 8.58 15.37 10.14
C ILE B 245 7.24 14.65 10.12
N GLU B 246 6.33 15.08 10.99
CA GLU B 246 4.99 14.49 11.08
C GLU B 246 4.07 15.08 10.05
N THR B 247 4.21 16.37 9.77
CA THR B 247 3.38 17.05 8.79
C THR B 247 4.31 17.72 7.79
N LEU B 248 4.56 17.03 6.68
CA LEU B 248 5.44 17.53 5.64
C LEU B 248 4.69 18.59 4.85
N ARG B 249 5.21 19.80 4.89
CA ARG B 249 4.58 20.89 4.20
C ARG B 249 5.53 21.50 3.19
N PHE B 250 4.97 22.38 2.37
CA PHE B 250 5.76 23.17 1.43
C PHE B 250 5.04 24.36 0.95
N ALA B 251 5.76 25.48 0.94
CA ALA B 251 5.30 26.75 0.39
C ALA B 251 6.57 27.43 -0.07
N PRO B 252 6.54 28.04 -1.27
CA PRO B 252 7.79 28.69 -1.67
C PRO B 252 8.24 29.69 -0.57
N VAL B 253 9.55 29.77 -0.36
CA VAL B 253 10.14 30.65 0.64
C VAL B 253 9.93 32.14 0.29
N PRO B 254 9.23 32.88 1.16
CA PRO B 254 9.01 34.28 0.90
C PRO B 254 10.21 35.12 1.37
N ASP B 255 10.15 36.43 1.18
CA ASP B 255 11.24 37.30 1.59
C ASP B 255 11.29 37.40 3.11
N ASP B 256 12.40 37.94 3.61
CA ASP B 256 12.60 38.07 5.06
C ASP B 256 11.56 38.92 5.79
N ALA B 257 11.01 39.95 5.14
CA ALA B 257 10.00 40.78 5.78
C ALA B 257 8.80 39.90 6.17
N GLN B 258 8.43 38.98 5.29
CA GLN B 258 7.31 38.06 5.56
C GLN B 258 7.69 37.04 6.65
N LEU B 259 8.92 36.53 6.61
CA LEU B 259 9.37 35.58 7.62
C LEU B 259 9.44 36.29 8.98
N ASP B 260 9.94 37.53 8.98
CA ASP B 260 9.96 38.33 10.21
C ASP B 260 8.53 38.48 10.73
N ALA B 261 7.60 38.84 9.85
CA ALA B 261 6.19 39.01 10.26
C ALA B 261 5.63 37.71 10.86
N ILE B 262 5.95 36.56 10.28
CA ILE B 262 5.46 35.27 10.81
C ILE B 262 6.03 35.00 12.19
N LEU B 263 7.34 35.16 12.34
CA LEU B 263 7.95 34.95 13.62
C LEU B 263 7.33 35.92 14.65
N GLY B 264 7.14 37.17 14.24
CA GLY B 264 6.54 38.19 15.10
C GLY B 264 5.19 37.76 15.63
N LYS B 265 4.31 37.27 14.75
CA LYS B 265 2.97 36.82 15.14
C LYS B 265 3.08 35.68 16.14
N ARG B 266 3.92 34.71 15.83
CA ARG B 266 4.09 33.55 16.69
C ARG B 266 4.56 33.95 18.10
N LEU B 267 5.51 34.87 18.16
CA LEU B 267 6.04 35.35 19.44
C LEU B 267 4.99 36.14 20.21
N ALA B 268 4.07 36.77 19.49
CA ALA B 268 3.00 37.53 20.11
C ALA B 268 1.86 36.63 20.57
N GLY B 269 1.83 35.38 20.10
CA GLY B 269 0.78 34.44 20.48
C GLY B 269 -0.39 34.34 19.52
N GLU B 270 -0.26 34.99 18.35
CA GLU B 270 -1.32 34.98 17.34
C GLU B 270 -1.31 33.67 16.55
N THR B 271 -2.49 33.20 16.17
CA THR B 271 -2.60 31.96 15.41
C THR B 271 -2.07 32.18 13.98
N LEU B 272 -1.25 31.24 13.54
CA LEU B 272 -0.68 31.30 12.22
C LEU B 272 -1.54 30.48 11.30
N SER B 273 -1.65 30.89 10.05
CA SER B 273 -2.40 30.14 9.03
C SER B 273 -1.50 29.02 8.52
N GLU B 274 -2.06 28.07 7.78
CA GLU B 274 -1.26 26.97 7.23
C GLU B 274 -0.17 27.50 6.33
N LEU B 275 -0.52 28.48 5.50
CA LEU B 275 0.43 29.07 4.58
C LEU B 275 1.65 29.62 5.31
N GLU B 276 1.40 30.39 6.37
CA GLU B 276 2.48 30.99 7.17
C GLU B 276 3.36 29.91 7.82
N ILE B 277 2.72 28.86 8.34
CA ILE B 277 3.44 27.76 8.95
C ILE B 277 4.30 27.10 7.89
N ALA B 278 3.70 26.81 6.73
CA ALA B 278 4.45 26.17 5.63
C ALA B 278 5.63 27.05 5.20
N GLN B 279 5.39 28.35 5.10
CA GLN B 279 6.43 29.29 4.70
C GLN B 279 7.62 29.30 5.66
N PHE B 280 7.33 29.40 6.95
CA PHE B 280 8.38 29.43 7.96
C PHE B 280 9.15 28.11 7.97
N THR B 281 8.42 27.02 8.08
CA THR B 281 9.02 25.69 8.12
C THR B 281 9.89 25.43 6.90
N THR B 282 9.39 25.75 5.72
CA THR B 282 10.15 25.55 4.50
C THR B 282 11.40 26.46 4.49
N ALA B 283 11.27 27.68 5.00
CA ALA B 283 12.41 28.59 5.03
C ALA B 283 13.56 28.01 5.85
N VAL B 284 13.23 27.45 7.02
CA VAL B 284 14.23 26.87 7.92
C VAL B 284 14.84 25.61 7.35
N LEU B 285 14.01 24.71 6.86
CA LEU B 285 14.52 23.45 6.30
C LEU B 285 15.41 23.68 5.09
N VAL B 286 15.05 24.65 4.23
CA VAL B 286 15.86 24.92 3.06
C VAL B 286 17.20 25.55 3.48
N TRP B 287 17.17 26.50 4.41
CA TRP B 287 18.39 27.13 4.89
C TRP B 287 19.27 26.05 5.54
N LEU B 288 18.69 25.22 6.38
CA LEU B 288 19.42 24.16 7.02
C LEU B 288 20.04 23.22 5.97
N GLY B 289 19.25 22.85 4.96
CA GLY B 289 19.73 21.97 3.89
C GLY B 289 20.98 22.51 3.22
N ARG B 290 20.98 23.82 2.98
CA ARG B 290 22.13 24.44 2.36
C ARG B 290 23.35 24.34 3.28
N GLN B 291 23.16 24.54 4.58
N GLN B 291 23.15 24.51 4.58
CA GLN B 291 24.25 24.44 5.54
CA GLN B 291 24.26 24.45 5.52
C GLN B 291 24.84 23.02 5.52
C GLN B 291 24.83 23.03 5.53
N TYR B 292 23.96 22.01 5.55
CA TYR B 292 24.40 20.60 5.54
C TYR B 292 25.21 20.31 4.28
N ALA B 293 24.75 20.81 3.14
CA ALA B 293 25.45 20.64 1.87
C ALA B 293 26.84 21.26 2.00
N ALA B 294 26.89 22.52 2.44
CA ALA B 294 28.16 23.24 2.61
C ALA B 294 29.13 22.54 3.58
N ARG B 295 28.60 21.88 4.60
CA ARG B 295 29.43 21.19 5.58
C ARG B 295 29.73 19.73 5.25
N GLY B 296 29.13 19.22 4.18
CA GLY B 296 29.34 17.82 3.78
C GLY B 296 28.64 16.79 4.68
N TRP B 297 27.60 17.23 5.41
CA TRP B 297 26.82 16.33 6.29
C TRP B 297 25.71 15.57 5.56
N VAL B 298 25.28 14.46 6.15
CA VAL B 298 24.17 13.70 5.59
C VAL B 298 22.89 14.23 6.23
N GLN B 300 19.09 13.48 7.09
CA GLN B 300 18.09 12.42 7.22
C GLN B 300 16.70 13.04 7.45
N LEU B 301 15.71 12.57 6.69
CA LEU B 301 14.31 13.01 6.84
C LEU B 301 13.46 11.81 7.22
N HIS B 302 13.00 11.78 8.45
CA HIS B 302 12.14 10.70 8.97
C HIS B 302 10.73 11.22 8.92
N ILE B 303 9.99 10.76 7.94
CA ILE B 303 8.68 11.28 7.65
C ILE B 303 7.52 10.36 7.91
N GLY B 304 6.46 10.92 8.50
CA GLY B 304 5.21 10.19 8.63
C GLY B 304 4.62 9.70 9.92
N ALA B 305 5.23 10.00 11.04
CA ALA B 305 4.68 9.54 12.31
C ALA B 305 3.49 10.38 12.73
N ILE B 306 2.63 9.78 13.55
CA ILE B 306 1.53 10.51 14.18
C ILE B 306 1.83 10.24 15.65
N ARG B 307 2.10 11.29 16.43
CA ARG B 307 2.56 11.10 17.83
C ARG B 307 1.61 11.52 18.94
N ASN B 308 1.84 10.97 20.13
CA ASN B 308 1.07 11.29 21.34
C ASN B 308 -0.44 11.18 21.12
N ASN B 309 -0.85 10.04 20.61
CA ASN B 309 -2.25 9.78 20.26
C ASN B 309 -3.16 9.60 21.46
N ASN B 310 -2.56 9.22 22.59
CA ASN B 310 -3.29 8.94 23.81
C ASN B 310 -3.07 10.02 24.85
N THR B 311 -4.06 10.88 24.99
CA THR B 311 -3.98 12.02 25.90
C THR B 311 -3.92 11.63 27.37
N ARG B 312 -4.78 10.70 27.77
CA ARG B 312 -4.79 10.23 29.15
C ARG B 312 -3.39 9.73 29.55
N PHE B 314 -0.50 10.35 27.87
CA PHE B 314 0.48 11.39 27.67
C PHE B 314 0.59 12.25 28.95
N ARG B 315 -0.55 12.57 29.55
CA ARG B 315 -0.57 13.36 30.78
C ARG B 315 0.15 12.66 31.91
N LEU B 316 0.16 11.34 31.92
CA LEU B 316 0.85 10.61 32.97
C LEU B 316 2.30 10.25 32.63
N LEU B 317 2.60 9.98 31.36
CA LEU B 317 3.95 9.50 31.01
C LEU B 317 4.75 10.37 30.06
N GLY B 318 4.10 11.31 29.38
CA GLY B 318 4.80 12.16 28.45
C GLY B 318 5.08 11.48 27.12
N PRO B 319 5.89 12.10 26.27
CA PRO B 319 6.22 11.60 24.93
C PRO B 319 7.18 10.41 24.89
N ASP B 320 7.24 9.75 23.74
CA ASP B 320 8.10 8.59 23.50
C ASP B 320 7.91 7.49 24.54
N THR B 321 6.66 7.14 24.81
CA THR B 321 6.37 6.11 25.79
C THR B 321 5.50 4.98 25.22
N GLY B 322 5.40 4.92 23.89
CA GLY B 322 4.67 3.86 23.19
C GLY B 322 3.28 4.17 22.66
N PHE B 323 2.98 5.47 22.51
CA PHE B 323 1.67 5.91 22.03
C PHE B 323 1.72 6.66 20.71
N ASP B 324 2.74 6.35 19.92
CA ASP B 324 2.93 6.95 18.60
C ASP B 324 2.66 5.85 17.61
N SER B 325 2.22 6.21 16.41
CA SER B 325 1.90 5.22 15.37
C SER B 325 2.14 5.78 13.97
N ILE B 326 1.59 5.13 12.95
CA ILE B 326 1.81 5.52 11.56
C ILE B 326 0.78 6.51 11.00
N GLY B 327 1.30 7.61 10.46
CA GLY B 327 0.48 8.66 9.86
C GLY B 327 0.23 8.35 8.40
N ASP B 328 -0.61 9.14 7.75
CA ASP B 328 -0.94 8.86 6.36
C ASP B 328 -1.22 10.05 5.45
N ASN B 329 -0.53 11.16 5.68
CA ASN B 329 -0.68 12.32 4.80
C ASN B 329 -0.10 12.02 3.43
N ASN B 330 -0.50 12.80 2.43
CA ASN B 330 0.05 12.70 1.10
C ASN B 330 1.37 13.46 1.20
N ILE B 331 2.43 12.97 0.57
CA ILE B 331 3.74 13.59 0.72
C ILE B 331 4.59 13.86 -0.51
N SER B 332 4.30 13.20 -1.65
CA SER B 332 5.16 13.33 -2.85
C SER B 332 5.36 14.77 -3.34
N TRP B 333 4.28 15.53 -3.42
CA TRP B 333 4.39 16.91 -3.91
C TRP B 333 5.31 17.77 -3.01
N ALA B 334 5.05 17.78 -1.70
CA ALA B 334 5.83 18.59 -0.77
C ALA B 334 7.28 18.12 -0.70
N LEU B 335 7.48 16.79 -0.70
CA LEU B 335 8.81 16.24 -0.65
C LEU B 335 9.60 16.69 -1.89
N SER B 336 8.98 16.56 -3.05
CA SER B 336 9.61 16.95 -4.29
C SER B 336 9.99 18.42 -4.29
N ARG B 337 9.05 19.30 -3.91
CA ARG B 337 9.35 20.74 -3.90
C ARG B 337 10.45 21.10 -2.86
N LEU B 338 10.44 20.42 -1.71
CA LEU B 338 11.39 20.68 -0.67
C LEU B 338 12.79 20.32 -1.13
N LEU B 339 12.96 19.10 -1.65
CA LEU B 339 14.26 18.67 -2.14
C LEU B 339 14.71 19.56 -3.32
N ASP B 340 13.81 19.80 -4.25
CA ASP B 340 14.14 20.62 -5.42
C ASP B 340 14.56 22.06 -5.02
N SER B 341 13.96 22.61 -3.94
CA SER B 341 14.31 23.97 -3.47
C SER B 341 15.79 24.08 -3.08
N ASP B 343 18.20 21.66 -4.28
CA ASP B 343 18.95 21.23 -5.47
C ASP B 343 19.02 22.25 -6.61
N VAL B 344 18.05 23.15 -6.70
CA VAL B 344 18.01 24.15 -7.79
C VAL B 344 19.31 25.01 -7.83
N THR B 345 19.93 25.25 -6.67
CA THR B 345 21.17 26.01 -6.59
C THR B 345 22.35 25.06 -6.36
N ASN B 346 22.13 23.77 -6.59
CA ASN B 346 23.11 22.69 -6.39
C ASN B 346 23.55 22.64 -4.92
N GLU B 347 22.58 22.81 -4.03
CA GLU B 347 22.82 22.79 -2.61
C GLU B 347 22.04 21.71 -1.87
N LEU B 348 21.78 20.59 -2.57
CA LEU B 348 21.14 19.46 -1.94
C LEU B 348 22.28 18.63 -1.39
N PRO B 349 22.24 18.31 -0.10
CA PRO B 349 23.29 17.49 0.46
C PRO B 349 22.98 16.01 0.31
N LYS B 350 23.96 15.19 0.68
CA LYS B 350 23.71 13.75 0.73
C LYS B 350 22.45 13.69 1.58
N THR B 351 21.48 12.90 1.16
CA THR B 351 20.18 12.82 1.84
C THR B 351 19.66 11.41 1.94
N ILE B 352 19.14 11.05 3.12
CA ILE B 352 18.54 9.75 3.34
C ILE B 352 17.05 9.97 3.67
N LEU B 353 16.16 9.32 2.91
CA LEU B 353 14.71 9.46 3.12
C LEU B 353 14.11 8.20 3.75
N TYR B 354 13.35 8.38 4.85
CA TYR B 354 12.67 7.28 5.51
C TYR B 354 11.17 7.62 5.56
N CYS B 355 10.32 6.64 5.29
CA CYS B 355 8.86 6.80 5.39
C CYS B 355 8.34 5.83 6.47
N LEU B 356 7.51 6.32 7.37
CA LEU B 356 6.99 5.46 8.43
C LEU B 356 5.79 4.62 7.93
N ASN B 357 5.12 5.10 6.87
CA ASN B 357 3.99 4.38 6.29
C ASN B 357 4.52 3.66 5.06
N PRO B 358 4.57 2.32 5.10
CA PRO B 358 5.15 1.57 3.97
C PRO B 358 4.38 1.69 2.64
N ARG B 359 3.19 2.27 2.67
CA ARG B 359 2.45 2.47 1.43
C ARG B 359 3.25 3.48 0.56
N ASP B 360 4.13 4.24 1.20
CA ASP B 360 4.97 5.24 0.50
C ASP B 360 6.32 4.70 0.01
N ASN B 361 6.55 3.39 0.17
CA ASN B 361 7.84 2.80 -0.25
C ASN B 361 8.25 3.15 -1.69
N GLU B 362 7.32 2.98 -2.60
CA GLU B 362 7.62 3.22 -4.00
C GLU B 362 7.77 4.71 -4.30
N VAL B 363 7.04 5.54 -3.57
CA VAL B 363 7.16 6.99 -3.73
C VAL B 363 8.60 7.42 -3.41
N LEU B 364 9.14 6.92 -2.30
CA LEU B 364 10.48 7.25 -1.91
C LEU B 364 11.52 6.64 -2.81
N ALA B 365 11.35 5.36 -3.16
CA ALA B 365 12.32 4.66 -3.99
C ALA B 365 12.51 5.36 -5.34
N THR B 366 11.43 5.93 -5.89
CA THR B 366 11.49 6.64 -7.18
C THR B 366 11.88 8.11 -6.99
N ILE B 368 14.07 9.43 -4.91
CA ILE B 368 15.56 9.59 -4.81
C ILE B 368 16.26 9.67 -6.18
N GLY B 369 15.70 8.98 -7.18
CA GLY B 369 16.25 8.98 -8.54
C GLY B 369 16.15 10.31 -9.28
N ASN B 370 15.35 11.23 -8.77
CA ASN B 370 15.21 12.55 -9.39
C ASN B 370 16.35 13.49 -9.02
N PHE B 371 17.04 13.20 -7.91
CA PHE B 371 18.05 14.10 -7.38
C PHE B 371 19.43 13.53 -7.11
N GLN B 372 19.84 12.53 -7.87
CA GLN B 372 21.15 11.93 -7.66
C GLN B 372 22.26 12.88 -8.10
N GLY B 373 23.51 12.55 -7.77
CA GLY B 373 24.60 13.46 -8.11
C GLY B 373 25.89 12.80 -8.55
N PRO B 374 26.69 13.54 -9.34
CA PRO B 374 27.95 13.02 -9.85
C PRO B 374 29.05 12.92 -8.79
N GLY B 375 30.00 12.02 -9.01
CA GLY B 375 31.15 11.84 -8.10
C GLY B 375 30.87 11.12 -6.80
N ILE B 376 29.63 10.70 -6.60
CA ILE B 376 29.27 9.98 -5.40
C ILE B 376 28.25 8.92 -5.74
N ALA B 377 28.40 7.75 -5.13
CA ALA B 377 27.52 6.63 -5.34
C ALA B 377 26.29 6.73 -4.45
N GLY B 378 25.14 6.98 -5.04
CA GLY B 378 23.90 7.05 -4.29
C GLY B 378 23.84 8.21 -3.31
N LYS B 379 23.93 9.42 -3.85
CA LYS B 379 23.88 10.62 -3.04
C LYS B 379 22.62 10.68 -2.21
N VAL B 380 21.51 10.28 -2.81
CA VAL B 380 20.20 10.26 -2.14
C VAL B 380 19.80 8.79 -1.90
N GLN B 381 19.57 8.44 -0.64
CA GLN B 381 19.25 7.10 -0.23
C GLN B 381 17.81 6.94 0.27
N PHE B 382 17.30 5.72 0.08
CA PHE B 382 16.02 5.33 0.59
C PHE B 382 16.40 4.45 1.78
N GLY B 383 16.07 4.95 2.98
CA GLY B 383 16.43 4.29 4.22
C GLY B 383 15.80 2.96 4.57
N SER B 384 16.53 2.18 5.34
CA SER B 384 16.06 0.86 5.79
C SER B 384 14.72 0.98 6.53
N GLY B 385 13.90 -0.07 6.47
CA GLY B 385 12.59 -0.09 7.14
C GLY B 385 12.69 0.58 8.51
N TRP B 386 11.91 1.64 8.69
CA TRP B 386 12.00 2.41 9.91
C TRP B 386 10.95 2.10 11.02
N TRP B 387 11.46 1.98 12.24
CA TRP B 387 10.62 1.83 13.44
C TRP B 387 9.70 0.61 13.29
N PHE B 388 8.39 0.82 13.17
CA PHE B 388 7.43 -0.30 13.04
C PHE B 388 7.75 -1.20 11.86
N ASN B 389 8.39 -0.63 10.85
CA ASN B 389 8.78 -1.33 9.65
C ASN B 389 10.12 -2.06 9.79
N ASP B 390 10.80 -1.86 10.94
CA ASP B 390 12.07 -2.54 11.18
C ASP B 390 11.78 -3.93 11.69
N GLN B 391 11.34 -4.77 10.77
CA GLN B 391 11.06 -6.19 11.01
C GLN B 391 11.11 -6.92 9.66
N LYS B 392 11.03 -8.25 9.67
CA LYS B 392 11.23 -9.05 8.46
C LYS B 392 10.37 -8.64 7.27
N ASP B 393 9.05 -8.52 7.46
CA ASP B 393 8.17 -8.12 6.37
C ASP B 393 8.51 -6.71 5.90
N GLY B 394 8.63 -5.82 6.87
CA GLY B 394 8.94 -4.44 6.57
C GLY B 394 10.24 -4.27 5.82
N LEU B 396 11.89 -6.60 4.02
CA LEU B 396 11.82 -7.24 2.73
C LEU B 396 11.12 -6.35 1.72
N ARG B 397 10.10 -5.61 2.15
CA ARG B 397 9.38 -4.74 1.25
C ARG B 397 10.22 -3.51 0.89
N GLN B 398 10.92 -2.96 1.86
CA GLN B 398 11.81 -1.82 1.61
C GLN B 398 12.95 -2.23 0.67
N LEU B 399 13.57 -3.36 0.98
CA LEU B 399 14.65 -3.89 0.14
C LEU B 399 14.18 -4.16 -1.30
N GLU B 400 12.96 -4.68 -1.43
CA GLU B 400 12.43 -5.00 -2.74
C GLU B 400 12.28 -3.72 -3.57
N GLN B 401 11.66 -2.68 -2.99
CA GLN B 401 11.47 -1.43 -3.74
C GLN B 401 12.79 -0.70 -4.05
N LEU B 402 13.71 -0.66 -3.09
CA LEU B 402 15.02 -0.06 -3.36
C LEU B 402 15.69 -0.80 -4.50
N SER B 403 15.55 -2.13 -4.53
CA SER B 403 16.16 -2.95 -5.56
C SER B 403 15.58 -2.73 -6.92
N GLN B 404 14.25 -2.63 -6.98
CA GLN B 404 13.54 -2.43 -8.24
C GLN B 404 13.66 -1.01 -8.79
N GLY B 406 15.95 1.47 -7.53
CA GLY B 406 17.28 2.05 -7.38
C GLY B 406 18.38 1.02 -7.45
N LEU B 407 19.48 1.32 -6.74
CA LEU B 407 20.63 0.44 -6.73
C LEU B 407 20.90 -0.11 -5.34
N LEU B 408 20.55 -1.37 -5.13
CA LEU B 408 20.77 -2.02 -3.83
C LEU B 408 22.25 -2.01 -3.47
N SER B 409 23.10 -2.21 -4.49
CA SER B 409 24.56 -2.24 -4.28
C SER B 409 25.12 -1.01 -3.56
N GLN B 410 24.45 0.13 -3.68
N GLN B 410 24.46 0.13 -3.69
CA GLN B 410 24.92 1.38 -3.06
CA GLN B 410 24.91 1.38 -3.05
C GLN B 410 24.18 1.73 -1.77
C GLN B 410 24.18 1.73 -1.76
N PHE B 411 23.34 0.82 -1.28
CA PHE B 411 22.57 1.03 -0.04
C PHE B 411 23.46 1.17 1.22
N VAL B 412 23.24 2.26 1.97
CA VAL B 412 24.03 2.52 3.21
C VAL B 412 23.69 1.49 4.27
N GLY B 413 22.52 0.87 4.12
CA GLY B 413 22.12 -0.19 5.01
C GLY B 413 21.39 0.11 6.30
N LEU B 415 20.57 0.53 10.52
CA LEU B 415 20.85 1.35 11.71
C LEU B 415 19.84 0.87 12.75
N THR B 416 20.23 0.89 14.01
CA THR B 416 19.34 0.40 15.08
C THR B 416 18.23 1.37 15.45
N ASP B 417 18.51 2.67 15.37
CA ASP B 417 17.53 3.71 15.76
C ASP B 417 17.07 3.45 17.19
N SER B 418 17.96 2.90 18.01
CA SER B 418 17.56 2.50 19.35
C SER B 418 18.28 3.19 20.52
N ARG B 419 17.60 3.20 21.67
CA ARG B 419 18.16 3.73 22.89
C ARG B 419 18.70 2.57 23.76
N SER B 420 18.62 1.33 23.28
CA SER B 420 19.09 0.17 24.08
C SER B 420 20.42 -0.40 23.65
N PHE B 421 21.26 -0.74 24.63
CA PHE B 421 22.56 -1.34 24.34
C PHE B 421 22.43 -2.79 23.85
N LEU B 422 21.22 -3.36 23.93
CA LEU B 422 21.00 -4.72 23.45
C LEU B 422 20.38 -4.69 22.03
N SER B 423 20.40 -3.53 21.38
CA SER B 423 19.79 -3.40 20.05
C SER B 423 20.67 -3.87 18.87
N TYR B 424 21.95 -4.14 19.12
CA TYR B 424 22.87 -4.50 18.01
C TYR B 424 22.51 -5.80 17.29
N THR B 425 21.71 -6.65 17.93
CA THR B 425 21.19 -7.83 17.27
C THR B 425 20.20 -7.45 16.14
N ARG B 426 19.77 -6.19 16.08
CA ARG B 426 18.93 -5.76 14.96
C ARG B 426 19.73 -5.78 13.65
N HIS B 427 21.04 -5.59 13.76
CA HIS B 427 21.92 -5.67 12.58
C HIS B 427 22.05 -7.12 12.18
N GLU B 428 22.16 -8.03 13.15
CA GLU B 428 22.23 -9.43 12.83
C GLU B 428 20.93 -9.84 12.10
N TYR B 429 19.79 -9.36 12.59
CA TYR B 429 18.47 -9.71 12.02
C TYR B 429 18.43 -9.25 10.57
N PHE B 430 18.78 -7.98 10.35
CA PHE B 430 18.85 -7.39 9.00
C PHE B 430 19.78 -8.18 8.06
N ARG B 431 20.97 -8.52 8.56
CA ARG B 431 21.96 -9.21 7.73
C ARG B 431 21.51 -10.59 7.27
N ARG B 432 20.87 -11.33 8.18
CA ARG B 432 20.33 -12.64 7.86
C ARG B 432 19.27 -12.51 6.77
N ILE B 433 18.39 -11.52 6.92
CA ILE B 433 17.32 -11.26 5.97
C ILE B 433 17.90 -10.88 4.57
N LEU B 434 18.85 -9.96 4.54
CA LEU B 434 19.49 -9.54 3.29
C LEU B 434 20.17 -10.71 2.58
N CYS B 435 20.95 -11.49 3.34
CA CYS B 435 21.66 -12.63 2.77
C CYS B 435 20.70 -13.68 2.24
N ASN B 436 19.57 -13.87 2.93
CA ASN B 436 18.59 -14.84 2.45
C ASN B 436 17.95 -14.34 1.16
N LEU B 437 17.67 -13.03 1.09
CA LEU B 437 17.08 -12.45 -0.10
C LEU B 437 18.00 -12.67 -1.31
N LEU B 438 19.26 -12.27 -1.18
CA LEU B 438 20.26 -12.42 -2.25
C LEU B 438 20.47 -13.89 -2.60
N GLY B 439 20.53 -14.72 -1.57
CA GLY B 439 20.71 -16.16 -1.76
C GLY B 439 19.56 -16.76 -2.54
N GLN B 440 18.34 -16.36 -2.20
CA GLN B 440 17.18 -16.91 -2.89
C GLN B 440 17.19 -16.48 -4.36
N TRP B 441 17.48 -15.19 -4.61
CA TRP B 441 17.52 -14.70 -5.98
C TRP B 441 18.54 -15.47 -6.81
N ALA B 442 19.72 -15.71 -6.23
CA ALA B 442 20.77 -16.42 -6.95
C ALA B 442 20.40 -17.87 -7.19
N GLN B 443 19.84 -18.49 -6.17
CA GLN B 443 19.43 -19.88 -6.28
C GLN B 443 18.32 -20.04 -7.33
N ASP B 444 17.42 -19.06 -7.42
CA ASP B 444 16.35 -19.13 -8.40
C ASP B 444 16.78 -18.66 -9.80
N GLY B 445 18.05 -18.34 -9.99
CA GLY B 445 18.55 -17.92 -11.29
C GLY B 445 18.15 -16.49 -11.70
N GLU B 446 17.83 -15.67 -10.72
CA GLU B 446 17.39 -14.28 -10.98
C GLU B 446 18.54 -13.31 -10.95
N ILE B 447 19.64 -13.71 -10.32
CA ILE B 447 20.91 -12.95 -10.34
C ILE B 447 22.02 -14.00 -10.45
N PRO B 448 23.16 -13.63 -11.02
CA PRO B 448 24.25 -14.59 -11.11
C PRO B 448 24.68 -15.07 -9.73
N ASP B 449 25.09 -16.33 -9.62
CA ASP B 449 25.60 -16.83 -8.34
C ASP B 449 27.13 -16.62 -8.28
N ASP B 450 27.58 -15.51 -8.85
CA ASP B 450 29.01 -15.16 -8.84
C ASP B 450 29.30 -14.69 -7.40
N GLU B 451 30.02 -15.52 -6.66
CA GLU B 451 30.29 -15.21 -5.26
C GLU B 451 31.15 -13.96 -5.06
N ALA B 452 32.01 -13.64 -6.00
CA ALA B 452 32.85 -12.44 -5.91
C ALA B 452 31.94 -11.21 -5.85
N LEU B 454 28.57 -11.07 -5.16
CA LEU B 454 27.68 -11.10 -4.00
C LEU B 454 28.41 -10.77 -2.69
N SER B 455 29.61 -11.32 -2.48
CA SER B 455 30.38 -11.04 -1.27
C SER B 455 30.66 -9.54 -1.16
N ARG B 456 31.10 -8.92 -2.25
CA ARG B 456 31.35 -7.48 -2.26
C ARG B 456 30.09 -6.68 -1.89
N VAL B 458 27.48 -7.69 -0.17
CA VAL B 458 27.13 -7.93 1.22
C VAL B 458 28.04 -7.10 2.14
N GLN B 459 29.33 -7.10 1.86
CA GLN B 459 30.27 -6.33 2.68
C GLN B 459 29.91 -4.84 2.62
N ASP B 460 29.61 -4.36 1.41
CA ASP B 460 29.25 -2.96 1.20
C ASP B 460 27.96 -2.53 1.91
N ILE B 461 26.89 -3.28 1.72
CA ILE B 461 25.62 -2.97 2.34
C ILE B 461 25.69 -3.09 3.87
N CYS B 462 26.50 -4.03 4.36
CA CYS B 462 26.62 -4.27 5.81
C CYS B 462 27.50 -3.28 6.52
N PHE B 463 28.40 -2.59 5.80
CA PHE B 463 29.29 -1.63 6.46
C PHE B 463 30.01 -0.61 5.57
N ASN B 464 30.65 -1.06 4.50
CA ASN B 464 31.48 -0.16 3.69
C ASN B 464 30.73 1.05 3.10
N ASN B 465 29.51 0.84 2.59
CA ASN B 465 28.75 1.94 2.02
C ASN B 465 28.49 3.03 3.05
N ALA B 466 28.03 2.61 4.23
CA ALA B 466 27.75 3.53 5.33
C ALA B 466 29.00 4.30 5.75
N GLN B 467 30.11 3.58 5.97
CA GLN B 467 31.32 4.24 6.42
C GLN B 467 31.83 5.26 5.42
N ARG B 468 31.71 4.94 4.14
CA ARG B 468 32.15 5.84 3.08
C ARG B 468 31.23 7.05 2.96
N TYR B 469 29.92 6.79 2.94
CA TYR B 469 28.90 7.81 2.78
C TYR B 469 28.92 8.90 3.87
N PHE B 470 29.14 8.48 5.12
CA PHE B 470 29.18 9.41 6.24
C PHE B 470 30.49 10.17 6.43
N THR B 471 31.45 9.92 5.54
CA THR B 471 32.72 10.61 5.58
C THR B 471 32.50 12.01 5.01
N ILE B 472 32.98 13.03 5.72
CA ILE B 472 32.85 14.43 5.26
C ILE B 472 33.89 14.62 4.14
N LYS B 473 33.40 14.51 2.90
CA LYS B 473 34.22 14.53 1.69
C LYS B 473 34.68 15.90 1.18
N THR C 6 21.48 -21.59 -12.24
CA THR C 6 22.21 -20.82 -13.29
C THR C 6 21.41 -19.58 -13.69
N PHE C 7 22.13 -18.51 -13.99
CA PHE C 7 21.52 -17.25 -14.35
C PHE C 7 20.93 -17.20 -15.76
N THR C 9 18.66 -19.01 -17.77
CA THR C 9 18.68 -20.15 -18.68
C THR C 9 17.43 -19.94 -19.55
N GLU C 10 17.10 -20.92 -20.39
CA GLU C 10 15.85 -20.79 -21.18
C GLU C 10 14.65 -20.94 -20.26
N ASP C 11 14.87 -21.48 -19.05
CA ASP C 11 13.78 -21.65 -18.06
C ASP C 11 13.75 -20.50 -17.02
N PHE C 12 14.28 -19.35 -17.43
CA PHE C 12 14.34 -18.14 -16.61
C PHE C 12 12.96 -17.79 -16.06
N LEU C 13 12.89 -17.69 -14.73
CA LEU C 13 11.67 -17.35 -14.00
C LEU C 13 10.60 -18.45 -13.98
N LEU C 14 10.87 -19.59 -14.62
CA LEU C 14 9.93 -20.73 -14.65
C LEU C 14 10.41 -21.69 -13.56
N LYS C 15 9.71 -21.73 -12.43
N LYS C 15 9.71 -21.76 -12.44
CA LYS C 15 10.11 -22.55 -11.27
CA LYS C 15 10.18 -22.57 -11.32
C LYS C 15 9.46 -23.92 -11.12
C LYS C 15 9.44 -23.90 -11.10
N ASN C 16 8.65 -24.31 -12.09
CA ASN C 16 7.97 -25.58 -12.01
C ASN C 16 7.65 -26.08 -13.39
N ASP C 17 7.40 -27.38 -13.50
CA ASP C 17 7.12 -28.01 -14.78
C ASP C 17 5.89 -27.50 -15.51
N ILE C 18 4.81 -27.23 -14.79
CA ILE C 18 3.61 -26.72 -15.46
C ILE C 18 3.97 -25.39 -16.15
N ALA C 19 4.69 -24.52 -15.43
CA ALA C 19 5.13 -23.22 -15.96
C ALA C 19 5.98 -23.40 -17.21
N ARG C 20 6.89 -24.36 -17.16
CA ARG C 20 7.75 -24.65 -18.30
C ARG C 20 6.91 -25.02 -19.51
N THR C 21 5.95 -25.92 -19.33
CA THR C 21 5.05 -26.32 -20.43
C THR C 21 4.24 -25.10 -20.93
N LEU C 22 3.58 -24.39 -20.02
CA LEU C 22 2.77 -23.23 -20.43
C LEU C 22 3.57 -22.22 -21.21
N TYR C 23 4.79 -21.93 -20.76
CA TYR C 23 5.61 -20.94 -21.44
C TYR C 23 6.18 -21.42 -22.79
N HIS C 24 6.91 -22.52 -22.78
CA HIS C 24 7.56 -22.98 -24.01
C HIS C 24 6.60 -23.49 -25.09
N LYS C 25 5.50 -24.11 -24.69
CA LYS C 25 4.57 -24.67 -25.64
C LYS C 25 3.48 -23.70 -26.08
N TYR C 26 3.02 -22.81 -25.19
CA TYR C 26 1.92 -21.91 -25.55
C TYR C 26 2.19 -20.41 -25.56
N ALA C 27 2.93 -19.91 -24.58
CA ALA C 27 3.16 -18.45 -24.51
C ALA C 27 4.16 -17.93 -25.53
N ALA C 28 5.37 -18.51 -25.52
CA ALA C 28 6.45 -18.07 -26.39
C ALA C 28 6.12 -17.99 -27.89
N PRO C 29 5.35 -18.96 -28.43
CA PRO C 29 5.03 -18.88 -29.85
C PRO C 29 4.01 -17.81 -30.22
N PRO C 31 2.22 -14.37 -31.09
CA PRO C 31 2.72 -13.09 -31.59
C PRO C 31 2.42 -11.97 -30.59
N ILE C 32 2.99 -10.80 -30.86
CA ILE C 32 2.82 -9.64 -30.01
C ILE C 32 1.92 -8.57 -30.59
N TYR C 33 0.98 -8.11 -29.76
CA TYR C 33 0.11 -6.99 -30.09
C TYR C 33 0.44 -5.91 -29.08
N ASP C 34 1.41 -5.09 -29.43
CA ASP C 34 1.88 -4.03 -28.54
C ASP C 34 0.95 -2.85 -28.73
N PHE C 35 -0.21 -2.95 -28.09
CA PHE C 35 -1.27 -1.95 -28.24
C PHE C 35 -1.00 -0.54 -27.73
N HIS C 36 0.09 -0.36 -26.99
CA HIS C 36 0.46 0.97 -26.52
C HIS C 36 1.98 1.06 -26.38
N CYS C 37 2.57 1.94 -27.18
CA CYS C 37 4.00 2.15 -27.17
C CYS C 37 4.28 3.59 -27.58
N HIS C 38 5.55 3.96 -27.54
CA HIS C 38 5.99 5.29 -27.92
C HIS C 38 7.03 5.26 -29.06
N LEU C 39 6.97 4.24 -29.91
CA LEU C 39 7.92 4.13 -31.03
C LEU C 39 7.71 5.28 -31.99
N SER C 40 8.80 5.68 -32.65
CA SER C 40 8.76 6.75 -33.63
C SER C 40 8.22 6.20 -34.95
N PRO C 41 7.07 6.70 -35.41
CA PRO C 41 6.53 6.18 -36.67
C PRO C 41 7.46 6.42 -37.87
N GLN C 42 8.22 7.52 -37.85
CA GLN C 42 9.13 7.84 -38.94
C GLN C 42 10.26 6.79 -38.96
N GLU C 43 10.72 6.36 -37.78
CA GLU C 43 11.76 5.34 -37.71
C GLU C 43 11.26 4.02 -38.30
N ILE C 44 9.97 3.72 -38.08
CA ILE C 44 9.36 2.50 -38.63
C ILE C 44 9.16 2.66 -40.15
N ALA C 45 8.65 3.82 -40.56
CA ALA C 45 8.41 4.11 -41.98
C ALA C 45 9.69 4.07 -42.81
N ASP C 46 10.72 4.78 -42.35
CA ASP C 46 12.02 4.83 -43.04
C ASP C 46 12.91 3.63 -42.72
N ASP C 47 12.42 2.71 -41.89
CA ASP C 47 13.17 1.51 -41.49
C ASP C 47 14.57 1.89 -41.02
N ARG C 48 14.63 2.62 -39.92
CA ARG C 48 15.91 3.10 -39.38
C ARG C 48 16.98 2.03 -39.16
N ARG C 49 18.19 2.38 -39.58
CA ARG C 49 19.34 1.52 -39.43
C ARG C 49 20.17 2.15 -38.30
N PHE C 50 20.53 1.36 -37.30
CA PHE C 50 21.32 1.89 -36.18
C PHE C 50 22.84 1.76 -36.42
N ASP C 51 23.58 2.82 -36.09
CA ASP C 51 25.03 2.83 -36.28
C ASP C 51 25.75 1.92 -35.29
N ASN C 52 25.30 1.91 -34.05
CA ASN C 52 25.98 1.10 -33.05
C ASN C 52 25.10 0.73 -31.87
N LEU C 53 25.60 -0.18 -31.05
CA LEU C 53 24.86 -0.68 -29.88
C LEU C 53 24.50 0.48 -28.94
N GLY C 54 25.48 1.27 -28.56
CA GLY C 54 25.24 2.40 -27.68
C GLY C 54 24.04 3.24 -28.14
N GLN C 55 23.99 3.51 -29.43
CA GLN C 55 22.95 4.34 -30.01
C GLN C 55 21.55 3.79 -29.78
N ILE C 56 21.31 2.58 -30.27
CA ILE C 56 19.99 1.93 -30.15
C ILE C 56 19.56 1.62 -28.71
N TRP C 57 20.52 1.52 -27.82
CA TRP C 57 20.28 1.04 -26.48
C TRP C 57 20.31 2.04 -25.33
N LEU C 58 21.22 2.99 -25.39
CA LEU C 58 21.39 3.90 -24.28
C LEU C 58 20.21 4.75 -23.86
N GLU C 59 19.63 5.54 -24.76
CA GLU C 59 18.47 6.36 -24.36
C GLU C 59 17.30 5.51 -23.83
N GLY C 60 16.98 4.43 -24.55
CA GLY C 60 15.88 3.53 -24.18
C GLY C 60 14.71 4.31 -23.63
N ASP C 61 14.34 4.01 -22.38
CA ASP C 61 13.23 4.70 -21.70
C ASP C 61 13.68 5.52 -20.46
N HIS C 62 14.99 5.88 -20.45
CA HIS C 62 15.60 6.70 -19.40
C HIS C 62 15.87 5.95 -18.08
N TYR C 63 15.66 4.63 -18.10
CA TYR C 63 15.97 3.82 -16.92
C TYR C 63 17.48 3.78 -16.77
N LYS C 64 18.20 3.55 -17.86
CA LYS C 64 19.66 3.52 -17.78
C LYS C 64 20.19 4.87 -17.27
N TRP C 65 19.64 5.99 -17.75
CA TRP C 65 20.15 7.30 -17.31
C TRP C 65 20.03 7.49 -15.81
N ARG C 66 18.91 7.04 -15.26
CA ARG C 66 18.67 7.13 -13.83
C ARG C 66 19.66 6.26 -13.03
N ALA C 67 19.95 5.06 -13.52
CA ALA C 67 20.93 4.17 -12.85
C ALA C 67 22.33 4.79 -12.87
N LEU C 68 22.71 5.34 -14.04
CA LEU C 68 24.00 6.00 -14.22
C LEU C 68 24.18 7.15 -13.24
N ARG C 69 23.15 7.98 -13.12
CA ARG C 69 23.20 9.11 -12.20
C ARG C 69 23.29 8.59 -10.76
N SER C 70 22.53 7.55 -10.44
CA SER C 70 22.57 6.97 -9.09
C SER C 70 23.97 6.46 -8.80
N ALA C 71 24.66 5.91 -9.81
CA ALA C 71 26.03 5.41 -9.63
C ALA C 71 27.07 6.52 -9.52
N GLY C 72 26.66 7.76 -9.74
CA GLY C 72 27.57 8.92 -9.64
C GLY C 72 28.28 9.27 -10.94
N VAL C 73 27.82 8.72 -12.05
CA VAL C 73 28.42 9.00 -13.36
C VAL C 73 28.10 10.42 -13.82
N ASP C 74 29.11 11.11 -14.34
CA ASP C 74 28.99 12.49 -14.81
C ASP C 74 27.95 12.57 -15.95
N GLU C 75 27.12 13.61 -15.93
CA GLU C 75 26.06 13.79 -16.93
C GLU C 75 26.59 13.84 -18.39
N SER C 76 27.82 14.31 -18.57
CA SER C 76 28.38 14.37 -19.93
C SER C 76 28.46 12.98 -20.58
N LEU C 77 28.59 11.93 -19.74
CA LEU C 77 28.67 10.55 -20.20
C LEU C 77 27.29 9.87 -20.29
N ILE C 78 26.23 10.64 -20.03
CA ILE C 78 24.85 10.14 -20.05
C ILE C 78 24.06 10.79 -21.21
N THR C 79 23.93 12.12 -21.17
CA THR C 79 23.20 12.88 -22.19
C THR C 79 24.06 13.90 -22.98
N GLY C 80 25.31 14.10 -22.58
CA GLY C 80 26.17 15.07 -23.26
C GLY C 80 26.30 14.85 -24.77
N LYS C 81 26.18 15.93 -25.55
CA LYS C 81 26.32 15.83 -27.02
C LYS C 81 27.82 15.77 -27.34
N GLU C 82 28.61 16.06 -26.31
CA GLU C 82 30.06 16.11 -26.34
C GLU C 82 30.78 14.75 -26.38
N THR C 83 30.32 13.78 -25.60
CA THR C 83 30.98 12.46 -25.56
C THR C 83 30.44 11.53 -26.65
N SER C 84 31.26 10.55 -27.05
CA SER C 84 30.88 9.61 -28.11
C SER C 84 29.99 8.48 -27.59
N ASP C 85 29.41 7.75 -28.53
CA ASP C 85 28.54 6.63 -28.21
C ASP C 85 29.32 5.55 -27.48
N TYR C 86 30.55 5.31 -27.89
CA TYR C 86 31.36 4.28 -27.23
C TYR C 86 31.70 4.68 -25.79
N GLU C 87 32.02 5.94 -25.57
CA GLU C 87 32.34 6.41 -24.19
C GLU C 87 31.12 6.19 -23.32
N LYS C 88 29.96 6.62 -23.80
CA LYS C 88 28.71 6.43 -23.06
C LYS C 88 28.43 4.95 -22.79
N TYR C 89 28.71 4.11 -23.79
CA TYR C 89 28.55 2.66 -23.67
C TYR C 89 29.45 2.08 -22.59
N ALA C 91 30.65 3.65 -20.03
CA ALA C 91 30.16 4.12 -18.76
C ALA C 91 29.06 3.18 -18.29
N TRP C 92 28.20 2.79 -19.23
CA TRP C 92 27.11 1.85 -18.93
C TRP C 92 27.65 0.45 -18.58
N ALA C 93 28.69 -0.01 -19.28
CA ALA C 93 29.31 -1.31 -19.01
C ALA C 93 29.88 -1.34 -17.58
N ASN C 94 30.44 -0.21 -17.16
CA ASN C 94 30.99 -0.07 -15.82
C ASN C 94 29.90 -0.04 -14.77
N THR C 95 28.69 0.38 -15.15
CA THR C 95 27.58 0.50 -14.23
C THR C 95 26.72 -0.76 -14.09
N VAL C 96 26.60 -1.55 -15.16
CA VAL C 96 25.73 -2.72 -15.10
C VAL C 96 26.01 -3.68 -13.93
N PRO C 97 27.30 -3.92 -13.60
CA PRO C 97 27.57 -4.82 -12.46
C PRO C 97 27.05 -4.28 -11.11
N LYS C 98 26.67 -3.01 -11.06
CA LYS C 98 26.15 -2.39 -9.83
C LYS C 98 24.61 -2.45 -9.78
N THR C 99 23.98 -3.05 -10.78
CA THR C 99 22.52 -3.07 -10.86
C THR C 99 21.81 -4.36 -10.48
N LEU C 100 22.49 -5.25 -9.77
CA LEU C 100 21.86 -6.49 -9.33
C LEU C 100 20.63 -6.17 -8.48
N GLY C 101 19.55 -6.89 -8.75
CA GLY C 101 18.29 -6.68 -8.07
C GLY C 101 17.40 -5.71 -8.84
N ASN C 102 18.00 -4.90 -9.71
CA ASN C 102 17.26 -3.94 -10.51
C ASN C 102 16.91 -4.61 -11.85
N PRO C 103 15.68 -4.40 -12.34
CA PRO C 103 15.27 -5.01 -13.60
C PRO C 103 16.23 -4.70 -14.76
N LEU C 104 17.00 -3.63 -14.65
CA LEU C 104 17.98 -3.31 -15.69
C LEU C 104 18.91 -4.49 -15.95
N TYR C 105 19.21 -5.27 -14.90
CA TYR C 105 20.10 -6.39 -15.07
C TYR C 105 19.43 -7.47 -15.89
N HIS C 106 18.11 -7.59 -15.75
CA HIS C 106 17.38 -8.56 -16.54
C HIS C 106 17.21 -8.07 -17.97
N TRP C 107 16.84 -6.81 -18.15
CA TRP C 107 16.64 -6.30 -19.51
C TRP C 107 17.92 -6.41 -20.32
N THR C 108 19.01 -5.93 -19.74
CA THR C 108 20.31 -5.97 -20.40
C THR C 108 20.56 -7.35 -21.01
N HIS C 109 20.46 -8.39 -20.19
CA HIS C 109 20.74 -9.74 -20.63
C HIS C 109 19.66 -10.34 -21.54
N LEU C 110 18.40 -10.00 -21.28
CA LEU C 110 17.30 -10.44 -22.12
C LEU C 110 17.51 -9.89 -23.55
N GLU C 111 17.82 -8.61 -23.63
CA GLU C 111 18.02 -7.92 -24.90
C GLU C 111 19.24 -8.47 -25.65
N LEU C 112 20.30 -8.83 -24.93
CA LEU C 112 21.47 -9.41 -25.56
C LEU C 112 21.16 -10.79 -26.13
N ARG C 113 20.25 -11.52 -25.47
CA ARG C 113 19.86 -12.84 -25.94
C ARG C 113 18.95 -12.72 -27.17
N ARG C 114 17.95 -11.86 -27.10
CA ARG C 114 17.01 -11.64 -28.20
C ARG C 114 16.86 -10.13 -28.40
N PRO C 115 17.17 -9.63 -29.61
CA PRO C 115 17.54 -10.35 -30.82
C PRO C 115 19.02 -10.64 -31.11
N PHE C 116 19.95 -10.22 -30.27
CA PHE C 116 21.38 -10.36 -30.59
C PHE C 116 22.05 -11.74 -30.51
N GLY C 117 21.40 -12.72 -29.89
CA GLY C 117 21.95 -14.09 -29.79
C GLY C 117 23.15 -14.29 -28.84
N ILE C 118 23.38 -13.34 -27.96
CA ILE C 118 24.47 -13.42 -27.01
C ILE C 118 23.97 -14.03 -25.72
N THR C 119 24.58 -15.14 -25.33
CA THR C 119 24.19 -15.85 -24.13
C THR C 119 25.40 -16.33 -23.34
N GLY C 120 25.15 -16.71 -22.09
CA GLY C 120 26.19 -17.24 -21.22
C GLY C 120 27.33 -16.31 -20.86
N THR C 121 27.07 -15.00 -20.89
CA THR C 121 28.10 -14.05 -20.55
C THR C 121 27.45 -12.84 -19.86
N LEU C 122 28.06 -12.39 -18.78
CA LEU C 122 27.56 -11.24 -18.03
C LEU C 122 28.15 -9.96 -18.64
N PHE C 123 27.28 -8.99 -18.89
CA PHE C 123 27.69 -7.72 -19.46
C PHE C 123 28.39 -6.86 -18.40
N GLY C 124 29.63 -6.51 -18.70
CA GLY C 124 30.46 -5.71 -17.81
C GLY C 124 31.72 -5.22 -18.54
N PRO C 125 32.60 -4.53 -17.80
CA PRO C 125 33.83 -4.00 -18.42
C PRO C 125 34.65 -5.05 -19.17
N ASP C 126 34.78 -6.25 -18.60
CA ASP C 126 35.56 -7.33 -19.22
C ASP C 126 34.96 -7.98 -20.48
N THR C 127 33.68 -7.74 -20.75
CA THR C 127 33.01 -8.34 -21.92
C THR C 127 32.39 -7.33 -22.89
N ALA C 128 32.40 -6.07 -22.51
CA ALA C 128 31.77 -5.01 -23.28
C ALA C 128 32.32 -4.77 -24.68
N GLU C 129 33.64 -4.76 -24.85
CA GLU C 129 34.23 -4.51 -26.17
C GLU C 129 33.82 -5.57 -27.19
N SER C 130 33.90 -6.82 -26.78
CA SER C 130 33.51 -7.93 -27.64
C SER C 130 32.02 -7.82 -28.02
N ILE C 131 31.17 -7.56 -27.04
CA ILE C 131 29.72 -7.43 -27.26
C ILE C 131 29.40 -6.29 -28.23
N TRP C 132 30.11 -5.19 -28.06
CA TRP C 132 29.98 -4.01 -28.92
C TRP C 132 30.29 -4.38 -30.38
N THR C 133 31.40 -5.07 -30.59
CA THR C 133 31.80 -5.47 -31.96
C THR C 133 30.79 -6.44 -32.60
N GLN C 134 30.39 -7.47 -31.84
CA GLN C 134 29.43 -8.47 -32.35
C GLN C 134 28.11 -7.83 -32.67
N CYS C 135 27.57 -7.06 -31.72
CA CYS C 135 26.29 -6.40 -31.93
C CYS C 135 26.32 -5.42 -33.09
N ASN C 136 27.41 -4.66 -33.20
CA ASN C 136 27.54 -3.71 -34.30
C ASN C 136 27.50 -4.39 -35.68
N GLU C 137 28.10 -5.58 -35.81
CA GLU C 137 28.08 -6.31 -37.08
C GLU C 137 26.65 -6.69 -37.43
N LYS C 138 25.91 -7.11 -36.41
CA LYS C 138 24.52 -7.48 -36.57
C LYS C 138 23.68 -6.26 -36.95
N LEU C 139 23.90 -5.12 -36.26
CA LEU C 139 23.16 -3.89 -36.56
C LEU C 139 23.36 -3.40 -38.00
N ALA C 140 24.45 -3.84 -38.62
CA ALA C 140 24.75 -3.47 -40.00
C ALA C 140 23.89 -4.22 -41.01
N THR C 141 23.19 -5.29 -40.58
CA THR C 141 22.38 -6.08 -41.50
C THR C 141 20.89 -5.68 -41.50
N PRO C 142 20.17 -5.96 -42.59
CA PRO C 142 18.74 -5.66 -42.74
C PRO C 142 17.85 -6.27 -41.64
N ALA C 143 18.21 -7.48 -41.19
CA ALA C 143 17.46 -8.19 -40.15
C ALA C 143 17.44 -7.43 -38.83
N PHE C 144 18.42 -6.54 -38.62
CA PHE C 144 18.51 -5.76 -37.38
C PHE C 144 18.20 -4.26 -37.54
N SER C 145 17.43 -3.92 -38.57
CA SER C 145 16.97 -2.56 -38.74
C SER C 145 15.73 -2.47 -37.84
N ALA C 146 15.14 -1.29 -37.73
CA ALA C 146 13.96 -1.12 -36.90
C ALA C 146 12.86 -2.16 -37.26
N ARG C 147 12.54 -2.30 -38.55
CA ARG C 147 11.51 -3.27 -38.97
C ARG C 147 11.97 -4.72 -38.80
N GLY C 148 13.24 -4.97 -39.10
CA GLY C 148 13.81 -6.29 -38.96
C GLY C 148 13.67 -6.84 -37.56
N ILE C 149 13.95 -6.00 -36.57
CA ILE C 149 13.84 -6.43 -35.17
C ILE C 149 12.38 -6.73 -34.86
N GLN C 151 10.06 -7.81 -36.87
N GLN C 151 10.10 -7.80 -36.86
CA GLN C 151 9.72 -9.10 -37.47
CA GLN C 151 9.79 -9.09 -37.49
C GLN C 151 10.37 -10.25 -36.68
C GLN C 151 10.37 -10.23 -36.66
N GLN C 152 11.62 -10.06 -36.23
CA GLN C 152 12.30 -11.09 -35.42
C GLN C 152 11.59 -11.41 -34.11
N ASN C 154 8.44 -11.19 -33.61
CA ASN C 154 7.10 -11.63 -33.97
C ASN C 154 6.02 -10.62 -33.57
N VAL C 155 6.28 -9.36 -33.90
CA VAL C 155 5.37 -8.27 -33.61
C VAL C 155 4.38 -8.17 -34.78
N ARG C 156 3.08 -8.25 -34.47
CA ARG C 156 2.02 -8.19 -35.50
C ARG C 156 1.31 -6.84 -35.60
N VAL C 158 1.13 -2.71 -33.62
CA VAL C 158 1.57 -1.77 -32.62
C VAL C 158 0.64 -0.58 -32.66
N GLY C 159 0.49 0.03 -31.50
CA GLY C 159 -0.34 1.22 -31.35
C GLY C 159 0.61 2.31 -30.85
N THR C 160 0.89 3.28 -31.69
CA THR C 160 1.76 4.38 -31.32
C THR C 160 0.96 5.39 -30.50
N THR C 161 1.65 6.39 -29.95
CA THR C 161 1.00 7.41 -29.13
C THR C 161 1.24 8.72 -29.81
N ASP C 162 0.16 9.32 -30.34
CA ASP C 162 0.28 10.54 -31.12
C ASP C 162 -0.60 11.69 -30.66
N ASP C 163 -0.19 12.90 -31.03
CA ASP C 163 -0.90 14.11 -30.63
C ASP C 163 -1.93 14.51 -31.68
N PRO C 164 -3.09 15.01 -31.25
CA PRO C 164 -4.14 15.42 -32.17
C PRO C 164 -3.69 16.30 -33.34
N ILE C 165 -2.73 17.20 -33.12
CA ILE C 165 -2.26 18.07 -34.21
C ILE C 165 -1.33 17.36 -35.21
N ASP C 166 -0.92 16.12 -34.94
CA ASP C 166 -0.01 15.39 -35.85
C ASP C 166 -0.67 15.07 -37.19
N SER C 167 0.15 15.01 -38.24
CA SER C 167 -0.34 14.70 -39.58
C SER C 167 -0.61 13.20 -39.74
N LEU C 168 0.19 12.37 -39.06
CA LEU C 168 0.08 10.91 -39.13
C LEU C 168 0.52 10.42 -40.54
N GLU C 169 1.35 11.23 -41.20
CA GLU C 169 1.85 10.95 -42.56
C GLU C 169 2.66 9.65 -42.67
N TYR C 170 3.39 9.30 -41.60
CA TYR C 170 4.18 8.06 -41.60
C TYR C 170 3.27 6.86 -41.41
N HIS C 171 2.12 7.07 -40.77
CA HIS C 171 1.16 6.00 -40.60
C HIS C 171 0.58 5.69 -41.97
N ARG C 172 0.21 6.74 -42.71
CA ARG C 172 -0.35 6.57 -44.06
C ARG C 172 0.68 5.94 -45.01
N GLN C 173 1.95 6.25 -44.79
CA GLN C 173 3.05 5.71 -45.60
C GLN C 173 3.26 4.21 -45.33
N ILE C 174 3.25 3.83 -44.04
CA ILE C 174 3.42 2.43 -43.67
C ILE C 174 2.25 1.60 -44.19
N ALA C 175 1.05 2.15 -44.06
CA ALA C 175 -0.16 1.47 -44.53
C ALA C 175 -0.14 1.22 -46.04
N ALA C 176 0.42 2.18 -46.78
CA ALA C 176 0.51 2.08 -48.23
C ALA C 176 1.69 1.22 -48.69
N ASP C 177 2.58 0.86 -47.77
CA ASP C 177 3.77 0.05 -48.11
C ASP C 177 3.58 -1.47 -47.93
N ASP C 178 3.59 -2.19 -49.04
CA ASP C 178 3.41 -3.67 -49.04
C ASP C 178 4.60 -4.46 -48.45
N SER C 179 5.79 -3.85 -48.41
CA SER C 179 6.96 -4.54 -47.88
C SER C 179 6.83 -4.81 -46.36
N ILE C 180 5.93 -4.07 -45.68
CA ILE C 180 5.71 -4.25 -44.24
C ILE C 180 4.25 -4.61 -43.96
N ASP C 181 4.04 -5.81 -43.38
CA ASP C 181 2.69 -6.31 -43.06
C ASP C 181 2.30 -6.09 -41.60
N ILE C 182 3.17 -5.45 -40.82
CA ILE C 182 2.89 -5.14 -39.43
C ILE C 182 1.99 -3.92 -39.45
N GLU C 183 0.89 -3.99 -38.71
CA GLU C 183 -0.02 -2.87 -38.64
C GLU C 183 0.47 -1.87 -37.62
N VAL C 184 0.56 -0.61 -38.03
CA VAL C 184 1.00 0.46 -37.15
C VAL C 184 -0.12 1.49 -37.10
N ALA C 185 -0.92 1.42 -36.03
CA ALA C 185 -2.07 2.31 -35.82
C ALA C 185 -1.71 3.44 -34.87
N PRO C 186 -2.25 4.62 -35.13
CA PRO C 186 -1.98 5.73 -34.24
C PRO C 186 -2.95 5.70 -33.06
N SER C 187 -2.57 6.33 -31.95
CA SER C 187 -3.43 6.42 -30.76
C SER C 187 -3.48 7.88 -30.41
N TRP C 188 -4.67 8.32 -30.03
CA TRP C 188 -4.97 9.70 -29.70
C TRP C 188 -4.66 10.06 -28.24
N ARG C 189 -3.61 10.87 -28.03
N ARG C 189 -3.65 10.90 -28.04
CA ARG C 189 -3.24 11.34 -26.67
CA ARG C 189 -3.22 11.35 -26.71
C ARG C 189 -3.36 12.86 -26.68
C ARG C 189 -3.33 12.87 -26.65
N PRO C 190 -4.51 13.37 -26.22
CA PRO C 190 -4.81 14.79 -26.15
C PRO C 190 -4.48 15.51 -24.84
N ASP C 191 -3.44 15.06 -24.14
CA ASP C 191 -3.03 15.68 -22.88
C ASP C 191 -3.00 17.21 -22.87
N LYS C 192 -2.34 17.80 -23.86
CA LYS C 192 -2.21 19.26 -23.92
C LYS C 192 -3.54 20.01 -24.03
N VAL C 193 -4.55 19.35 -24.59
CA VAL C 193 -5.88 19.92 -24.75
C VAL C 193 -6.65 20.10 -23.44
N PHE C 194 -6.58 19.10 -22.55
CA PHE C 194 -7.35 19.20 -21.30
C PHE C 194 -6.60 19.80 -20.11
N LYS C 195 -5.28 19.85 -20.20
CA LYS C 195 -4.42 20.40 -19.14
C LYS C 195 -4.29 21.92 -19.36
N ILE C 196 -5.41 22.62 -19.11
CA ILE C 196 -5.51 24.05 -19.31
C ILE C 196 -4.59 24.86 -18.40
N GLU C 197 -4.27 24.32 -17.22
CA GLU C 197 -3.42 25.03 -16.27
C GLU C 197 -1.96 25.17 -16.70
N LEU C 198 -1.51 24.39 -17.68
CA LEU C 198 -0.11 24.45 -18.10
C LEU C 198 0.19 25.70 -18.93
N ASP C 199 1.41 26.22 -18.79
CA ASP C 199 1.84 27.43 -19.50
C ASP C 199 1.67 27.37 -21.01
N GLY C 200 2.07 26.24 -21.61
CA GLY C 200 2.00 26.06 -23.04
C GLY C 200 0.62 25.84 -23.67
N PHE C 201 -0.45 25.92 -22.87
CA PHE C 201 -1.81 25.68 -23.38
C PHE C 201 -2.27 26.59 -24.53
N VAL C 202 -2.01 27.89 -24.42
CA VAL C 202 -2.43 28.83 -25.46
C VAL C 202 -1.69 28.57 -26.77
N ASP C 203 -0.37 28.41 -26.69
CA ASP C 203 0.45 28.13 -27.87
C ASP C 203 -0.04 26.84 -28.52
N TYR C 204 -0.32 25.82 -27.71
CA TYR C 204 -0.81 24.55 -28.26
C TYR C 204 -2.15 24.74 -28.97
N LEU C 205 -3.04 25.51 -28.36
CA LEU C 205 -4.37 25.77 -28.91
C LEU C 205 -4.30 26.38 -30.31
N ARG C 206 -3.29 27.23 -30.53
CA ARG C 206 -3.09 27.87 -31.83
C ARG C 206 -2.62 26.85 -32.86
N LYS C 207 -1.87 25.85 -32.42
CA LYS C 207 -1.43 24.79 -33.31
C LYS C 207 -2.64 23.94 -33.70
N LEU C 208 -3.55 23.73 -32.74
CA LEU C 208 -4.77 22.97 -33.01
C LEU C 208 -5.63 23.76 -33.99
N GLU C 209 -5.73 25.08 -33.77
CA GLU C 209 -6.49 25.94 -34.68
C GLU C 209 -6.01 25.79 -36.11
N ALA C 210 -4.70 25.73 -36.29
CA ALA C 210 -4.10 25.59 -37.61
C ALA C 210 -4.26 24.17 -38.14
N ALA C 211 -4.18 23.19 -37.24
CA ALA C 211 -4.33 21.79 -37.65
C ALA C 211 -5.77 21.46 -38.06
N ALA C 212 -6.74 21.98 -37.32
CA ALA C 212 -8.15 21.72 -37.62
C ALA C 212 -8.75 22.83 -38.49
N ASP C 213 -7.97 23.90 -38.70
CA ASP C 213 -8.42 25.06 -39.48
C ASP C 213 -9.73 25.55 -38.86
N VAL C 214 -9.67 25.84 -37.57
CA VAL C 214 -10.84 26.33 -36.83
C VAL C 214 -10.39 27.36 -35.80
N SER C 215 -11.07 28.49 -35.80
CA SER C 215 -10.81 29.57 -34.86
C SER C 215 -11.47 29.20 -33.53
N ILE C 216 -10.67 28.96 -32.49
CA ILE C 216 -11.20 28.54 -31.18
C ILE C 216 -11.34 29.66 -30.14
N THR C 217 -12.55 30.18 -29.97
CA THR C 217 -12.82 31.25 -29.00
C THR C 217 -13.78 30.79 -27.89
N ARG C 218 -14.75 29.94 -28.27
CA ARG C 218 -15.72 29.41 -27.34
C ARG C 218 -15.48 27.91 -27.19
N PHE C 219 -16.07 27.30 -26.15
CA PHE C 219 -15.87 25.88 -25.91
C PHE C 219 -16.41 25.01 -27.05
N ASP C 220 -17.51 25.45 -27.68
CA ASP C 220 -18.08 24.68 -28.76
C ASP C 220 -17.13 24.64 -29.98
N ASP C 221 -16.30 25.68 -30.14
CA ASP C 221 -15.32 25.72 -31.23
C ASP C 221 -14.29 24.61 -31.01
N LEU C 222 -13.96 24.38 -29.74
CA LEU C 222 -13.01 23.35 -29.38
C LEU C 222 -13.56 21.98 -29.80
N ARG C 223 -14.86 21.78 -29.57
CA ARG C 223 -15.51 20.54 -29.96
C ARG C 223 -15.35 20.30 -31.46
N GLN C 224 -15.62 21.35 -32.25
CA GLN C 224 -15.51 21.25 -33.71
C GLN C 224 -14.08 20.87 -34.08
N ALA C 225 -13.11 21.59 -33.52
CA ALA C 225 -11.70 21.36 -33.82
C ALA C 225 -11.29 19.92 -33.50
N LEU C 226 -11.67 19.46 -32.31
CA LEU C 226 -11.33 18.10 -31.89
C LEU C 226 -12.09 17.08 -32.75
N THR C 227 -13.33 17.37 -33.09
CA THR C 227 -14.10 16.46 -33.93
C THR C 227 -13.39 16.25 -35.28
N ARG C 228 -12.91 17.32 -35.89
CA ARG C 228 -12.20 17.19 -37.15
C ARG C 228 -10.94 16.36 -37.01
N ARG C 229 -10.21 16.58 -35.91
CA ARG C 229 -8.98 15.83 -35.65
C ARG C 229 -9.28 14.36 -35.35
N LEU C 230 -10.32 14.11 -34.56
CA LEU C 230 -10.73 12.72 -34.26
C LEU C 230 -11.03 12.00 -35.59
N ASP C 231 -11.72 12.68 -36.49
CA ASP C 231 -12.07 12.11 -37.82
C ASP C 231 -10.81 11.80 -38.61
N HIS C 232 -9.81 12.68 -38.53
CA HIS C 232 -8.56 12.47 -39.23
C HIS C 232 -7.93 11.21 -38.67
N PHE C 233 -7.79 11.16 -37.35
CA PHE C 233 -7.25 9.98 -36.67
C PHE C 233 -8.03 8.71 -37.05
N ALA C 234 -9.35 8.80 -37.13
CA ALA C 234 -10.19 7.65 -37.49
C ALA C 234 -9.86 7.18 -38.90
N ALA C 235 -9.80 8.12 -39.84
CA ALA C 235 -9.51 7.79 -41.23
C ALA C 235 -8.11 7.17 -41.36
N CYS C 236 -7.22 7.50 -40.42
CA CYS C 236 -5.85 6.95 -40.41
C CYS C 236 -5.70 5.68 -39.55
N GLY C 237 -6.82 5.01 -39.24
CA GLY C 237 -6.81 3.75 -38.51
C GLY C 237 -6.77 3.74 -36.99
N CYS C 238 -7.02 4.88 -36.35
CA CYS C 238 -6.99 4.92 -34.89
C CYS C 238 -8.16 4.21 -34.26
N ARG C 239 -7.88 3.53 -33.14
CA ARG C 239 -8.96 2.87 -32.40
C ARG C 239 -8.69 2.79 -30.91
N ALA C 240 -7.86 3.71 -30.43
CA ALA C 240 -7.50 3.80 -29.02
C ALA C 240 -7.08 5.22 -28.67
N SER C 241 -7.27 5.59 -27.42
CA SER C 241 -6.87 6.89 -26.92
C SER C 241 -6.11 6.68 -25.63
N ASP C 242 -5.33 7.68 -25.23
CA ASP C 242 -4.55 7.61 -24.01
C ASP C 242 -4.51 8.98 -23.37
N HIS C 243 -4.49 9.00 -22.04
CA HIS C 243 -4.50 10.25 -21.30
C HIS C 243 -3.57 10.14 -20.12
N GLY C 244 -2.57 11.02 -20.09
CA GLY C 244 -1.63 11.07 -18.98
C GLY C 244 -2.22 12.05 -17.99
N ILE C 245 -2.57 11.58 -16.80
CA ILE C 245 -3.21 12.45 -15.81
C ILE C 245 -2.42 12.44 -14.53
N GLU C 246 -1.70 13.55 -14.30
CA GLU C 246 -0.90 13.69 -13.11
C GLU C 246 -1.73 14.19 -11.94
N THR C 247 -2.68 15.08 -12.20
CA THR C 247 -3.57 15.62 -11.16
C THR C 247 -4.96 15.26 -11.61
N LEU C 248 -5.51 14.20 -11.01
CA LEU C 248 -6.85 13.73 -11.38
C LEU C 248 -7.88 14.62 -10.68
N ARG C 249 -8.61 15.39 -11.46
CA ARG C 249 -9.58 16.31 -10.92
C ARG C 249 -11.00 15.91 -11.27
N PHE C 250 -11.93 16.58 -10.64
CA PHE C 250 -13.33 16.46 -10.97
C PHE C 250 -14.16 17.58 -10.40
N ALA C 251 -15.02 18.12 -11.25
CA ALA C 251 -16.00 19.11 -10.89
C ALA C 251 -17.17 18.83 -11.84
N PRO C 252 -18.42 18.97 -11.37
CA PRO C 252 -19.54 18.76 -12.28
C PRO C 252 -19.41 19.70 -13.50
N VAL C 253 -19.65 19.17 -14.70
CA VAL C 253 -19.53 19.97 -15.91
C VAL C 253 -20.56 21.09 -15.94
N PRO C 254 -20.11 22.35 -16.03
CA PRO C 254 -21.05 23.47 -16.08
C PRO C 254 -21.53 23.71 -17.51
N ASP C 255 -22.43 24.68 -17.69
CA ASP C 255 -22.95 24.99 -19.03
C ASP C 255 -21.88 25.68 -19.88
N ASP C 256 -22.12 25.78 -21.18
CA ASP C 256 -21.17 26.42 -22.09
C ASP C 256 -20.83 27.87 -21.75
N ALA C 257 -21.74 28.60 -21.10
CA ALA C 257 -21.47 30.01 -20.72
C ALA C 257 -20.28 30.03 -19.75
N GLN C 258 -20.28 29.12 -18.78
CA GLN C 258 -19.20 29.04 -17.82
C GLN C 258 -17.94 28.51 -18.49
N LEU C 259 -18.08 27.47 -19.32
CA LEU C 259 -16.92 26.92 -20.04
C LEU C 259 -16.30 27.99 -20.95
N ASP C 260 -17.16 28.82 -21.58
CA ASP C 260 -16.68 29.91 -22.45
C ASP C 260 -15.92 30.95 -21.61
N ALA C 261 -16.48 31.31 -20.46
CA ALA C 261 -15.85 32.30 -19.57
C ALA C 261 -14.47 31.81 -19.14
N ILE C 262 -14.38 30.55 -18.71
CA ILE C 262 -13.10 29.95 -18.30
C ILE C 262 -12.05 30.03 -19.42
N LEU C 263 -12.42 29.54 -20.60
CA LEU C 263 -11.52 29.55 -21.74
C LEU C 263 -11.07 30.97 -22.07
N GLY C 264 -11.99 31.92 -21.89
CA GLY C 264 -11.70 33.33 -22.13
C GLY C 264 -10.66 33.85 -21.17
N LYS C 265 -10.78 33.50 -19.89
CA LYS C 265 -9.82 33.97 -18.91
C LYS C 265 -8.44 33.39 -19.20
N ARG C 266 -8.40 32.16 -19.68
CA ARG C 266 -7.14 31.51 -19.98
C ARG C 266 -6.44 32.19 -21.14
N LEU C 267 -7.18 32.42 -22.22
CA LEU C 267 -6.63 33.08 -23.41
C LEU C 267 -6.14 34.50 -23.10
N ALA C 268 -6.80 35.16 -22.13
CA ALA C 268 -6.44 36.52 -21.70
C ALA C 268 -5.34 36.53 -20.62
N GLY C 269 -4.68 35.39 -20.42
CA GLY C 269 -3.59 35.28 -19.43
C GLY C 269 -3.98 35.38 -17.96
N GLU C 270 -5.27 35.37 -17.66
CA GLU C 270 -5.73 35.46 -16.27
C GLU C 270 -5.54 34.10 -15.59
N THR C 271 -5.28 34.12 -14.29
CA THR C 271 -5.07 32.88 -13.55
C THR C 271 -6.42 32.24 -13.21
N LEU C 272 -6.50 30.94 -13.41
CA LEU C 272 -7.72 30.19 -13.15
C LEU C 272 -7.73 29.61 -11.73
N SER C 273 -8.92 29.46 -11.16
CA SER C 273 -9.07 28.86 -9.83
C SER C 273 -9.09 27.35 -9.99
N GLU C 274 -8.96 26.61 -8.89
CA GLU C 274 -8.98 25.14 -8.96
C GLU C 274 -10.30 24.62 -9.51
N LEU C 275 -11.40 25.22 -9.10
CA LEU C 275 -12.70 24.81 -9.59
C LEU C 275 -12.77 24.99 -11.10
N GLU C 276 -12.32 26.16 -11.57
CA GLU C 276 -12.34 26.48 -12.99
C GLU C 276 -11.54 25.48 -13.82
N ILE C 277 -10.38 25.08 -13.31
CA ILE C 277 -9.53 24.10 -14.00
C ILE C 277 -10.24 22.74 -14.04
N ALA C 278 -10.80 22.33 -12.90
CA ALA C 278 -11.52 21.06 -12.79
C ALA C 278 -12.71 21.03 -13.74
N GLN C 279 -13.44 22.13 -13.81
CA GLN C 279 -14.60 22.22 -14.71
C GLN C 279 -14.20 22.05 -16.17
N PHE C 280 -13.20 22.80 -16.61
CA PHE C 280 -12.77 22.73 -17.97
C PHE C 280 -12.20 21.35 -18.30
N THR C 281 -11.31 20.87 -17.44
CA THR C 281 -10.70 19.55 -17.62
C THR C 281 -11.76 18.43 -17.68
N THR C 282 -12.73 18.47 -16.78
CA THR C 282 -13.76 17.43 -16.75
C THR C 282 -14.64 17.50 -17.99
N ALA C 283 -14.99 18.71 -18.41
CA ALA C 283 -15.83 18.90 -19.61
C ALA C 283 -15.14 18.35 -20.86
N VAL C 284 -13.83 18.53 -20.97
CA VAL C 284 -13.08 18.04 -22.13
C VAL C 284 -12.97 16.51 -22.07
N LEU C 285 -12.67 15.97 -20.89
CA LEU C 285 -12.54 14.53 -20.74
C LEU C 285 -13.88 13.81 -20.93
N VAL C 286 -14.96 14.36 -20.39
CA VAL C 286 -16.28 13.73 -20.56
C VAL C 286 -16.70 13.79 -22.04
N TRP C 287 -16.55 14.95 -22.67
CA TRP C 287 -16.88 15.07 -24.08
C TRP C 287 -16.08 14.02 -24.90
N LEU C 288 -14.76 13.95 -24.69
CA LEU C 288 -13.90 13.00 -25.40
C LEU C 288 -14.33 11.57 -25.15
N GLY C 289 -14.62 11.24 -23.88
CA GLY C 289 -15.07 9.90 -23.51
C GLY C 289 -16.29 9.48 -24.31
N ARG C 290 -17.25 10.40 -24.45
CA ARG C 290 -18.47 10.11 -25.23
C ARG C 290 -18.11 9.85 -26.68
N GLN C 291 -17.14 10.63 -27.19
CA GLN C 291 -16.67 10.44 -28.54
C GLN C 291 -16.07 9.05 -28.69
N TYR C 292 -15.23 8.64 -27.74
CA TYR C 292 -14.60 7.32 -27.82
C TYR C 292 -15.67 6.22 -27.81
N ALA C 293 -16.67 6.39 -26.96
CA ALA C 293 -17.76 5.45 -26.84
C ALA C 293 -18.50 5.32 -28.17
N ALA C 294 -18.82 6.44 -28.80
CA ALA C 294 -19.55 6.42 -30.06
C ALA C 294 -18.74 5.80 -31.20
N ARG C 295 -17.42 5.90 -31.13
CA ARG C 295 -16.56 5.38 -32.20
C ARG C 295 -16.03 3.98 -31.91
N GLY C 296 -16.28 3.48 -30.70
CA GLY C 296 -15.83 2.14 -30.32
C GLY C 296 -14.35 2.04 -29.97
N TRP C 297 -13.74 3.17 -29.65
CA TRP C 297 -12.32 3.21 -29.30
C TRP C 297 -12.08 2.83 -27.85
N VAL C 298 -10.89 2.32 -27.55
CA VAL C 298 -10.49 2.03 -26.18
C VAL C 298 -9.98 3.34 -25.56
N GLN C 300 -7.72 4.87 -22.60
CA GLN C 300 -6.70 4.57 -21.61
C GLN C 300 -6.46 5.78 -20.72
N LEU C 301 -6.43 5.54 -19.41
CA LEU C 301 -6.12 6.58 -18.44
C LEU C 301 -4.89 6.13 -17.66
N HIS C 302 -3.81 6.89 -17.80
CA HIS C 302 -2.54 6.64 -17.09
C HIS C 302 -2.44 7.66 -15.98
N ILE C 303 -2.68 7.21 -14.75
CA ILE C 303 -2.76 8.11 -13.61
C ILE C 303 -1.69 8.03 -12.52
N GLY C 304 -1.23 9.22 -12.08
CA GLY C 304 -0.34 9.31 -10.91
C GLY C 304 1.11 9.72 -10.99
N ALA C 305 1.57 10.21 -12.13
CA ALA C 305 2.96 10.62 -12.26
C ALA C 305 3.16 12.00 -11.65
N ILE C 306 4.35 12.24 -11.11
CA ILE C 306 4.71 13.57 -10.64
C ILE C 306 5.93 13.86 -11.54
N ARG C 307 5.79 14.85 -12.41
CA ARG C 307 6.83 15.13 -13.41
C ARG C 307 7.71 16.35 -13.21
N ASN C 308 8.85 16.32 -13.90
CA ASN C 308 9.83 17.39 -13.89
C ASN C 308 10.15 17.89 -12.49
N ASN C 309 10.53 16.97 -11.63
CA ASN C 309 10.85 17.28 -10.23
C ASN C 309 12.17 18.03 -10.01
N ASN C 310 13.08 17.94 -10.97
CA ASN C 310 14.40 18.57 -10.84
C ASN C 310 14.49 19.76 -11.74
N THR C 311 14.28 20.93 -11.16
CA THR C 311 14.30 22.18 -11.91
C THR C 311 15.63 22.43 -12.60
N ARG C 312 16.72 22.25 -11.88
CA ARG C 312 18.04 22.48 -12.43
C ARG C 312 18.28 21.60 -13.68
N PHE C 314 15.82 20.11 -15.49
CA PHE C 314 14.80 20.44 -16.48
C PHE C 314 15.29 21.57 -17.37
N ARG C 315 15.92 22.57 -16.78
CA ARG C 315 16.45 23.71 -17.51
C ARG C 315 17.52 23.34 -18.53
N LEU C 316 18.31 22.31 -18.23
N LEU C 316 18.29 22.30 -18.23
CA LEU C 316 19.37 21.85 -19.14
CA LEU C 316 19.36 21.83 -19.11
C LEU C 316 18.90 20.79 -20.14
C LEU C 316 18.87 20.81 -20.14
N LEU C 317 18.02 19.89 -19.72
CA LEU C 317 17.56 18.79 -20.58
C LEU C 317 16.11 18.75 -21.04
N GLY C 318 15.21 19.42 -20.31
CA GLY C 318 13.79 19.41 -20.69
C GLY C 318 13.06 18.21 -20.10
N PRO C 319 11.83 17.94 -20.58
CA PRO C 319 11.03 16.82 -20.06
C PRO C 319 11.43 15.42 -20.57
N ASP C 320 10.94 14.38 -19.89
CA ASP C 320 11.19 12.97 -20.22
C ASP C 320 12.67 12.65 -20.27
N THR C 321 13.39 13.09 -19.26
CA THR C 321 14.82 12.85 -19.23
C THR C 321 15.27 12.09 -18.01
N GLY C 322 14.31 11.49 -17.31
CA GLY C 322 14.58 10.67 -16.13
C GLY C 322 14.33 11.36 -14.80
N PHE C 323 13.58 12.46 -14.80
CA PHE C 323 13.33 13.19 -13.54
C PHE C 323 11.87 13.22 -13.09
N ASP C 324 11.16 12.16 -13.44
CA ASP C 324 9.76 11.99 -13.10
C ASP C 324 9.67 10.80 -12.16
N SER C 325 8.71 10.83 -11.23
CA SER C 325 8.54 9.75 -10.26
C SER C 325 7.06 9.51 -9.94
N ILE C 326 6.82 8.71 -8.90
CA ILE C 326 5.50 8.33 -8.50
C ILE C 326 4.82 9.35 -7.59
N GLY C 327 3.67 9.84 -8.03
CA GLY C 327 2.86 10.77 -7.23
C GLY C 327 2.02 10.00 -6.20
N ASP C 328 1.24 10.71 -5.40
CA ASP C 328 0.45 10.05 -4.38
C ASP C 328 -0.86 10.77 -3.96
N ASN C 329 -1.52 11.47 -4.88
CA ASN C 329 -2.80 12.11 -4.58
C ASN C 329 -3.87 11.03 -4.35
N ASN C 330 -4.90 11.34 -3.58
CA ASN C 330 -6.03 10.42 -3.39
C ASN C 330 -6.80 10.52 -4.70
N ILE C 331 -7.19 9.39 -5.28
CA ILE C 331 -7.85 9.39 -6.58
C ILE C 331 -9.25 8.73 -6.70
N SER C 332 -9.66 7.93 -5.71
CA SER C 332 -10.92 7.18 -5.85
C SER C 332 -12.15 8.01 -6.15
N TRP C 333 -12.35 9.10 -5.40
CA TRP C 333 -13.54 9.94 -5.61
C TRP C 333 -13.59 10.55 -7.02
N ALA C 334 -12.52 11.22 -7.44
CA ALA C 334 -12.49 11.85 -8.76
C ALA C 334 -12.58 10.79 -9.87
N LEU C 335 -11.91 9.66 -9.70
CA LEU C 335 -11.94 8.63 -10.70
C LEU C 335 -13.38 8.11 -10.87
N SER C 336 -14.05 7.84 -9.75
CA SER C 336 -15.42 7.39 -9.76
C SER C 336 -16.37 8.38 -10.43
N ARG C 337 -16.31 9.64 -10.03
N ARG C 337 -16.29 9.64 -10.02
CA ARG C 337 -17.23 10.61 -10.61
CA ARG C 337 -17.15 10.70 -10.58
C ARG C 337 -16.95 10.84 -12.12
C ARG C 337 -16.94 10.85 -12.09
N LEU C 338 -15.68 10.79 -12.51
CA LEU C 338 -15.32 10.95 -13.91
C LEU C 338 -15.89 9.81 -14.75
N LEU C 339 -15.65 8.57 -14.34
CA LEU C 339 -16.18 7.42 -15.10
C LEU C 339 -17.71 7.42 -15.09
N ASP C 340 -18.29 7.75 -13.95
CA ASP C 340 -19.75 7.78 -13.81
C ASP C 340 -20.37 8.88 -14.66
N SER C 341 -19.67 10.00 -14.85
CA SER C 341 -20.19 11.09 -15.68
C SER C 341 -20.41 10.66 -17.12
N ASP C 343 -20.66 7.14 -17.90
CA ASP C 343 -21.54 5.98 -17.85
C ASP C 343 -23.03 6.28 -17.60
N VAL C 344 -23.34 7.44 -17.00
CA VAL C 344 -24.71 7.77 -16.63
C VAL C 344 -25.65 7.83 -17.84
N THR C 345 -25.13 8.23 -19.01
CA THR C 345 -25.90 8.26 -20.25
C THR C 345 -25.53 7.04 -21.09
N ASN C 346 -24.94 6.04 -20.43
CA ASN C 346 -24.48 4.82 -21.07
C ASN C 346 -23.45 5.14 -22.18
N GLU C 347 -22.59 6.11 -21.91
CA GLU C 347 -21.57 6.52 -22.88
C GLU C 347 -20.11 6.33 -22.39
N LEU C 348 -19.91 5.34 -21.53
CA LEU C 348 -18.58 4.99 -21.08
C LEU C 348 -17.98 4.07 -22.14
N PRO C 349 -16.80 4.41 -22.67
CA PRO C 349 -16.20 3.52 -23.64
C PRO C 349 -15.43 2.40 -22.99
N LYS C 350 -14.92 1.48 -23.82
CA LYS C 350 -14.00 0.44 -23.34
C LYS C 350 -12.90 1.25 -22.67
N THR C 351 -12.52 0.88 -21.45
CA THR C 351 -11.55 1.66 -20.68
C THR C 351 -10.51 0.84 -19.97
N ILE C 352 -9.25 1.25 -20.08
CA ILE C 352 -8.16 0.60 -19.34
C ILE C 352 -7.61 1.64 -18.37
N LEU C 353 -7.57 1.27 -17.09
CA LEU C 353 -7.07 2.13 -16.05
C LEU C 353 -5.70 1.68 -15.56
N TYR C 354 -4.78 2.64 -15.46
CA TYR C 354 -3.41 2.38 -14.98
C TYR C 354 -3.06 3.36 -13.84
N CYS C 355 -2.42 2.85 -12.80
CA CYS C 355 -2.02 3.67 -11.67
C CYS C 355 -0.51 3.57 -11.52
N LEU C 356 0.16 4.71 -11.33
CA LEU C 356 1.62 4.70 -11.21
C LEU C 356 2.04 4.35 -9.79
N ASN C 357 1.19 4.65 -8.82
CA ASN C 357 1.48 4.33 -7.43
C ASN C 357 0.79 3.00 -7.10
N PRO C 358 1.58 1.94 -6.87
CA PRO C 358 0.97 0.61 -6.61
C PRO C 358 0.09 0.50 -5.34
N ARG C 359 0.12 1.52 -4.48
CA ARG C 359 -0.72 1.50 -3.28
C ARG C 359 -2.20 1.60 -3.74
N ASP C 360 -2.40 2.02 -5.01
CA ASP C 360 -3.74 2.17 -5.59
C ASP C 360 -4.19 0.93 -6.35
N ASN C 361 -3.37 -0.13 -6.36
CA ASN C 361 -3.75 -1.34 -7.08
C ASN C 361 -5.17 -1.84 -6.77
N GLU C 362 -5.49 -1.94 -5.48
CA GLU C 362 -6.77 -2.46 -5.05
C GLU C 362 -7.92 -1.48 -5.35
N VAL C 363 -7.63 -0.19 -5.24
CA VAL C 363 -8.62 0.83 -5.60
C VAL C 363 -9.05 0.65 -7.07
N LEU C 364 -8.07 0.51 -7.96
CA LEU C 364 -8.37 0.34 -9.40
C LEU C 364 -8.98 -1.01 -9.73
N ALA C 365 -8.49 -2.05 -9.07
CA ALA C 365 -8.95 -3.39 -9.31
C ALA C 365 -10.45 -3.52 -8.94
N THR C 366 -10.88 -2.81 -7.90
CA THR C 366 -12.28 -2.82 -7.48
C THR C 366 -13.10 -1.75 -8.20
N ILE C 368 -12.98 -0.89 -11.36
CA ILE C 368 -13.40 -1.39 -12.68
C ILE C 368 -14.68 -2.22 -12.60
N GLY C 369 -14.88 -2.88 -11.46
CA GLY C 369 -16.02 -3.71 -11.23
C GLY C 369 -17.32 -2.93 -11.12
N ASN C 370 -17.22 -1.62 -10.91
CA ASN C 370 -18.42 -0.78 -10.81
C ASN C 370 -19.02 -0.38 -12.15
N PHE C 371 -18.24 -0.50 -13.23
CA PHE C 371 -18.68 -0.02 -14.56
C PHE C 371 -18.58 -0.99 -15.72
N GLN C 372 -18.67 -2.29 -15.45
CA GLN C 372 -18.61 -3.30 -16.50
C GLN C 372 -19.88 -3.25 -17.38
N GLY C 373 -19.81 -3.80 -18.58
CA GLY C 373 -20.94 -3.77 -19.48
C GLY C 373 -21.18 -5.06 -20.21
N PRO C 374 -22.40 -5.23 -20.75
CA PRO C 374 -22.79 -6.46 -21.44
C PRO C 374 -22.21 -6.63 -22.85
N GLY C 375 -22.16 -7.88 -23.30
CA GLY C 375 -21.68 -8.23 -24.64
C GLY C 375 -20.20 -8.08 -24.88
N ILE C 376 -19.44 -7.87 -23.82
CA ILE C 376 -18.00 -7.72 -23.95
C ILE C 376 -17.31 -8.28 -22.72
N ALA C 377 -16.22 -8.99 -22.95
CA ALA C 377 -15.46 -9.62 -21.87
C ALA C 377 -14.49 -8.64 -21.18
N GLY C 378 -14.96 -7.96 -20.15
CA GLY C 378 -14.12 -7.02 -19.40
C GLY C 378 -14.01 -5.67 -20.08
N LYS C 379 -15.14 -4.99 -20.19
CA LYS C 379 -15.23 -3.66 -20.80
C LYS C 379 -14.20 -2.73 -20.18
N VAL C 380 -14.13 -2.76 -18.86
CA VAL C 380 -13.19 -1.94 -18.10
C VAL C 380 -12.10 -2.85 -17.54
N GLN C 381 -10.86 -2.48 -17.86
CA GLN C 381 -9.67 -3.25 -17.53
C GLN C 381 -8.74 -2.55 -16.57
N PHE C 382 -8.01 -3.35 -15.80
CA PHE C 382 -6.97 -2.85 -14.91
C PHE C 382 -5.66 -3.22 -15.63
N GLY C 383 -4.97 -2.19 -16.12
CA GLY C 383 -3.73 -2.35 -16.93
C GLY C 383 -2.54 -2.96 -16.22
N SER C 384 -1.67 -3.57 -17.00
CA SER C 384 -0.45 -4.22 -16.50
C SER C 384 0.42 -3.21 -15.78
N GLY C 385 1.24 -3.70 -14.85
CA GLY C 385 2.18 -2.85 -14.09
C GLY C 385 2.78 -1.79 -15.03
N TRP C 386 2.53 -0.53 -14.70
CA TRP C 386 2.99 0.58 -15.56
C TRP C 386 4.29 1.25 -15.11
N TRP C 387 5.18 1.44 -16.09
CA TRP C 387 6.43 2.17 -15.93
C TRP C 387 7.30 1.58 -14.81
N PHE C 388 7.37 2.27 -13.68
CA PHE C 388 8.15 1.81 -12.55
C PHE C 388 7.68 0.47 -12.04
N ASN C 389 6.41 0.20 -12.27
CA ASN C 389 5.80 -1.03 -11.81
C ASN C 389 5.94 -2.18 -12.80
N ASP C 390 6.47 -1.88 -13.99
CA ASP C 390 6.68 -2.89 -15.02
C ASP C 390 7.96 -3.69 -14.71
N GLN C 391 7.88 -4.49 -13.68
CA GLN C 391 8.98 -5.36 -13.28
C GLN C 391 8.40 -6.53 -12.49
N LYS C 392 9.23 -7.50 -12.11
CA LYS C 392 8.72 -8.70 -11.47
C LYS C 392 7.78 -8.48 -10.29
N ASP C 393 8.22 -7.72 -9.31
CA ASP C 393 7.41 -7.45 -8.10
C ASP C 393 6.13 -6.67 -8.48
N GLY C 394 6.32 -5.65 -9.30
CA GLY C 394 5.21 -4.80 -9.73
C GLY C 394 4.14 -5.55 -10.47
N LEU C 396 3.71 -8.90 -10.52
CA LEU C 396 3.09 -9.90 -9.64
C LEU C 396 2.00 -9.30 -8.76
N ARG C 397 2.22 -8.09 -8.28
CA ARG C 397 1.25 -7.41 -7.42
C ARG C 397 0.03 -6.98 -8.21
N GLN C 398 0.22 -6.45 -9.42
CA GLN C 398 -0.91 -6.06 -10.26
C GLN C 398 -1.74 -7.29 -10.65
N LEU C 399 -1.04 -8.37 -11.00
CA LEU C 399 -1.71 -9.62 -11.39
C LEU C 399 -2.53 -10.22 -10.26
N GLU C 400 -1.96 -10.17 -9.06
CA GLU C 400 -2.63 -10.70 -7.89
C GLU C 400 -3.93 -9.91 -7.61
N GLN C 401 -3.88 -8.58 -7.70
CA GLN C 401 -5.08 -7.77 -7.41
C GLN C 401 -6.15 -7.93 -8.49
N LEU C 402 -5.72 -7.95 -9.75
CA LEU C 402 -6.62 -8.19 -10.85
C LEU C 402 -7.29 -9.56 -10.67
N SER C 403 -6.49 -10.56 -10.30
CA SER C 403 -7.01 -11.91 -10.12
C SER C 403 -8.01 -12.00 -8.96
N GLN C 404 -7.67 -11.37 -7.82
CA GLN C 404 -8.53 -11.39 -6.64
C GLN C 404 -9.82 -10.58 -6.78
N GLY C 406 -11.01 -9.14 -9.94
CA GLY C 406 -11.58 -9.17 -11.27
C GLY C 406 -11.37 -10.52 -11.90
N LEU C 407 -11.36 -10.54 -13.23
CA LEU C 407 -11.21 -11.76 -13.97
C LEU C 407 -9.92 -11.77 -14.78
N LEU C 408 -8.92 -12.50 -14.29
CA LEU C 408 -7.64 -12.61 -14.99
C LEU C 408 -7.80 -13.17 -16.40
N SER C 409 -8.71 -14.13 -16.58
CA SER C 409 -8.94 -14.76 -17.90
C SER C 409 -9.27 -13.76 -19.01
N GLN C 410 -9.80 -12.59 -18.64
CA GLN C 410 -10.17 -11.56 -19.63
C GLN C 410 -9.14 -10.42 -19.75
N PHE C 411 -8.00 -10.57 -19.13
CA PHE C 411 -6.97 -9.54 -19.14
C PHE C 411 -6.39 -9.30 -20.53
N VAL C 412 -6.43 -8.03 -20.97
CA VAL C 412 -5.85 -7.68 -22.28
C VAL C 412 -4.33 -7.90 -22.31
N GLY C 413 -3.70 -7.94 -21.15
CA GLY C 413 -2.29 -8.25 -21.09
C GLY C 413 -1.26 -7.14 -21.14
N LEU C 415 1.95 -4.62 -22.64
CA LEU C 415 2.26 -3.57 -23.62
C LEU C 415 3.61 -3.02 -23.15
N THR C 416 4.48 -2.60 -24.08
CA THR C 416 5.82 -2.13 -23.72
C THR C 416 5.84 -0.70 -23.18
N ASP C 417 4.98 0.16 -23.71
CA ASP C 417 4.92 1.57 -23.34
C ASP C 417 6.30 2.18 -23.58
N SER C 418 7.04 1.63 -24.56
CA SER C 418 8.43 2.01 -24.81
C SER C 418 8.72 2.66 -26.15
N ARG C 419 9.82 3.43 -26.18
CA ARG C 419 10.28 4.05 -27.42
C ARG C 419 11.43 3.25 -28.02
N SER C 420 11.75 2.11 -27.43
CA SER C 420 12.85 1.28 -27.91
C SER C 420 12.43 0.04 -28.67
N PHE C 421 13.14 -0.23 -29.78
CA PHE C 421 12.90 -1.41 -30.59
C PHE C 421 13.41 -2.67 -29.89
N LEU C 422 14.16 -2.50 -28.80
CA LEU C 422 14.68 -3.61 -28.01
C LEU C 422 13.76 -3.92 -26.83
N SER C 423 12.60 -3.28 -26.79
CA SER C 423 11.67 -3.46 -25.68
C SER C 423 10.78 -4.70 -25.76
N TYR C 424 10.75 -5.38 -26.90
CA TYR C 424 9.86 -6.55 -27.03
C TYR C 424 10.15 -7.68 -26.04
N THR C 425 11.36 -7.70 -25.47
CA THR C 425 11.70 -8.69 -24.44
C THR C 425 10.90 -8.42 -23.16
N ARG C 426 10.29 -7.23 -23.03
CA ARG C 426 9.42 -6.95 -21.89
C ARG C 426 8.19 -7.85 -21.98
N HIS C 427 7.79 -8.22 -23.20
CA HIS C 427 6.68 -9.15 -23.39
C HIS C 427 7.11 -10.53 -22.91
N GLU C 428 8.35 -10.91 -23.26
CA GLU C 428 8.89 -12.21 -22.83
C GLU C 428 8.90 -12.30 -21.31
N TYR C 429 9.38 -11.23 -20.67
CA TYR C 429 9.50 -11.14 -19.22
C TYR C 429 8.11 -11.36 -18.61
N PHE C 430 7.13 -10.60 -19.10
CA PHE C 430 5.76 -10.72 -18.63
C PHE C 430 5.22 -12.15 -18.78
N ARG C 431 5.38 -12.72 -19.98
CA ARG C 431 4.90 -14.06 -20.26
C ARG C 431 5.50 -15.11 -19.35
N ARG C 432 6.79 -14.99 -19.03
CA ARG C 432 7.40 -15.93 -18.12
C ARG C 432 6.79 -15.81 -16.73
N ILE C 433 6.65 -14.57 -16.27
CA ILE C 433 6.08 -14.30 -14.97
C ILE C 433 4.65 -14.87 -14.91
N LEU C 434 3.84 -14.55 -15.90
CA LEU C 434 2.47 -15.05 -15.94
C LEU C 434 2.41 -16.59 -15.90
N CYS C 435 3.21 -17.24 -16.76
CA CYS C 435 3.20 -18.70 -16.83
C CYS C 435 3.65 -19.34 -15.53
N ASN C 436 4.62 -18.72 -14.86
CA ASN C 436 5.08 -19.25 -13.58
C ASN C 436 4.01 -19.09 -12.51
N LEU C 437 3.28 -17.98 -12.56
CA LEU C 437 2.20 -17.72 -11.60
C LEU C 437 1.11 -18.78 -11.74
N LEU C 438 0.64 -18.99 -12.96
CA LEU C 438 -0.38 -19.98 -13.23
C LEU C 438 0.11 -21.38 -12.89
N GLY C 439 1.37 -21.65 -13.25
CA GLY C 439 1.98 -22.94 -13.01
C GLY C 439 2.11 -23.25 -11.52
N GLN C 440 2.46 -22.24 -10.74
CA GLN C 440 2.61 -22.45 -9.31
C GLN C 440 1.24 -22.71 -8.69
N TRP C 441 0.22 -21.97 -9.12
CA TRP C 441 -1.11 -22.19 -8.58
C TRP C 441 -1.60 -23.59 -8.87
N ALA C 442 -1.29 -24.07 -10.06
CA ALA C 442 -1.74 -25.40 -10.50
C ALA C 442 -1.05 -26.46 -9.69
N GLN C 443 0.27 -26.32 -9.55
CA GLN C 443 1.06 -27.26 -8.80
C GLN C 443 0.65 -27.33 -7.31
N ASP C 444 0.28 -26.19 -6.72
CA ASP C 444 -0.16 -26.15 -5.33
C ASP C 444 -1.64 -26.55 -5.14
N GLY C 445 -2.31 -26.93 -6.22
CA GLY C 445 -3.71 -27.36 -6.16
C GLY C 445 -4.68 -26.22 -5.92
N GLU C 446 -4.31 -25.02 -6.36
CA GLU C 446 -5.17 -23.85 -6.18
C GLU C 446 -6.03 -23.59 -7.42
N ILE C 447 -5.63 -24.15 -8.56
CA ILE C 447 -6.42 -24.08 -9.79
C ILE C 447 -6.25 -25.45 -10.42
N PRO C 448 -7.20 -25.85 -11.27
CA PRO C 448 -7.08 -27.14 -11.92
C PRO C 448 -5.88 -27.22 -12.85
N ASP C 449 -5.17 -28.33 -12.80
CA ASP C 449 -4.01 -28.58 -13.66
C ASP C 449 -4.58 -29.21 -14.92
N ASP C 450 -5.24 -28.38 -15.74
CA ASP C 450 -5.90 -28.81 -16.97
C ASP C 450 -5.26 -28.04 -18.10
N GLU C 451 -4.45 -28.74 -18.89
CA GLU C 451 -3.72 -28.11 -19.97
C GLU C 451 -4.59 -27.35 -20.95
N ALA C 452 -5.78 -27.86 -21.22
CA ALA C 452 -6.70 -27.19 -22.15
C ALA C 452 -7.19 -25.85 -21.59
N LEU C 454 -5.77 -24.07 -19.04
CA LEU C 454 -4.60 -23.20 -18.80
C LEU C 454 -3.96 -22.65 -20.08
N SER C 455 -3.86 -23.48 -21.12
CA SER C 455 -3.27 -23.04 -22.39
C SER C 455 -4.13 -21.96 -23.04
N ARG C 456 -5.44 -22.16 -23.00
CA ARG C 456 -6.38 -21.19 -23.58
C ARG C 456 -6.20 -19.85 -22.91
N VAL C 458 -3.58 -18.76 -21.23
CA VAL C 458 -2.28 -18.18 -21.58
C VAL C 458 -2.31 -17.50 -22.95
N GLN C 459 -2.88 -18.16 -23.96
CA GLN C 459 -2.95 -17.58 -25.29
C GLN C 459 -3.87 -16.35 -25.33
N ASP C 460 -4.96 -16.40 -24.58
CA ASP C 460 -5.86 -15.25 -24.51
C ASP C 460 -5.15 -14.02 -23.94
N ILE C 461 -4.47 -14.22 -22.83
CA ILE C 461 -3.77 -13.13 -22.16
C ILE C 461 -2.59 -12.61 -22.98
N CYS C 462 -1.88 -13.51 -23.67
CA CYS C 462 -0.71 -13.13 -24.49
C CYS C 462 -1.07 -12.41 -25.79
N PHE C 463 -2.29 -12.59 -26.29
CA PHE C 463 -2.67 -11.98 -27.57
C PHE C 463 -4.16 -11.89 -27.90
N ASN C 464 -4.88 -13.01 -27.77
CA ASN C 464 -6.29 -13.06 -28.20
C ASN C 464 -7.19 -11.99 -27.56
N ASN C 465 -7.11 -11.82 -26.24
CA ASN C 465 -7.92 -10.81 -25.53
C ASN C 465 -7.71 -9.39 -26.07
N ALA C 466 -6.45 -9.00 -26.27
CA ALA C 466 -6.14 -7.66 -26.76
C ALA C 466 -6.63 -7.47 -28.20
N GLN C 467 -6.44 -8.50 -29.03
CA GLN C 467 -6.87 -8.42 -30.40
C GLN C 467 -8.40 -8.20 -30.46
N ARG C 468 -9.17 -8.93 -29.65
CA ARG C 468 -10.63 -8.76 -29.65
C ARG C 468 -11.02 -7.43 -29.05
N TYR C 469 -10.43 -7.12 -27.91
CA TYR C 469 -10.74 -5.92 -27.15
C TYR C 469 -10.54 -4.63 -27.96
N PHE C 470 -9.48 -4.56 -28.76
CA PHE C 470 -9.21 -3.38 -29.58
C PHE C 470 -9.92 -3.36 -30.91
N THR C 471 -10.71 -4.40 -31.19
CA THR C 471 -11.47 -4.43 -32.43
C THR C 471 -12.62 -3.45 -32.25
N ILE C 472 -12.89 -2.65 -33.27
CA ILE C 472 -14.00 -1.70 -33.22
C ILE C 472 -15.26 -2.37 -33.69
N LYS C 473 -16.07 -2.88 -32.77
CA LYS C 473 -17.33 -3.53 -33.13
C LYS C 473 -18.24 -3.61 -31.93
#